data_2BOU
# 
_entry.id   2BOU 
# 
_audit_conform.dict_name       mmcif_pdbx.dic 
_audit_conform.dict_version    5.397 
_audit_conform.dict_location   http://mmcif.pdb.org/dictionaries/ascii/mmcif_pdbx.dic 
# 
loop_
_database_2.database_id 
_database_2.database_code 
_database_2.pdbx_database_accession 
_database_2.pdbx_DOI 
PDB   2BOU         pdb_00002bou 10.2210/pdb2bou/pdb 
PDBE  EBI-23555    ?            ?                   
WWPDB D_1290023555 ?            ?                   
# 
loop_
_pdbx_audit_revision_history.ordinal 
_pdbx_audit_revision_history.data_content_type 
_pdbx_audit_revision_history.major_revision 
_pdbx_audit_revision_history.minor_revision 
_pdbx_audit_revision_history.revision_date 
1 'Structure model' 1 0 2006-10-18 
2 'Structure model' 1 1 2017-01-25 
3 'Structure model' 1 2 2024-10-23 
# 
_pdbx_audit_revision_details.ordinal             1 
_pdbx_audit_revision_details.revision_ordinal    1 
_pdbx_audit_revision_details.data_content_type   'Structure model' 
_pdbx_audit_revision_details.provider            repository 
_pdbx_audit_revision_details.type                'Initial release' 
_pdbx_audit_revision_details.description         ? 
_pdbx_audit_revision_details.details             ? 
# 
loop_
_pdbx_audit_revision_group.ordinal 
_pdbx_audit_revision_group.revision_ordinal 
_pdbx_audit_revision_group.data_content_type 
_pdbx_audit_revision_group.group 
1 2 'Structure model' 'Data collection'           
2 2 'Structure model' Other                       
3 2 'Structure model' 'Version format compliance' 
4 3 'Structure model' 'Data collection'           
5 3 'Structure model' 'Database references'       
6 3 'Structure model' 'Derived calculations'      
7 3 'Structure model' Other                       
8 3 'Structure model' 'Structure summary'         
# 
loop_
_pdbx_audit_revision_category.ordinal 
_pdbx_audit_revision_category.revision_ordinal 
_pdbx_audit_revision_category.data_content_type 
_pdbx_audit_revision_category.category 
1 3 'Structure model' chem_comp_atom            
2 3 'Structure model' chem_comp_bond            
3 3 'Structure model' database_2                
4 3 'Structure model' pdbx_database_status      
5 3 'Structure model' pdbx_entry_details        
6 3 'Structure model' pdbx_modification_feature 
7 3 'Structure model' pdbx_struct_conn_angle    
8 3 'Structure model' struct_conn               
9 3 'Structure model' struct_site               
# 
loop_
_pdbx_audit_revision_item.ordinal 
_pdbx_audit_revision_item.revision_ordinal 
_pdbx_audit_revision_item.data_content_type 
_pdbx_audit_revision_item.item 
1  3 'Structure model' '_database_2.pdbx_DOI'                         
2  3 'Structure model' '_database_2.pdbx_database_accession'          
3  3 'Structure model' '_pdbx_database_status.status_code_sf'         
4  3 'Structure model' '_pdbx_entry_details.has_protein_modification' 
5  3 'Structure model' '_pdbx_struct_conn_angle.ptnr1_auth_comp_id'   
6  3 'Structure model' '_pdbx_struct_conn_angle.ptnr1_auth_seq_id'    
7  3 'Structure model' '_pdbx_struct_conn_angle.ptnr1_label_asym_id'  
8  3 'Structure model' '_pdbx_struct_conn_angle.ptnr1_label_atom_id'  
9  3 'Structure model' '_pdbx_struct_conn_angle.ptnr1_label_comp_id'  
10 3 'Structure model' '_pdbx_struct_conn_angle.ptnr1_label_seq_id'   
11 3 'Structure model' '_pdbx_struct_conn_angle.ptnr2_auth_comp_id'   
12 3 'Structure model' '_pdbx_struct_conn_angle.ptnr2_auth_seq_id'    
13 3 'Structure model' '_pdbx_struct_conn_angle.ptnr2_label_asym_id'  
14 3 'Structure model' '_pdbx_struct_conn_angle.ptnr2_label_atom_id'  
15 3 'Structure model' '_pdbx_struct_conn_angle.ptnr2_label_comp_id'  
16 3 'Structure model' '_pdbx_struct_conn_angle.ptnr3_auth_comp_id'   
17 3 'Structure model' '_pdbx_struct_conn_angle.ptnr3_auth_seq_id'    
18 3 'Structure model' '_pdbx_struct_conn_angle.ptnr3_label_asym_id'  
19 3 'Structure model' '_pdbx_struct_conn_angle.ptnr3_label_atom_id'  
20 3 'Structure model' '_pdbx_struct_conn_angle.ptnr3_label_comp_id'  
21 3 'Structure model' '_pdbx_struct_conn_angle.ptnr3_label_seq_id'   
22 3 'Structure model' '_pdbx_struct_conn_angle.value'                
23 3 'Structure model' '_struct_conn.pdbx_dist_value'                 
24 3 'Structure model' '_struct_conn.ptnr1_auth_comp_id'              
25 3 'Structure model' '_struct_conn.ptnr1_auth_seq_id'               
26 3 'Structure model' '_struct_conn.ptnr1_label_asym_id'             
27 3 'Structure model' '_struct_conn.ptnr1_label_atom_id'             
28 3 'Structure model' '_struct_conn.ptnr1_label_comp_id'             
29 3 'Structure model' '_struct_conn.ptnr1_label_seq_id'              
30 3 'Structure model' '_struct_conn.ptnr2_auth_comp_id'              
31 3 'Structure model' '_struct_conn.ptnr2_auth_seq_id'               
32 3 'Structure model' '_struct_conn.ptnr2_label_asym_id'             
33 3 'Structure model' '_struct_conn.ptnr2_label_atom_id'             
34 3 'Structure model' '_struct_conn.ptnr2_label_comp_id'             
35 3 'Structure model' '_struct_conn.ptnr2_label_seq_id'              
36 3 'Structure model' '_struct_site.pdbx_auth_asym_id'               
37 3 'Structure model' '_struct_site.pdbx_auth_comp_id'               
38 3 'Structure model' '_struct_site.pdbx_auth_seq_id'                
# 
_pdbx_database_status.status_code                     REL 
_pdbx_database_status.entry_id                        2BOU 
_pdbx_database_status.deposit_site                    PDBE 
_pdbx_database_status.process_site                    PDBE 
_pdbx_database_status.SG_entry                        . 
_pdbx_database_status.recvd_initial_deposition_date   2005-04-14 
_pdbx_database_status.pdb_format_compatible           Y 
_pdbx_database_status.status_code_sf                  REL 
_pdbx_database_status.status_code_mr                  ? 
_pdbx_database_status.status_code_cs                  ? 
_pdbx_database_status.methods_development_category    ? 
_pdbx_database_status.status_code_nmr_data            ? 
# 
loop_
_pdbx_database_related.db_name 
_pdbx_database_related.db_id 
_pdbx_database_related.content_type 
_pdbx_database_related.details 
PDB 2BO2 unspecified 'EGF DOMAINS 1,2,5 OF HUMAN EMR2, A 7-TM IMMUNE SYSTEM MOLECULE, IN COMPLEX WITH CALCIUM.'   
PDB 2BOX unspecified 'EGF DOMAINS 1,2,5 OF HUMAN EMR2, A 7-TM IMMUNE SYSTEM MOLECULE, IN COMPLEX WITH STRONTIUM.' 
# 
loop_
_audit_author.name 
_audit_author.pdbx_ordinal 
'Abbott, R.J.M.'  1 
'Spendlove, I.'   2 
'Roversi, P.'     3 
'Teriete, P.'     4 
'Knott, V.'       5 
'Handford, P.A.'  6 
'McDonnell, J.M.' 7 
'Lea, S.M.'       8 
# 
loop_
_citation.id 
_citation.title 
_citation.journal_abbrev 
_citation.journal_volume 
_citation.page_first 
_citation.page_last 
_citation.year 
_citation.journal_id_ASTM 
_citation.country 
_citation.journal_id_ISSN 
_citation.journal_id_CSD 
_citation.book_publisher 
_citation.pdbx_database_id_PubMed 
_citation.pdbx_database_id_DOI 
primary 'Structural and Functional Characterization of a Novel T Cell Receptor Co-Regulatory Protein Complex, Cd97-Cd55.'       
J.Biol.Chem.               282 22023 ? 2007 JBCHA3 US 0021-9258 0071 ? 17449467 10.1074/JBC.M702588200    
1       'Crystallization and Preliminary X-Ray Diffraction Analysis of Three Egf Domains of Emr2, a 7Tm Immune-System Molecule' 
'Acta Crystallogr.,Sect.D' 60  936   ? 2004 ABCRE6 DK 0907-4449 0766 ? 15103144 10.1107/S0907444904005098 
# 
loop_
_citation_author.citation_id 
_citation_author.name 
_citation_author.ordinal 
_citation_author.identifier_ORCID 
primary 'Abbott, R.J.M.'  1  ? 
primary 'Spendlove, I.'   2  ? 
primary 'Roversi, P.'     3  ? 
primary 'Fitzgibbon, H.'  4  ? 
primary 'Knott, V.'       5  ? 
primary 'Teriete, P.'     6  ? 
primary 'Mcdonnell, J.M.' 7  ? 
primary 'Handford, P.A.'  8  ? 
primary 'Lea, S.M.'       9  ? 
1       'Abbott, R.J.M.'  10 ? 
1       'Knott, V.'       11 ? 
1       'Roversi, P.'     12 ? 
1       'Neudeck, S.'     13 ? 
1       'Lukacik, P.'     14 ? 
1       'Handford, P.A.'  15 ? 
1       'Lea, S.M.'       16 ? 
# 
loop_
_entity.id 
_entity.type 
_entity.src_method 
_entity.pdbx_description 
_entity.formula_weight 
_entity.pdbx_number_of_molecules 
_entity.pdbx_ec 
_entity.pdbx_mutation 
_entity.pdbx_fragment 
_entity.details 
1 polymer     man 'EGF-LIKE MODULE CONTAINING MUCIN-LIKE HORMONE RECEPTOR-LIKE 2 PRECURSOR' 15593.094 1   ? ? 
'EGF DOMAINS 1,2 AND 5,RESIDUES 25-118,212-260' ? 
2 non-polymer syn 'BARIUM ION'                                                              137.327   2   ? ? ? ? 
3 non-polymer syn 'CALCIUM ION'                                                             40.078    2   ? ? ? ? 
4 non-polymer syn 'CACODYLATE ION'                                                          136.989   1   ? ? ? ? 
5 water       nat water                                                                     18.015    104 ? ? ? ? 
# 
_entity_name_com.entity_id   1 
_entity_name_com.name        'EGF-LIKE MODULE EMR2' 
# 
_entity_poly.entity_id                      1 
_entity_poly.type                           'polypeptide(L)' 
_entity_poly.nstd_linkage                   no 
_entity_poly.nstd_monomer                   no 
_entity_poly.pdbx_seq_one_letter_code       
;DSRGCARWCPQDSSCVNATACRCNPGFSSFSEIITTPMETCDDINECATLSKVSCGKFSDCWNTEGSYDCVCSPGYEPVS
GAKTFKNESENTCQDVDECSSGQHQCDSSTVCFNTVGSYSCRCRPGWKPRHGIPNNQKDTVCE
;
_entity_poly.pdbx_seq_one_letter_code_can   
;DSRGCARWCPQDSSCVNATACRCNPGFSSFSEIITTPMETCDDINECATLSKVSCGKFSDCWNTEGSYDCVCSPGYEPVS
GAKTFKNESENTCQDVDECSSGQHQCDSSTVCFNTVGSYSCRCRPGWKPRHGIPNNQKDTVCE
;
_entity_poly.pdbx_strand_id                 A 
_entity_poly.pdbx_target_identifier         ? 
# 
loop_
_pdbx_entity_nonpoly.entity_id 
_pdbx_entity_nonpoly.name 
_pdbx_entity_nonpoly.comp_id 
2 'BARIUM ION'     BA  
3 'CALCIUM ION'    CA  
4 'CACODYLATE ION' CAC 
5 water            HOH 
# 
loop_
_entity_poly_seq.entity_id 
_entity_poly_seq.num 
_entity_poly_seq.mon_id 
_entity_poly_seq.hetero 
1 1   ASP n 
1 2   SER n 
1 3   ARG n 
1 4   GLY n 
1 5   CYS n 
1 6   ALA n 
1 7   ARG n 
1 8   TRP n 
1 9   CYS n 
1 10  PRO n 
1 11  GLN n 
1 12  ASP n 
1 13  SER n 
1 14  SER n 
1 15  CYS n 
1 16  VAL n 
1 17  ASN n 
1 18  ALA n 
1 19  THR n 
1 20  ALA n 
1 21  CYS n 
1 22  ARG n 
1 23  CYS n 
1 24  ASN n 
1 25  PRO n 
1 26  GLY n 
1 27  PHE n 
1 28  SER n 
1 29  SER n 
1 30  PHE n 
1 31  SER n 
1 32  GLU n 
1 33  ILE n 
1 34  ILE n 
1 35  THR n 
1 36  THR n 
1 37  PRO n 
1 38  MET n 
1 39  GLU n 
1 40  THR n 
1 41  CYS n 
1 42  ASP n 
1 43  ASP n 
1 44  ILE n 
1 45  ASN n 
1 46  GLU n 
1 47  CYS n 
1 48  ALA n 
1 49  THR n 
1 50  LEU n 
1 51  SER n 
1 52  LYS n 
1 53  VAL n 
1 54  SER n 
1 55  CYS n 
1 56  GLY n 
1 57  LYS n 
1 58  PHE n 
1 59  SER n 
1 60  ASP n 
1 61  CYS n 
1 62  TRP n 
1 63  ASN n 
1 64  THR n 
1 65  GLU n 
1 66  GLY n 
1 67  SER n 
1 68  TYR n 
1 69  ASP n 
1 70  CYS n 
1 71  VAL n 
1 72  CYS n 
1 73  SER n 
1 74  PRO n 
1 75  GLY n 
1 76  TYR n 
1 77  GLU n 
1 78  PRO n 
1 79  VAL n 
1 80  SER n 
1 81  GLY n 
1 82  ALA n 
1 83  LYS n 
1 84  THR n 
1 85  PHE n 
1 86  LYS n 
1 87  ASN n 
1 88  GLU n 
1 89  SER n 
1 90  GLU n 
1 91  ASN n 
1 92  THR n 
1 93  CYS n 
1 94  GLN n 
1 95  ASP n 
1 96  VAL n 
1 97  ASP n 
1 98  GLU n 
1 99  CYS n 
1 100 SER n 
1 101 SER n 
1 102 GLY n 
1 103 GLN n 
1 104 HIS n 
1 105 GLN n 
1 106 CYS n 
1 107 ASP n 
1 108 SER n 
1 109 SER n 
1 110 THR n 
1 111 VAL n 
1 112 CYS n 
1 113 PHE n 
1 114 ASN n 
1 115 THR n 
1 116 VAL n 
1 117 GLY n 
1 118 SER n 
1 119 TYR n 
1 120 SER n 
1 121 CYS n 
1 122 ARG n 
1 123 CYS n 
1 124 ARG n 
1 125 PRO n 
1 126 GLY n 
1 127 TRP n 
1 128 LYS n 
1 129 PRO n 
1 130 ARG n 
1 131 HIS n 
1 132 GLY n 
1 133 ILE n 
1 134 PRO n 
1 135 ASN n 
1 136 ASN n 
1 137 GLN n 
1 138 LYS n 
1 139 ASP n 
1 140 THR n 
1 141 VAL n 
1 142 CYS n 
1 143 GLU n 
# 
_entity_src_gen.entity_id                          1 
_entity_src_gen.pdbx_src_id                        1 
_entity_src_gen.pdbx_alt_source_flag               sample 
_entity_src_gen.pdbx_seq_type                      ? 
_entity_src_gen.pdbx_beg_seq_num                   ? 
_entity_src_gen.pdbx_end_seq_num                   ? 
_entity_src_gen.gene_src_common_name               HUMAN 
_entity_src_gen.gene_src_genus                     ? 
_entity_src_gen.pdbx_gene_src_gene                 ? 
_entity_src_gen.gene_src_species                   ? 
_entity_src_gen.gene_src_strain                    ? 
_entity_src_gen.gene_src_tissue                    ? 
_entity_src_gen.gene_src_tissue_fraction           ? 
_entity_src_gen.gene_src_details                   ? 
_entity_src_gen.pdbx_gene_src_fragment             ? 
_entity_src_gen.pdbx_gene_src_scientific_name      'HOMO SAPIENS' 
_entity_src_gen.pdbx_gene_src_ncbi_taxonomy_id     9606 
_entity_src_gen.pdbx_gene_src_variant              ? 
_entity_src_gen.pdbx_gene_src_cell_line            ? 
_entity_src_gen.pdbx_gene_src_atcc                 ? 
_entity_src_gen.pdbx_gene_src_organ                ? 
_entity_src_gen.pdbx_gene_src_organelle            ? 
_entity_src_gen.pdbx_gene_src_cell                 ? 
_entity_src_gen.pdbx_gene_src_cellular_location    ? 
_entity_src_gen.host_org_common_name               ? 
_entity_src_gen.pdbx_host_org_scientific_name      'ESCHERICHIA COLI' 
_entity_src_gen.pdbx_host_org_ncbi_taxonomy_id     562 
_entity_src_gen.host_org_genus                     ? 
_entity_src_gen.pdbx_host_org_gene                 ? 
_entity_src_gen.pdbx_host_org_organ                ? 
_entity_src_gen.host_org_species                   ? 
_entity_src_gen.pdbx_host_org_tissue               ? 
_entity_src_gen.pdbx_host_org_tissue_fraction      ? 
_entity_src_gen.pdbx_host_org_strain               NM554 
_entity_src_gen.pdbx_host_org_variant              PREP4 
_entity_src_gen.pdbx_host_org_cell_line            ? 
_entity_src_gen.pdbx_host_org_atcc                 ? 
_entity_src_gen.pdbx_host_org_culture_collection   ? 
_entity_src_gen.pdbx_host_org_cell                 ? 
_entity_src_gen.pdbx_host_org_organelle            ? 
_entity_src_gen.pdbx_host_org_cellular_location    ? 
_entity_src_gen.pdbx_host_org_vector_type          PLASMID 
_entity_src_gen.pdbx_host_org_vector               ? 
_entity_src_gen.host_org_details                   ? 
_entity_src_gen.expression_system_id               ? 
_entity_src_gen.plasmid_name                       PQE30 
_entity_src_gen.plasmid_details                    ? 
_entity_src_gen.pdbx_description                   ? 
# 
loop_
_chem_comp.id 
_chem_comp.type 
_chem_comp.mon_nstd_flag 
_chem_comp.name 
_chem_comp.pdbx_synonyms 
_chem_comp.formula 
_chem_comp.formula_weight 
ALA 'L-peptide linking' y ALANINE          ?                'C3 H7 N O2'     89.093  
ARG 'L-peptide linking' y ARGININE         ?                'C6 H15 N4 O2 1' 175.209 
ASN 'L-peptide linking' y ASPARAGINE       ?                'C4 H8 N2 O3'    132.118 
ASP 'L-peptide linking' y 'ASPARTIC ACID'  ?                'C4 H7 N O4'     133.103 
BA  non-polymer         . 'BARIUM ION'     ?                'Ba 2'           137.327 
CA  non-polymer         . 'CALCIUM ION'    ?                'Ca 2'           40.078  
CAC non-polymer         . 'CACODYLATE ION' dimethylarsinate 'C2 H6 As O2 -1' 136.989 
CYS 'L-peptide linking' y CYSTEINE         ?                'C3 H7 N O2 S'   121.158 
GLN 'L-peptide linking' y GLUTAMINE        ?                'C5 H10 N2 O3'   146.144 
GLU 'L-peptide linking' y 'GLUTAMIC ACID'  ?                'C5 H9 N O4'     147.129 
GLY 'peptide linking'   y GLYCINE          ?                'C2 H5 N O2'     75.067  
HIS 'L-peptide linking' y HISTIDINE        ?                'C6 H10 N3 O2 1' 156.162 
HOH non-polymer         . WATER            ?                'H2 O'           18.015  
ILE 'L-peptide linking' y ISOLEUCINE       ?                'C6 H13 N O2'    131.173 
LEU 'L-peptide linking' y LEUCINE          ?                'C6 H13 N O2'    131.173 
LYS 'L-peptide linking' y LYSINE           ?                'C6 H15 N2 O2 1' 147.195 
MET 'L-peptide linking' y METHIONINE       ?                'C5 H11 N O2 S'  149.211 
PHE 'L-peptide linking' y PHENYLALANINE    ?                'C9 H11 N O2'    165.189 
PRO 'L-peptide linking' y PROLINE          ?                'C5 H9 N O2'     115.130 
SER 'L-peptide linking' y SERINE           ?                'C3 H7 N O3'     105.093 
THR 'L-peptide linking' y THREONINE        ?                'C4 H9 N O3'     119.119 
TRP 'L-peptide linking' y TRYPTOPHAN       ?                'C11 H12 N2 O2'  204.225 
TYR 'L-peptide linking' y TYROSINE         ?                'C9 H11 N O3'    181.189 
VAL 'L-peptide linking' y VALINE           ?                'C5 H11 N O2'    117.146 
# 
loop_
_pdbx_poly_seq_scheme.asym_id 
_pdbx_poly_seq_scheme.entity_id 
_pdbx_poly_seq_scheme.seq_id 
_pdbx_poly_seq_scheme.mon_id 
_pdbx_poly_seq_scheme.ndb_seq_num 
_pdbx_poly_seq_scheme.pdb_seq_num 
_pdbx_poly_seq_scheme.auth_seq_num 
_pdbx_poly_seq_scheme.pdb_mon_id 
_pdbx_poly_seq_scheme.auth_mon_id 
_pdbx_poly_seq_scheme.pdb_strand_id 
_pdbx_poly_seq_scheme.pdb_ins_code 
_pdbx_poly_seq_scheme.hetero 
A 1 1   ASP 1   1   ?   ?   ?   A . n 
A 1 2   SER 2   2   ?   ?   ?   A . n 
A 1 3   ARG 3   3   3   ARG ARG A . n 
A 1 4   GLY 4   4   4   GLY GLY A . n 
A 1 5   CYS 5   5   5   CYS CYS A . n 
A 1 6   ALA 6   6   6   ALA ALA A . n 
A 1 7   ARG 7   7   7   ARG ARG A . n 
A 1 8   TRP 8   8   8   TRP TRP A . n 
A 1 9   CYS 9   9   9   CYS CYS A . n 
A 1 10  PRO 10  10  10  PRO PRO A . n 
A 1 11  GLN 11  11  11  GLN GLN A . n 
A 1 12  ASP 12  12  12  ASP ASP A . n 
A 1 13  SER 13  13  13  SER SER A . n 
A 1 14  SER 14  14  14  SER SER A . n 
A 1 15  CYS 15  15  15  CYS CYS A . n 
A 1 16  VAL 16  16  16  VAL VAL A . n 
A 1 17  ASN 17  17  17  ASN ASN A . n 
A 1 18  ALA 18  18  18  ALA ALA A . n 
A 1 19  THR 19  19  19  THR THR A . n 
A 1 20  ALA 20  20  20  ALA ALA A . n 
A 1 21  CYS 21  21  21  CYS CYS A . n 
A 1 22  ARG 22  22  22  ARG ARG A . n 
A 1 23  CYS 23  23  23  CYS CYS A . n 
A 1 24  ASN 24  24  24  ASN ASN A . n 
A 1 25  PRO 25  25  25  PRO PRO A . n 
A 1 26  GLY 26  26  26  GLY GLY A . n 
A 1 27  PHE 27  27  27  PHE PHE A . n 
A 1 28  SER 28  28  28  SER SER A . n 
A 1 29  SER 29  29  29  SER SER A . n 
A 1 30  PHE 30  30  30  PHE PHE A . n 
A 1 31  SER 31  31  31  SER SER A . n 
A 1 32  GLU 32  32  32  GLU GLU A . n 
A 1 33  ILE 33  33  33  ILE ILE A . n 
A 1 34  ILE 34  34  34  ILE ILE A . n 
A 1 35  THR 35  35  35  THR THR A . n 
A 1 36  THR 36  36  36  THR THR A . n 
A 1 37  PRO 37  37  37  PRO PRO A . n 
A 1 38  MET 38  38  38  MET MET A . n 
A 1 39  GLU 39  39  39  GLU GLU A . n 
A 1 40  THR 40  40  40  THR THR A . n 
A 1 41  CYS 41  41  41  CYS CYS A . n 
A 1 42  ASP 42  42  42  ASP ASP A . n 
A 1 43  ASP 43  43  43  ASP ASP A . n 
A 1 44  ILE 44  44  44  ILE ILE A . n 
A 1 45  ASN 45  45  45  ASN ASN A . n 
A 1 46  GLU 46  46  46  GLU GLU A . n 
A 1 47  CYS 47  47  47  CYS CYS A . n 
A 1 48  ALA 48  48  48  ALA ALA A . n 
A 1 49  THR 49  49  49  THR THR A . n 
A 1 50  LEU 50  50  ?   ?   ?   A . n 
A 1 51  SER 51  51  ?   ?   ?   A . n 
A 1 52  LYS 52  52  ?   ?   ?   A . n 
A 1 53  VAL 53  53  ?   ?   ?   A . n 
A 1 54  SER 54  54  54  SER SER A . n 
A 1 55  CYS 55  55  55  CYS CYS A . n 
A 1 56  GLY 56  56  56  GLY GLY A . n 
A 1 57  LYS 57  57  57  LYS LYS A . n 
A 1 58  PHE 58  58  58  PHE PHE A . n 
A 1 59  SER 59  59  59  SER SER A . n 
A 1 60  ASP 60  60  60  ASP ASP A . n 
A 1 61  CYS 61  61  61  CYS CYS A . n 
A 1 62  TRP 62  62  62  TRP TRP A . n 
A 1 63  ASN 63  63  63  ASN ASN A . n 
A 1 64  THR 64  64  64  THR THR A . n 
A 1 65  GLU 65  65  65  GLU GLU A . n 
A 1 66  GLY 66  66  66  GLY GLY A . n 
A 1 67  SER 67  67  67  SER SER A . n 
A 1 68  TYR 68  68  68  TYR TYR A . n 
A 1 69  ASP 69  69  69  ASP ASP A . n 
A 1 70  CYS 70  70  70  CYS CYS A . n 
A 1 71  VAL 71  71  71  VAL VAL A . n 
A 1 72  CYS 72  72  72  CYS CYS A . n 
A 1 73  SER 73  73  73  SER SER A . n 
A 1 74  PRO 74  74  74  PRO PRO A . n 
A 1 75  GLY 75  75  75  GLY GLY A . n 
A 1 76  TYR 76  76  76  TYR TYR A . n 
A 1 77  GLU 77  77  77  GLU GLU A . n 
A 1 78  PRO 78  78  78  PRO PRO A . n 
A 1 79  VAL 79  79  79  VAL VAL A . n 
A 1 80  SER 80  80  80  SER SER A . n 
A 1 81  GLY 81  81  81  GLY GLY A . n 
A 1 82  ALA 82  82  82  ALA ALA A . n 
A 1 83  LYS 83  83  83  LYS LYS A . n 
A 1 84  THR 84  84  84  THR THR A . n 
A 1 85  PHE 85  85  85  PHE PHE A . n 
A 1 86  LYS 86  86  86  LYS LYS A . n 
A 1 87  ASN 87  87  87  ASN ASN A . n 
A 1 88  GLU 88  88  88  GLU GLU A . n 
A 1 89  SER 89  89  89  SER SER A . n 
A 1 90  GLU 90  90  90  GLU GLU A . n 
A 1 91  ASN 91  91  91  ASN ASN A . n 
A 1 92  THR 92  92  92  THR THR A . n 
A 1 93  CYS 93  93  93  CYS CYS A . n 
A 1 94  GLN 94  94  94  GLN GLN A . n 
A 1 95  ASP 95  95  95  ASP ASP A . n 
A 1 96  VAL 96  96  96  VAL VAL A . n 
A 1 97  ASP 97  97  97  ASP ASP A . n 
A 1 98  GLU 98  98  98  GLU GLU A . n 
A 1 99  CYS 99  99  99  CYS CYS A . n 
A 1 100 SER 100 100 100 SER SER A . n 
A 1 101 SER 101 101 101 SER SER A . n 
A 1 102 GLY 102 102 102 GLY GLY A . n 
A 1 103 GLN 103 103 103 GLN GLN A . n 
A 1 104 HIS 104 104 104 HIS HIS A . n 
A 1 105 GLN 105 105 105 GLN GLN A . n 
A 1 106 CYS 106 106 106 CYS CYS A . n 
A 1 107 ASP 107 107 107 ASP ASP A . n 
A 1 108 SER 108 108 108 SER SER A . n 
A 1 109 SER 109 109 109 SER SER A . n 
A 1 110 THR 110 110 110 THR THR A . n 
A 1 111 VAL 111 111 111 VAL VAL A . n 
A 1 112 CYS 112 112 112 CYS CYS A . n 
A 1 113 PHE 113 113 113 PHE PHE A . n 
A 1 114 ASN 114 114 114 ASN ASN A . n 
A 1 115 THR 115 115 115 THR THR A . n 
A 1 116 VAL 116 116 116 VAL VAL A . n 
A 1 117 GLY 117 117 117 GLY GLY A . n 
A 1 118 SER 118 118 118 SER SER A . n 
A 1 119 TYR 119 119 119 TYR TYR A . n 
A 1 120 SER 120 120 120 SER SER A . n 
A 1 121 CYS 121 121 121 CYS CYS A . n 
A 1 122 ARG 122 122 122 ARG ARG A . n 
A 1 123 CYS 123 123 123 CYS CYS A . n 
A 1 124 ARG 124 124 124 ARG ARG A . n 
A 1 125 PRO 125 125 125 PRO PRO A . n 
A 1 126 GLY 126 126 126 GLY GLY A . n 
A 1 127 TRP 127 127 127 TRP TRP A . n 
A 1 128 LYS 128 128 128 LYS LYS A . n 
A 1 129 PRO 129 129 129 PRO PRO A . n 
A 1 130 ARG 130 130 130 ARG ARG A . n 
A 1 131 HIS 131 131 131 HIS HIS A . n 
A 1 132 GLY 132 132 132 GLY GLY A . n 
A 1 133 ILE 133 133 133 ILE ILE A . n 
A 1 134 PRO 134 134 134 PRO PRO A . n 
A 1 135 ASN 135 135 135 ASN ASN A . n 
A 1 136 ASN 136 136 136 ASN ASN A . n 
A 1 137 GLN 137 137 137 GLN GLN A . n 
A 1 138 LYS 138 138 138 LYS LYS A . n 
A 1 139 ASP 139 139 139 ASP ASP A . n 
A 1 140 THR 140 140 140 THR THR A . n 
A 1 141 VAL 141 141 141 VAL VAL A . n 
A 1 142 CYS 142 142 142 CYS CYS A . n 
A 1 143 GLU 143 143 143 GLU GLU A . n 
# 
loop_
_pdbx_nonpoly_scheme.asym_id 
_pdbx_nonpoly_scheme.entity_id 
_pdbx_nonpoly_scheme.mon_id 
_pdbx_nonpoly_scheme.ndb_seq_num 
_pdbx_nonpoly_scheme.pdb_seq_num 
_pdbx_nonpoly_scheme.auth_seq_num 
_pdbx_nonpoly_scheme.pdb_mon_id 
_pdbx_nonpoly_scheme.auth_mon_id 
_pdbx_nonpoly_scheme.pdb_strand_id 
_pdbx_nonpoly_scheme.pdb_ins_code 
B 2 BA  1   155  155  BA  BA  A . 
C 2 BA  1   156  156  BA  BA  A . 
D 3 CA  1   157  157  CA  CA  A . 
E 3 CA  1   158  158  CA  CA  A . 
F 4 CAC 1   1148 1148 CAC CAC A . 
G 5 HOH 1   2001 2001 HOH HOH A . 
G 5 HOH 2   2002 2002 HOH HOH A . 
G 5 HOH 3   2003 2003 HOH HOH A . 
G 5 HOH 4   2004 2004 HOH HOH A . 
G 5 HOH 5   2005 2005 HOH HOH A . 
G 5 HOH 6   2006 2006 HOH HOH A . 
G 5 HOH 7   2007 2007 HOH HOH A . 
G 5 HOH 8   2008 2008 HOH HOH A . 
G 5 HOH 9   2009 2009 HOH HOH A . 
G 5 HOH 10  2010 2010 HOH HOH A . 
G 5 HOH 11  2011 2011 HOH HOH A . 
G 5 HOH 12  2012 2012 HOH HOH A . 
G 5 HOH 13  2013 2013 HOH HOH A . 
G 5 HOH 14  2014 2014 HOH HOH A . 
G 5 HOH 15  2015 2015 HOH HOH A . 
G 5 HOH 16  2016 2016 HOH HOH A . 
G 5 HOH 17  2017 2017 HOH HOH A . 
G 5 HOH 18  2018 2018 HOH HOH A . 
G 5 HOH 19  2019 2019 HOH HOH A . 
G 5 HOH 20  2020 2020 HOH HOH A . 
G 5 HOH 21  2021 2021 HOH HOH A . 
G 5 HOH 22  2022 2022 HOH HOH A . 
G 5 HOH 23  2023 2023 HOH HOH A . 
G 5 HOH 24  2024 2024 HOH HOH A . 
G 5 HOH 25  2025 2025 HOH HOH A . 
G 5 HOH 26  2026 2026 HOH HOH A . 
G 5 HOH 27  2027 2027 HOH HOH A . 
G 5 HOH 28  2028 2028 HOH HOH A . 
G 5 HOH 29  2029 2029 HOH HOH A . 
G 5 HOH 30  2030 2030 HOH HOH A . 
G 5 HOH 31  2031 2031 HOH HOH A . 
G 5 HOH 32  2032 2032 HOH HOH A . 
G 5 HOH 33  2033 2033 HOH HOH A . 
G 5 HOH 34  2034 2034 HOH HOH A . 
G 5 HOH 35  2035 2035 HOH HOH A . 
G 5 HOH 36  2036 2036 HOH HOH A . 
G 5 HOH 37  2037 2037 HOH HOH A . 
G 5 HOH 38  2038 2038 HOH HOH A . 
G 5 HOH 39  2039 2039 HOH HOH A . 
G 5 HOH 40  2040 2040 HOH HOH A . 
G 5 HOH 41  2041 2041 HOH HOH A . 
G 5 HOH 42  2042 2042 HOH HOH A . 
G 5 HOH 43  2043 2043 HOH HOH A . 
G 5 HOH 44  2044 2044 HOH HOH A . 
G 5 HOH 45  2045 2045 HOH HOH A . 
G 5 HOH 46  2046 2046 HOH HOH A . 
G 5 HOH 47  2047 2047 HOH HOH A . 
G 5 HOH 48  2048 2048 HOH HOH A . 
G 5 HOH 49  2049 2049 HOH HOH A . 
G 5 HOH 50  2050 2050 HOH HOH A . 
G 5 HOH 51  2051 2051 HOH HOH A . 
G 5 HOH 52  2052 2052 HOH HOH A . 
G 5 HOH 53  2053 2053 HOH HOH A . 
G 5 HOH 54  2054 2054 HOH HOH A . 
G 5 HOH 55  2055 2055 HOH HOH A . 
G 5 HOH 56  2056 2056 HOH HOH A . 
G 5 HOH 57  2057 2057 HOH HOH A . 
G 5 HOH 58  2058 2058 HOH HOH A . 
G 5 HOH 59  2059 2059 HOH HOH A . 
G 5 HOH 60  2060 2060 HOH HOH A . 
G 5 HOH 61  2061 2061 HOH HOH A . 
G 5 HOH 62  2062 2062 HOH HOH A . 
G 5 HOH 63  2063 2063 HOH HOH A . 
G 5 HOH 64  2064 2064 HOH HOH A . 
G 5 HOH 65  2065 2065 HOH HOH A . 
G 5 HOH 66  2066 2066 HOH HOH A . 
G 5 HOH 67  2067 2067 HOH HOH A . 
G 5 HOH 68  2068 2068 HOH HOH A . 
G 5 HOH 69  2069 2069 HOH HOH A . 
G 5 HOH 70  2070 2070 HOH HOH A . 
G 5 HOH 71  2071 2071 HOH HOH A . 
G 5 HOH 72  2072 2072 HOH HOH A . 
G 5 HOH 73  2073 2073 HOH HOH A . 
G 5 HOH 74  2074 2074 HOH HOH A . 
G 5 HOH 75  2075 2075 HOH HOH A . 
G 5 HOH 76  2076 2076 HOH HOH A . 
G 5 HOH 77  2077 2077 HOH HOH A . 
G 5 HOH 78  2078 2078 HOH HOH A . 
G 5 HOH 79  2079 2079 HOH HOH A . 
G 5 HOH 80  2080 2080 HOH HOH A . 
G 5 HOH 81  2081 2081 HOH HOH A . 
G 5 HOH 82  2082 2082 HOH HOH A . 
G 5 HOH 83  2083 2083 HOH HOH A . 
G 5 HOH 84  2084 2084 HOH HOH A . 
G 5 HOH 85  2085 2085 HOH HOH A . 
G 5 HOH 86  2086 2086 HOH HOH A . 
G 5 HOH 87  2087 2087 HOH HOH A . 
G 5 HOH 88  2088 2088 HOH HOH A . 
G 5 HOH 89  2089 2089 HOH HOH A . 
G 5 HOH 90  2090 2090 HOH HOH A . 
G 5 HOH 91  2091 2091 HOH HOH A . 
G 5 HOH 92  2092 2092 HOH HOH A . 
G 5 HOH 93  2093 2093 HOH HOH A . 
G 5 HOH 94  2094 2094 HOH HOH A . 
G 5 HOH 95  2095 2095 HOH HOH A . 
G 5 HOH 96  2096 2096 HOH HOH A . 
G 5 HOH 97  2097 2097 HOH HOH A . 
G 5 HOH 98  2098 2098 HOH HOH A . 
G 5 HOH 99  2099 2099 HOH HOH A . 
G 5 HOH 100 2100 2100 HOH HOH A . 
G 5 HOH 101 2101 2101 HOH HOH A . 
G 5 HOH 102 2102 2102 HOH HOH A . 
G 5 HOH 103 2103 2103 HOH HOH A . 
G 5 HOH 104 2104 2104 HOH HOH A . 
# 
loop_
_software.name 
_software.classification 
_software.version 
_software.citation_id 
_software.pdbx_ordinal 
TNT     refinement       5.6.1 ? 1 
MOSFLM  'data reduction' .     ? 2 
SCALA   'data scaling'   .     ? 3 
SHARP   phasing          .     ? 4 
DM      phasing          .     ? 5 
SOLOMON phasing          .     ? 6 
# 
_cell.entry_id           2BOU 
_cell.length_a           91.060 
_cell.length_b           61.560 
_cell.length_c           35.470 
_cell.angle_alpha        90.00 
_cell.angle_beta         90.00 
_cell.angle_gamma        90.00 
_cell.Z_PDB              4 
_cell.pdbx_unique_axis   ? 
# 
_symmetry.entry_id                         2BOU 
_symmetry.space_group_name_H-M             'P 21 21 2' 
_symmetry.pdbx_full_space_group_name_H-M   ? 
_symmetry.cell_setting                     ? 
_symmetry.Int_Tables_number                18 
# 
_exptl.entry_id          2BOU 
_exptl.method            'X-RAY DIFFRACTION' 
_exptl.crystals_number   2 
# 
_exptl_crystal.id                    1 
_exptl_crystal.density_meas          ? 
_exptl_crystal.density_Matthews      3.2 
_exptl_crystal.density_percent_sol   61.2 
_exptl_crystal.description           'HEAVY ATOMS FOUND IN SAD ANOMALOUS DIFFERENCE PATTERSON FOR THE LAMBDA 1.3776 A DATASET' 
# 
_exptl_crystal_grow.crystal_id      1 
_exptl_crystal_grow.method          ? 
_exptl_crystal_grow.temp            ? 
_exptl_crystal_grow.temp_details    ? 
_exptl_crystal_grow.pH              6.50 
_exptl_crystal_grow.pdbx_pH_range   ? 
_exptl_crystal_grow.pdbx_details    '0.1-0.175 M BARIUM CHLORIDE, 12-16% W/V PEG 8000, 0.1 M NA CACODYLATE BUFFER PH 6.5' 
# 
_diffrn.id                     1 
_diffrn.ambient_temp           100.0 
_diffrn.ambient_temp_details   ? 
_diffrn.crystal_id             1 
# 
_diffrn_detector.diffrn_id              1 
_diffrn_detector.detector               CCD 
_diffrn_detector.type                   'ADSC CCD' 
_diffrn_detector.pdbx_collection_date   2002-10-08 
_diffrn_detector.details                ? 
# 
_diffrn_radiation.diffrn_id                        1 
_diffrn_radiation.wavelength_id                    1 
_diffrn_radiation.pdbx_monochromatic_or_laue_m_l   M 
_diffrn_radiation.monochromator                    ? 
_diffrn_radiation.pdbx_diffrn_protocol             'SINGLE WAVELENGTH' 
_diffrn_radiation.pdbx_scattering_type             x-ray 
# 
_diffrn_radiation_wavelength.id           1 
_diffrn_radiation_wavelength.wavelength   0.93400 
_diffrn_radiation_wavelength.wt           1.0 
# 
_diffrn_source.diffrn_id                   1 
_diffrn_source.source                      SYNCHROTRON 
_diffrn_source.type                        'ESRF BEAMLINE ID14-1' 
_diffrn_source.pdbx_synchrotron_site       ESRF 
_diffrn_source.pdbx_synchrotron_beamline   ID14-1 
_diffrn_source.pdbx_wavelength             0.93400 
_diffrn_source.pdbx_wavelength_list        ? 
# 
_reflns.pdbx_diffrn_id               1 
_reflns.pdbx_ordinal                 1 
_reflns.entry_id                     2BOU 
_reflns.observed_criterion_sigma_I   0.000 
_reflns.observed_criterion_sigma_F   ? 
_reflns.d_resolution_low             23.260 
_reflns.d_resolution_high            1.900 
_reflns.number_obs                   14758 
_reflns.number_all                   ? 
_reflns.percent_possible_obs         90.3 
_reflns.pdbx_Rmerge_I_obs            0.08000 
_reflns.pdbx_Rsym_value              ? 
_reflns.pdbx_netI_over_sigmaI        4.9000 
_reflns.B_iso_Wilson_estimate        -3.005 
_reflns.pdbx_redundancy              22.200 
# 
_reflns_shell.pdbx_diffrn_id         1 
_reflns_shell.pdbx_ordinal           1 
_reflns_shell.d_res_high             1.90 
_reflns_shell.d_res_low              2.00 
_reflns_shell.percent_possible_all   57.9 
_reflns_shell.Rmerge_I_obs           0.53000 
_reflns_shell.pdbx_Rsym_value        ? 
_reflns_shell.meanI_over_sigI_obs    1.100 
_reflns_shell.pdbx_redundancy        17.50 
# 
_refine.pdbx_refine_id                           'X-RAY DIFFRACTION' 
_refine.entry_id                                 2BOU 
_refine.pdbx_diffrn_id                           1 
_refine.pdbx_TLS_residual_ADP_flag               ? 
_refine.ls_number_reflns_obs                     14734 
_refine.ls_number_reflns_all                     14734 
_refine.pdbx_ls_sigma_I                          ? 
_refine.pdbx_ls_sigma_F                          0.0 
_refine.pdbx_data_cutoff_high_absF               ? 
_refine.pdbx_data_cutoff_low_absF                ? 
_refine.pdbx_data_cutoff_high_rms_absF           ? 
_refine.ls_d_res_low                             51.299 
_refine.ls_d_res_high                            1.90 
_refine.ls_percent_reflns_obs                    ? 
_refine.ls_R_factor_obs                          0.2384 
_refine.ls_R_factor_all                          0.2384 
_refine.ls_R_factor_R_work                       0.2376 
_refine.ls_R_factor_R_free                       0.2547 
_refine.ls_R_factor_R_free_error                 ? 
_refine.ls_R_factor_R_free_error_details         ? 
_refine.ls_percent_reflns_R_free                 5.0 
_refine.ls_number_reflns_R_free                  732 
_refine.ls_number_parameters                     ? 
_refine.ls_number_restraints                     ? 
_refine.occupancy_min                            ? 
_refine.occupancy_max                            ? 
_refine.correlation_coeff_Fo_to_Fc               ? 
_refine.correlation_coeff_Fo_to_Fc_free          ? 
_refine.B_iso_mean                               ? 
_refine.aniso_B[1][1]                            ? 
_refine.aniso_B[2][2]                            ? 
_refine.aniso_B[3][3]                            ? 
_refine.aniso_B[1][2]                            ? 
_refine.aniso_B[1][3]                            ? 
_refine.aniso_B[2][3]                            ? 
_refine.solvent_model_details                    'BABINET MASKING' 
_refine.solvent_model_param_ksol                 0.392 
_refine.solvent_model_param_bsol                 22.2 
_refine.pdbx_solvent_vdw_probe_radii             ? 
_refine.pdbx_solvent_ion_probe_radii             ? 
_refine.pdbx_solvent_shrinkage_radii             ? 
_refine.pdbx_ls_cross_valid_method               THROUGHOUT 
_refine.details                                  'REFINED USING BUSTER-TNT VERSION 1.0.4' 
_refine.pdbx_starting_model                      ? 
_refine.pdbx_method_to_determine_struct          OTHER 
_refine.pdbx_isotropic_thermal_model             'TNT BCORREL V1.0' 
_refine.pdbx_stereochemistry_target_values       'TNT CSDX_PROTGEO.DAT' 
_refine.pdbx_stereochem_target_val_spec_case     ? 
_refine.pdbx_R_Free_selection_details            RANDOM 
_refine.pdbx_overall_ESU_R                       ? 
_refine.pdbx_overall_ESU_R_Free                  ? 
_refine.overall_SU_ML                            ? 
_refine.pdbx_overall_phase_error                 ? 
_refine.overall_SU_B                             ? 
_refine.overall_SU_R_Cruickshank_DPI             ? 
_refine.pdbx_overall_SU_R_free_Cruickshank_DPI   ? 
_refine.pdbx_overall_SU_R_Blow_DPI               ? 
_refine.pdbx_overall_SU_R_free_Blow_DPI          ? 
# 
_refine_hist.pdbx_refine_id                   'X-RAY DIFFRACTION' 
_refine_hist.cycle_id                         LAST 
_refine_hist.pdbx_number_atoms_protein        1032 
_refine_hist.pdbx_number_atoms_nucleic_acid   0 
_refine_hist.pdbx_number_atoms_ligand         9 
_refine_hist.number_atoms_solvent             104 
_refine_hist.number_atoms_total               1145 
_refine_hist.d_res_high                       1.90 
_refine_hist.d_res_low                        51.299 
# 
loop_
_refine_ls_restr.type 
_refine_ls_restr.dev_ideal 
_refine_ls_restr.dev_ideal_target 
_refine_ls_restr.weight 
_refine_ls_restr.number 
_refine_ls_restr.pdbx_refine_id 
_refine_ls_restr.pdbx_restraint_function 
t_bond_d                  0.006  ? 2.000  1075 'X-RAY DIFFRACTION' ? 
t_angle_deg               0.951  ? 3.000  1455 'X-RAY DIFFRACTION' ? 
t_dihedral_angle_d        18.688 ? 0.000  634  'X-RAY DIFFRACTION' ? 
t_incorr_chiral_ct        ?      ? ?      0    'X-RAY DIFFRACTION' ? 
t_pseud_angle             ?      ? ?      ?    'X-RAY DIFFRACTION' ? 
t_trig_c_planes           0.008  ? 2.000  33   'X-RAY DIFFRACTION' ? 
t_gen_planes              0.021  ? 5.000  155  'X-RAY DIFFRACTION' ? 
t_it                      1.336  ? 20.000 1076 'X-RAY DIFFRACTION' ? 
t_nbd                     0.083  ? 5.000  22   'X-RAY DIFFRACTION' ? 
t_omega_torsion           ?      ? ?      ?    'X-RAY DIFFRACTION' ? 
t_other_torsion           ?      ? ?      ?    'X-RAY DIFFRACTION' ? 
t_improper_torsion        ?      ? ?      ?    'X-RAY DIFFRACTION' ? 
t_chiral_improper_torsion ?      ? ?      ?    'X-RAY DIFFRACTION' ? 
t_sum_occupancies         ?      ? ?      ?    'X-RAY DIFFRACTION' ? 
t_utility_distance        ?      ? ?      ?    'X-RAY DIFFRACTION' ? 
t_utility_angle           ?      ? ?      ?    'X-RAY DIFFRACTION' ? 
t_utility_torsion         ?      ? ?      ?    'X-RAY DIFFRACTION' ? 
t_ideal_dist_contact      ?      ? ?      ?    'X-RAY DIFFRACTION' ? 
# 
_pdbx_refine.pdbx_refine_id                              'X-RAY DIFFRACTION' 
_pdbx_refine.entry_id                                    2BOU 
_pdbx_refine.R_factor_all_no_cutoff                      0.2384 
_pdbx_refine.R_factor_obs_no_cutoff                      0.2376 
_pdbx_refine.free_R_factor_no_cutoff                     0.2547 
_pdbx_refine.free_R_error_no_cutoff                      ? 
_pdbx_refine.free_R_val_test_set_size_perc_no_cutoff     5 
_pdbx_refine.free_R_val_test_set_ct_no_cutoff            732 
_pdbx_refine.R_factor_all_4sig_cutoff                    ? 
_pdbx_refine.R_factor_obs_4sig_cutoff                    ? 
_pdbx_refine.free_R_factor_4sig_cutoff                   ? 
_pdbx_refine.free_R_val_test_set_size_perc_4sig_cutoff   ? 
_pdbx_refine.free_R_val_test_set_ct_4sig_cutoff          ? 
_pdbx_refine.number_reflns_obs_4sig_cutoff               ? 
# 
_struct.entry_id                  2BOU 
_struct.title                     'EGF Domains 1,2,5 of human EMR2, a 7-TM immune system molecule, in complex with barium.' 
_struct.pdbx_model_details        ? 
_struct.pdbx_CASP_flag            ? 
_struct.pdbx_model_type_details   ? 
# 
_struct_keywords.entry_id        2BOU 
_struct_keywords.pdbx_keywords   'IMMUNE SYSTEM' 
_struct_keywords.text            
'CD97, CD55, EGF, 7TM, CALCIUM-BINDING, CELL ADHESION, EGF-LIKE DOMAIN, G-PROTEIN COUPLED RECEPTOR, IMMUNE SYSTEM' 
# 
loop_
_struct_asym.id 
_struct_asym.pdbx_blank_PDB_chainid_flag 
_struct_asym.pdbx_modified 
_struct_asym.entity_id 
_struct_asym.details 
A N N 1 ? 
B N N 2 ? 
C N N 2 ? 
D N N 3 ? 
E N N 3 ? 
F N N 4 ? 
G N N 5 ? 
# 
_struct_ref.id                         1 
_struct_ref.db_name                    UNP 
_struct_ref.db_code                    EMR2_HUMAN 
_struct_ref.entity_id                  1 
_struct_ref.pdbx_seq_one_letter_code   ? 
_struct_ref.pdbx_align_begin           ? 
_struct_ref.pdbx_db_accession          Q9UHX3 
_struct_ref.pdbx_db_isoform            ? 
# 
loop_
_struct_ref_seq.align_id 
_struct_ref_seq.ref_id 
_struct_ref_seq.pdbx_PDB_id_code 
_struct_ref_seq.pdbx_strand_id 
_struct_ref_seq.seq_align_beg 
_struct_ref_seq.pdbx_seq_align_beg_ins_code 
_struct_ref_seq.seq_align_end 
_struct_ref_seq.pdbx_seq_align_end_ins_code 
_struct_ref_seq.pdbx_db_accession 
_struct_ref_seq.db_align_beg 
_struct_ref_seq.pdbx_db_align_beg_ins_code 
_struct_ref_seq.db_align_end 
_struct_ref_seq.pdbx_db_align_end_ins_code 
_struct_ref_seq.pdbx_auth_seq_align_beg 
_struct_ref_seq.pdbx_auth_seq_align_end 
1 1 2BOU A 1  ? 94  ? Q9UHX3 25  ? 118 ? 1  94  
2 1 2BOU A 95 ? 143 ? Q9UHX3 212 ? 260 ? 95 143 
# 
_pdbx_struct_assembly.id                   1 
_pdbx_struct_assembly.details              author_and_software_defined_assembly 
_pdbx_struct_assembly.method_details       PISA 
_pdbx_struct_assembly.oligomeric_details   monomeric 
_pdbx_struct_assembly.oligomeric_count     1 
# 
_pdbx_struct_assembly_gen.assembly_id       1 
_pdbx_struct_assembly_gen.oper_expression   1 
_pdbx_struct_assembly_gen.asym_id_list      A,B,C,D,E,F,G 
# 
_pdbx_struct_oper_list.id                   1 
_pdbx_struct_oper_list.type                 'identity operation' 
_pdbx_struct_oper_list.name                 1_555 
_pdbx_struct_oper_list.symmetry_operation   x,y,z 
_pdbx_struct_oper_list.matrix[1][1]         1.0000000000 
_pdbx_struct_oper_list.matrix[1][2]         0.0000000000 
_pdbx_struct_oper_list.matrix[1][3]         0.0000000000 
_pdbx_struct_oper_list.vector[1]            0.0000000000 
_pdbx_struct_oper_list.matrix[2][1]         0.0000000000 
_pdbx_struct_oper_list.matrix[2][2]         1.0000000000 
_pdbx_struct_oper_list.matrix[2][3]         0.0000000000 
_pdbx_struct_oper_list.vector[2]            0.0000000000 
_pdbx_struct_oper_list.matrix[3][1]         0.0000000000 
_pdbx_struct_oper_list.matrix[3][2]         0.0000000000 
_pdbx_struct_oper_list.matrix[3][3]         1.0000000000 
_pdbx_struct_oper_list.vector[3]            0.0000000000 
# 
_struct_biol.id   1 
# 
loop_
_struct_conf.conf_type_id 
_struct_conf.id 
_struct_conf.pdbx_PDB_helix_id 
_struct_conf.beg_label_comp_id 
_struct_conf.beg_label_asym_id 
_struct_conf.beg_label_seq_id 
_struct_conf.pdbx_beg_PDB_ins_code 
_struct_conf.end_label_comp_id 
_struct_conf.end_label_asym_id 
_struct_conf.end_label_seq_id 
_struct_conf.pdbx_end_PDB_ins_code 
_struct_conf.beg_auth_comp_id 
_struct_conf.beg_auth_asym_id 
_struct_conf.beg_auth_seq_id 
_struct_conf.end_auth_comp_id 
_struct_conf.end_auth_asym_id 
_struct_conf.end_auth_seq_id 
_struct_conf.pdbx_PDB_helix_class 
_struct_conf.details 
_struct_conf.pdbx_PDB_helix_length 
HELX_P HELX_P1 1 ASN A 45 ? THR A 49 ? ASN A 45 THR A 49 5 ? 5 
HELX_P HELX_P2 2 ASN A 87 ? ASN A 91 ? ASN A 87 ASN A 91 5 ? 5 
# 
_struct_conf_type.id          HELX_P 
_struct_conf_type.criteria    ? 
_struct_conf_type.reference   ? 
# 
loop_
_struct_conn.id 
_struct_conn.conn_type_id 
_struct_conn.pdbx_leaving_atom_flag 
_struct_conn.pdbx_PDB_id 
_struct_conn.ptnr1_label_asym_id 
_struct_conn.ptnr1_label_comp_id 
_struct_conn.ptnr1_label_seq_id 
_struct_conn.ptnr1_label_atom_id 
_struct_conn.pdbx_ptnr1_label_alt_id 
_struct_conn.pdbx_ptnr1_PDB_ins_code 
_struct_conn.pdbx_ptnr1_standard_comp_id 
_struct_conn.ptnr1_symmetry 
_struct_conn.ptnr2_label_asym_id 
_struct_conn.ptnr2_label_comp_id 
_struct_conn.ptnr2_label_seq_id 
_struct_conn.ptnr2_label_atom_id 
_struct_conn.pdbx_ptnr2_label_alt_id 
_struct_conn.pdbx_ptnr2_PDB_ins_code 
_struct_conn.ptnr1_auth_asym_id 
_struct_conn.ptnr1_auth_comp_id 
_struct_conn.ptnr1_auth_seq_id 
_struct_conn.ptnr2_auth_asym_id 
_struct_conn.ptnr2_auth_comp_id 
_struct_conn.ptnr2_auth_seq_id 
_struct_conn.ptnr2_symmetry 
_struct_conn.pdbx_ptnr3_label_atom_id 
_struct_conn.pdbx_ptnr3_label_seq_id 
_struct_conn.pdbx_ptnr3_label_comp_id 
_struct_conn.pdbx_ptnr3_label_asym_id 
_struct_conn.pdbx_ptnr3_label_alt_id 
_struct_conn.pdbx_ptnr3_PDB_ins_code 
_struct_conn.details 
_struct_conn.pdbx_dist_value 
_struct_conn.pdbx_value_order 
_struct_conn.pdbx_role 
disulf1  disulf ? ? A CYS 5   SG  ? ? ? 1_555 A CYS 15  SG ? ? A CYS 5   A CYS 15   1_555 ? ? ? ? ? ? ? 2.030 ? ? 
disulf2  disulf ? ? A CYS 9   SG  ? ? ? 1_555 A CYS 21  SG ? ? A CYS 9   A CYS 21   1_555 ? ? ? ? ? ? ? 2.025 ? ? 
disulf3  disulf ? ? A CYS 23  SG  ? ? ? 1_555 A CYS 41  SG ? ? A CYS 23  A CYS 41   1_555 ? ? ? ? ? ? ? 2.034 ? ? 
disulf4  disulf ? ? A CYS 47  SG  ? ? ? 1_555 A CYS 61  SG ? ? A CYS 47  A CYS 61   1_555 ? ? ? ? ? ? ? 2.033 ? ? 
disulf5  disulf ? ? A CYS 55  SG  ? ? ? 1_555 A CYS 70  SG ? ? A CYS 55  A CYS 70   1_555 ? ? ? ? ? ? ? 2.029 ? ? 
disulf6  disulf ? ? A CYS 72  SG  ? ? ? 1_555 A CYS 93  SG ? ? A CYS 72  A CYS 93   1_555 ? ? ? ? ? ? ? 2.029 ? ? 
disulf7  disulf ? ? A CYS 99  SG  ? ? ? 1_555 A CYS 112 SG ? ? A CYS 99  A CYS 112  1_555 ? ? ? ? ? ? ? 2.034 ? ? 
disulf8  disulf ? ? A CYS 106 SG  ? ? ? 1_555 A CYS 121 SG ? ? A CYS 106 A CYS 121  1_555 ? ? ? ? ? ? ? 2.032 ? ? 
disulf9  disulf ? ? A CYS 123 SG  ? ? ? 1_555 A CYS 142 SG ? ? A CYS 123 A CYS 142  1_555 ? ? ? ? ? ? ? 2.031 ? ? 
metalc1  metalc ? ? A ASP 43  OD1 ? ? ? 1_555 C BA  .   BA ? ? A ASP 43  A BA  156  1_555 ? ? ? ? ? ? ? 2.497 ? ? 
metalc2  metalc ? ? A ASP 43  OD2 ? ? ? 1_555 C BA  .   BA ? ? A ASP 43  A BA  156  1_555 ? ? ? ? ? ? ? 2.994 ? ? 
metalc3  metalc ? ? A ASP 43  OD2 ? ? ? 1_555 E CA  .   CA ? ? A ASP 43  A CA  158  1_555 ? ? ? ? ? ? ? 2.783 ? ? 
metalc4  metalc ? ? A ASP 43  OD1 ? ? ? 1_555 E CA  .   CA ? ? A ASP 43  A CA  158  1_555 ? ? ? ? ? ? ? 2.585 ? ? 
metalc5  metalc ? ? A ILE 44  O   ? ? ? 1_555 C BA  .   BA ? ? A ILE 44  A BA  156  1_555 ? ? ? ? ? ? ? 2.988 ? ? 
metalc6  metalc ? ? A ILE 44  O   ? ? ? 1_555 E CA  .   CA ? ? A ILE 44  A CA  158  1_555 ? ? ? ? ? ? ? 2.179 ? ? 
metalc7  metalc ? ? A GLU 46  OE1 ? ? ? 1_555 C BA  .   BA ? ? A GLU 46  A BA  156  1_555 ? ? ? ? ? ? ? 2.948 ? ? 
metalc8  metalc ? ? A GLU 46  OE1 ? ? ? 1_555 E CA  .   CA ? ? A GLU 46  A CA  158  1_555 ? ? ? ? ? ? ? 2.532 ? ? 
metalc9  metalc ? ? A ASN 63  OD1 ? ? ? 1_555 C BA  .   BA ? ? A ASN 63  A BA  156  1_555 ? ? ? ? ? ? ? 2.635 ? ? 
metalc10 metalc ? ? A ASN 63  OD1 ? ? ? 1_555 E CA  .   CA ? ? A ASN 63  A CA  158  1_555 ? ? ? ? ? ? ? 2.414 ? ? 
metalc11 metalc ? ? A THR 64  O   ? ? ? 1_555 C BA  .   BA ? ? A THR 64  A BA  156  1_555 ? ? ? ? ? ? ? 2.095 ? ? 
metalc12 metalc ? ? A THR 64  O   ? ? ? 1_555 E CA  .   CA ? ? A THR 64  A CA  158  1_555 ? ? ? ? ? ? ? 2.775 ? ? 
metalc13 metalc ? ? A GLY 66  N   ? ? ? 1_555 C BA  .   BA ? ? A GLY 66  A BA  156  1_555 ? ? ? ? ? ? ? 3.605 ? ? 
metalc14 metalc ? ? A SER 67  O   ? ? ? 1_555 C BA  .   BA ? ? A SER 67  A BA  156  1_555 ? ? ? ? ? ? ? 2.278 ? ? 
metalc15 metalc ? ? A SER 67  N   ? ? ? 1_555 C BA  .   BA ? ? A SER 67  A BA  156  1_555 ? ? ? ? ? ? ? 3.172 ? ? 
metalc16 metalc ? ? A SER 67  O   ? ? ? 1_555 E CA  .   CA ? ? A SER 67  A CA  158  1_555 ? ? ? ? ? ? ? 2.759 ? ? 
metalc17 metalc ? ? A ASP 95  OD1 ? ? ? 1_555 B BA  .   BA ? ? A ASP 95  A BA  155  1_555 ? ? ? ? ? ? ? 2.359 ? ? 
metalc18 metalc ? ? A ASP 95  OD2 ? ? ? 1_555 B BA  .   BA ? ? A ASP 95  A BA  155  1_555 ? ? ? ? ? ? ? 2.461 ? ? 
metalc19 metalc ? ? A ASP 95  OD1 ? ? ? 1_555 D CA  .   CA ? ? A ASP 95  A CA  157  1_555 ? ? ? ? ? ? ? 2.701 ? ? 
metalc20 metalc ? ? A ASP 95  OD2 ? ? ? 1_555 D CA  .   CA ? ? A ASP 95  A CA  157  1_555 ? ? ? ? ? ? ? 3.132 ? ? 
metalc21 metalc ? ? A VAL 96  O   ? ? ? 1_555 B BA  .   BA ? ? A VAL 96  A BA  155  1_555 ? ? ? ? ? ? ? 2.829 ? ? 
metalc22 metalc ? ? A VAL 96  O   ? ? ? 1_555 D CA  .   CA ? ? A VAL 96  A CA  157  1_555 ? ? ? ? ? ? ? 2.298 ? ? 
metalc23 metalc ? ? A GLU 98  OE2 ? ? ? 1_555 B BA  .   BA ? ? A GLU 98  A BA  155  1_555 ? ? ? ? ? ? ? 3.154 ? ? 
metalc24 metalc ? ? A GLU 98  OE2 ? ? ? 1_555 D CA  .   CA ? ? A GLU 98  A CA  157  1_555 ? ? ? ? ? ? ? 2.202 ? ? 
metalc25 metalc ? ? A ASN 114 OD1 ? ? ? 1_555 B BA  .   BA ? ? A ASN 114 A BA  155  1_555 ? ? ? ? ? ? ? 2.536 ? ? 
metalc26 metalc ? ? A ASN 114 ND2 ? ? ? 1_555 B BA  .   BA ? ? A ASN 114 A BA  155  1_555 ? ? ? ? ? ? ? 3.433 ? ? 
metalc27 metalc ? ? A ASN 114 OD1 ? ? ? 1_555 D CA  .   CA ? ? A ASN 114 A CA  157  1_555 ? ? ? ? ? ? ? 2.669 ? ? 
metalc28 metalc ? ? A THR 115 O   ? ? ? 1_555 B BA  .   BA ? ? A THR 115 A BA  155  1_555 ? ? ? ? ? ? ? 2.031 ? ? 
metalc29 metalc ? ? A THR 115 O   ? ? ? 1_555 D CA  .   CA ? ? A THR 115 A CA  157  1_555 ? ? ? ? ? ? ? 2.821 ? ? 
metalc30 metalc ? ? A SER 118 O   ? ? ? 1_555 B BA  .   BA ? ? A SER 118 A BA  155  1_555 ? ? ? ? ? ? ? 2.807 ? ? 
metalc31 metalc ? ? A SER 118 O   ? ? ? 1_555 D CA  .   CA ? ? A SER 118 A CA  157  1_555 ? ? ? ? ? ? ? 2.666 ? ? 
metalc32 metalc ? ? B BA  .   BA  ? ? ? 1_555 G HOH .   O  ? ? A BA  155 A HOH 2078 1_555 ? ? ? ? ? ? ? 2.867 ? ? 
metalc33 metalc ? ? C BA  .   BA  ? ? ? 1_555 G HOH .   O  ? ? A BA  156 A HOH 2048 1_555 ? ? ? ? ? ? ? 2.480 ? ? 
metalc34 metalc ? ? D CA  .   CA  ? ? ? 1_555 G HOH .   O  ? ? A CA  157 A HOH 2078 1_555 ? ? ? ? ? ? ? 2.216 ? ? 
metalc35 metalc ? ? E CA  .   CA  ? ? ? 1_555 G HOH .   O  ? ? A CA  158 A HOH 2048 1_555 ? ? ? ? ? ? ? 2.363 ? ? 
# 
loop_
_struct_conn_type.id 
_struct_conn_type.criteria 
_struct_conn_type.reference 
disulf ? ? 
metalc ? ? 
# 
loop_
_pdbx_struct_conn_angle.id 
_pdbx_struct_conn_angle.ptnr1_label_atom_id 
_pdbx_struct_conn_angle.ptnr1_label_alt_id 
_pdbx_struct_conn_angle.ptnr1_label_asym_id 
_pdbx_struct_conn_angle.ptnr1_label_comp_id 
_pdbx_struct_conn_angle.ptnr1_label_seq_id 
_pdbx_struct_conn_angle.ptnr1_auth_atom_id 
_pdbx_struct_conn_angle.ptnr1_auth_asym_id 
_pdbx_struct_conn_angle.ptnr1_auth_comp_id 
_pdbx_struct_conn_angle.ptnr1_auth_seq_id 
_pdbx_struct_conn_angle.ptnr1_PDB_ins_code 
_pdbx_struct_conn_angle.ptnr1_symmetry 
_pdbx_struct_conn_angle.ptnr2_label_atom_id 
_pdbx_struct_conn_angle.ptnr2_label_alt_id 
_pdbx_struct_conn_angle.ptnr2_label_asym_id 
_pdbx_struct_conn_angle.ptnr2_label_comp_id 
_pdbx_struct_conn_angle.ptnr2_label_seq_id 
_pdbx_struct_conn_angle.ptnr2_auth_atom_id 
_pdbx_struct_conn_angle.ptnr2_auth_asym_id 
_pdbx_struct_conn_angle.ptnr2_auth_comp_id 
_pdbx_struct_conn_angle.ptnr2_auth_seq_id 
_pdbx_struct_conn_angle.ptnr2_PDB_ins_code 
_pdbx_struct_conn_angle.ptnr2_symmetry 
_pdbx_struct_conn_angle.ptnr3_label_atom_id 
_pdbx_struct_conn_angle.ptnr3_label_alt_id 
_pdbx_struct_conn_angle.ptnr3_label_asym_id 
_pdbx_struct_conn_angle.ptnr3_label_comp_id 
_pdbx_struct_conn_angle.ptnr3_label_seq_id 
_pdbx_struct_conn_angle.ptnr3_auth_atom_id 
_pdbx_struct_conn_angle.ptnr3_auth_asym_id 
_pdbx_struct_conn_angle.ptnr3_auth_comp_id 
_pdbx_struct_conn_angle.ptnr3_auth_seq_id 
_pdbx_struct_conn_angle.ptnr3_PDB_ins_code 
_pdbx_struct_conn_angle.ptnr3_symmetry 
_pdbx_struct_conn_angle.value 
_pdbx_struct_conn_angle.value_esd 
1   OD1 ? A ASP 43  ? A ASP 43  ? 1_555 BA ? C BA . ? A BA 156 ? 1_555 OD2 ? A ASP 43  ? A ASP 43   ? 1_555 45.9  ? 
2   OD1 ? A ASP 43  ? A ASP 43  ? 1_555 BA ? C BA . ? A BA 156 ? 1_555 O   ? A ILE 44  ? A ILE 44   ? 1_555 78.5  ? 
3   OD2 ? A ASP 43  ? A ASP 43  ? 1_555 BA ? C BA . ? A BA 156 ? 1_555 O   ? A ILE 44  ? A ILE 44   ? 1_555 65.2  ? 
4   OD1 ? A ASP 43  ? A ASP 43  ? 1_555 BA ? C BA . ? A BA 156 ? 1_555 OE1 ? A GLU 46  ? A GLU 46   ? 1_555 128.6 ? 
5   OD2 ? A ASP 43  ? A ASP 43  ? 1_555 BA ? C BA . ? A BA 156 ? 1_555 OE1 ? A GLU 46  ? A GLU 46   ? 1_555 119.3 ? 
6   O   ? A ILE 44  ? A ILE 44  ? 1_555 BA ? C BA . ? A BA 156 ? 1_555 OE1 ? A GLU 46  ? A GLU 46   ? 1_555 57.0  ? 
7   OD1 ? A ASP 43  ? A ASP 43  ? 1_555 BA ? C BA . ? A BA 156 ? 1_555 OD1 ? A ASN 63  ? A ASN 63   ? 1_555 119.6 ? 
8   OD2 ? A ASP 43  ? A ASP 43  ? 1_555 BA ? C BA . ? A BA 156 ? 1_555 OD1 ? A ASN 63  ? A ASN 63   ? 1_555 73.7  ? 
9   O   ? A ILE 44  ? A ILE 44  ? 1_555 BA ? C BA . ? A BA 156 ? 1_555 OD1 ? A ASN 63  ? A ASN 63   ? 1_555 74.6  ? 
10  OE1 ? A GLU 46  ? A GLU 46  ? 1_555 BA ? C BA . ? A BA 156 ? 1_555 OD1 ? A ASN 63  ? A ASN 63   ? 1_555 74.8  ? 
11  OD1 ? A ASP 43  ? A ASP 43  ? 1_555 BA ? C BA . ? A BA 156 ? 1_555 O   ? A THR 64  ? A THR 64   ? 1_555 82.5  ? 
12  OD2 ? A ASP 43  ? A ASP 43  ? 1_555 BA ? C BA . ? A BA 156 ? 1_555 O   ? A THR 64  ? A THR 64   ? 1_555 77.4  ? 
13  O   ? A ILE 44  ? A ILE 44  ? 1_555 BA ? C BA . ? A BA 156 ? 1_555 O   ? A THR 64  ? A THR 64   ? 1_555 141.3 ? 
14  OE1 ? A GLU 46  ? A GLU 46  ? 1_555 BA ? C BA . ? A BA 156 ? 1_555 O   ? A THR 64  ? A THR 64   ? 1_555 148.6 ? 
15  OD1 ? A ASN 63  ? A ASN 63  ? 1_555 BA ? C BA . ? A BA 156 ? 1_555 O   ? A THR 64  ? A THR 64   ? 1_555 86.3  ? 
16  OD1 ? A ASP 43  ? A ASP 43  ? 1_555 BA ? C BA . ? A BA 156 ? 1_555 N   ? A GLY 66  ? A GLY 66   ? 1_555 51.7  ? 
17  OD2 ? A ASP 43  ? A ASP 43  ? 1_555 BA ? C BA . ? A BA 156 ? 1_555 N   ? A GLY 66  ? A GLY 66   ? 1_555 90.6  ? 
18  O   ? A ILE 44  ? A ILE 44  ? 1_555 BA ? C BA . ? A BA 156 ? 1_555 N   ? A GLY 66  ? A GLY 66   ? 1_555 123.6 ? 
19  OE1 ? A GLU 46  ? A GLU 46  ? 1_555 BA ? C BA . ? A BA 156 ? 1_555 N   ? A GLY 66  ? A GLY 66   ? 1_555 135.8 ? 
20  OD1 ? A ASN 63  ? A ASN 63  ? 1_555 BA ? C BA . ? A BA 156 ? 1_555 N   ? A GLY 66  ? A GLY 66   ? 1_555 148.8 ? 
21  O   ? A THR 64  ? A THR 64  ? 1_555 BA ? C BA . ? A BA 156 ? 1_555 N   ? A GLY 66  ? A GLY 66   ? 1_555 63.7  ? 
22  OD1 ? A ASP 43  ? A ASP 43  ? 1_555 BA ? C BA . ? A BA 156 ? 1_555 O   ? A SER 67  ? A SER 67   ? 1_555 154.2 ? 
23  OD2 ? A ASP 43  ? A ASP 43  ? 1_555 BA ? C BA . ? A BA 156 ? 1_555 O   ? A SER 67  ? A SER 67   ? 1_555 149.2 ? 
24  O   ? A ILE 44  ? A ILE 44  ? 1_555 BA ? C BA . ? A BA 156 ? 1_555 O   ? A SER 67  ? A SER 67   ? 1_555 124.6 ? 
25  OE1 ? A GLU 46  ? A GLU 46  ? 1_555 BA ? C BA . ? A BA 156 ? 1_555 O   ? A SER 67  ? A SER 67   ? 1_555 68.9  ? 
26  OD1 ? A ASN 63  ? A ASN 63  ? 1_555 BA ? C BA . ? A BA 156 ? 1_555 O   ? A SER 67  ? A SER 67   ? 1_555 81.1  ? 
27  O   ? A THR 64  ? A THR 64  ? 1_555 BA ? C BA . ? A BA 156 ? 1_555 O   ? A SER 67  ? A SER 67   ? 1_555 83.8  ? 
28  N   ? A GLY 66  ? A GLY 66  ? 1_555 BA ? C BA . ? A BA 156 ? 1_555 O   ? A SER 67  ? A SER 67   ? 1_555 102.6 ? 
29  OD1 ? A ASP 43  ? A ASP 43  ? 1_555 BA ? C BA . ? A BA 156 ? 1_555 N   ? A SER 67  ? A SER 67   ? 1_555 95.7  ? 
30  OD2 ? A ASP 43  ? A ASP 43  ? 1_555 BA ? C BA . ? A BA 156 ? 1_555 N   ? A SER 67  ? A SER 67   ? 1_555 137.3 ? 
31  O   ? A ILE 44  ? A ILE 44  ? 1_555 BA ? C BA . ? A BA 156 ? 1_555 N   ? A SER 67  ? A SER 67   ? 1_555 135.1 ? 
32  OE1 ? A GLU 46  ? A GLU 46  ? 1_555 BA ? C BA . ? A BA 156 ? 1_555 N   ? A SER 67  ? A SER 67   ? 1_555 98.5  ? 
33  OD1 ? A ASN 63  ? A ASN 63  ? 1_555 BA ? C BA . ? A BA 156 ? 1_555 N   ? A SER 67  ? A SER 67   ? 1_555 140.0 ? 
34  O   ? A THR 64  ? A THR 64  ? 1_555 BA ? C BA . ? A BA 156 ? 1_555 N   ? A SER 67  ? A SER 67   ? 1_555 79.9  ? 
35  N   ? A GLY 66  ? A GLY 66  ? 1_555 BA ? C BA . ? A BA 156 ? 1_555 N   ? A SER 67  ? A SER 67   ? 1_555 46.7  ? 
36  O   ? A SER 67  ? A SER 67  ? 1_555 BA ? C BA . ? A BA 156 ? 1_555 N   ? A SER 67  ? A SER 67   ? 1_555 60.3  ? 
37  OD1 ? A ASP 43  ? A ASP 43  ? 1_555 BA ? C BA . ? A BA 156 ? 1_555 O   ? G HOH .   ? A HOH 2048 ? 1_555 72.7  ? 
38  OD2 ? A ASP 43  ? A ASP 43  ? 1_555 BA ? C BA . ? A BA 156 ? 1_555 O   ? G HOH .   ? A HOH 2048 ? 1_555 105.3 ? 
39  O   ? A ILE 44  ? A ILE 44  ? 1_555 BA ? C BA . ? A BA 156 ? 1_555 O   ? G HOH .   ? A HOH 2048 ? 1_555 65.0  ? 
40  OE1 ? A GLU 46  ? A GLU 46  ? 1_555 BA ? C BA . ? A BA 156 ? 1_555 O   ? G HOH .   ? A HOH 2048 ? 1_555 66.3  ? 
41  OD1 ? A ASN 63  ? A ASN 63  ? 1_555 BA ? C BA . ? A BA 156 ? 1_555 O   ? G HOH .   ? A HOH 2048 ? 1_555 134.5 ? 
42  O   ? A THR 64  ? A THR 64  ? 1_555 BA ? C BA . ? A BA 156 ? 1_555 O   ? G HOH .   ? A HOH 2048 ? 1_555 138.8 ? 
43  N   ? A GLY 66  ? A GLY 66  ? 1_555 BA ? C BA . ? A BA 156 ? 1_555 O   ? G HOH .   ? A HOH 2048 ? 1_555 75.2  ? 
44  O   ? A SER 67  ? A SER 67  ? 1_555 BA ? C BA . ? A BA 156 ? 1_555 O   ? G HOH .   ? A HOH 2048 ? 1_555 104.9 ? 
45  N   ? A SER 67  ? A SER 67  ? 1_555 BA ? C BA . ? A BA 156 ? 1_555 O   ? G HOH .   ? A HOH 2048 ? 1_555 70.8  ? 
46  OD2 ? A ASP 43  ? A ASP 43  ? 1_555 CA ? E CA . ? A CA 158 ? 1_555 OD1 ? A ASP 43  ? A ASP 43   ? 1_555 47.9  ? 
47  OD2 ? A ASP 43  ? A ASP 43  ? 1_555 CA ? E CA . ? A CA 158 ? 1_555 O   ? A ILE 44  ? A ILE 44   ? 1_555 80.0  ? 
48  OD1 ? A ASP 43  ? A ASP 43  ? 1_555 CA ? E CA . ? A CA 158 ? 1_555 O   ? A ILE 44  ? A ILE 44   ? 1_555 93.9  ? 
49  OD2 ? A ASP 43  ? A ASP 43  ? 1_555 CA ? E CA . ? A CA 158 ? 1_555 OE1 ? A GLU 46  ? A GLU 46   ? 1_555 149.5 ? 
50  OD1 ? A ASP 43  ? A ASP 43  ? 1_555 CA ? E CA . ? A CA 158 ? 1_555 OE1 ? A GLU 46  ? A GLU 46   ? 1_555 147.3 ? 
51  O   ? A ILE 44  ? A ILE 44  ? 1_555 CA ? E CA . ? A CA 158 ? 1_555 OE1 ? A GLU 46  ? A GLU 46   ? 1_555 73.5  ? 
52  OD2 ? A ASP 43  ? A ASP 43  ? 1_555 CA ? E CA . ? A CA 158 ? 1_555 OD1 ? A ASN 63  ? A ASN 63   ? 1_555 81.0  ? 
53  OD1 ? A ASP 43  ? A ASP 43  ? 1_555 CA ? E CA . ? A CA 158 ? 1_555 OD1 ? A ASN 63  ? A ASN 63   ? 1_555 125.0 ? 
54  O   ? A ILE 44  ? A ILE 44  ? 1_555 CA ? E CA . ? A CA 158 ? 1_555 OD1 ? A ASN 63  ? A ASN 63   ? 1_555 96.1  ? 
55  OE1 ? A GLU 46  ? A GLU 46  ? 1_555 CA ? E CA . ? A CA 158 ? 1_555 OD1 ? A ASN 63  ? A ASN 63   ? 1_555 86.9  ? 
56  OD2 ? A ASP 43  ? A ASP 43  ? 1_555 CA ? E CA . ? A CA 158 ? 1_555 O   ? A THR 64  ? A THR 64   ? 1_555 71.8  ? 
57  OD1 ? A ASP 43  ? A ASP 43  ? 1_555 CA ? E CA . ? A CA 158 ? 1_555 O   ? A THR 64  ? A THR 64   ? 1_555 69.0  ? 
58  O   ? A ILE 44  ? A ILE 44  ? 1_555 CA ? E CA . ? A CA 158 ? 1_555 O   ? A THR 64  ? A THR 64   ? 1_555 151.6 ? 
59  OE1 ? A GLU 46  ? A GLU 46  ? 1_555 CA ? E CA . ? A CA 158 ? 1_555 O   ? A THR 64  ? A THR 64   ? 1_555 132.6 ? 
60  OD1 ? A ASN 63  ? A ASN 63  ? 1_555 CA ? E CA . ? A CA 158 ? 1_555 O   ? A THR 64  ? A THR 64   ? 1_555 77.4  ? 
61  OD2 ? A ASP 43  ? A ASP 43  ? 1_555 CA ? E CA . ? A CA 158 ? 1_555 O   ? A SER 67  ? A SER 67   ? 1_555 133.3 ? 
62  OD1 ? A ASP 43  ? A ASP 43  ? 1_555 CA ? E CA . ? A CA 158 ? 1_555 O   ? A SER 67  ? A SER 67   ? 1_555 121.1 ? 
63  O   ? A ILE 44  ? A ILE 44  ? 1_555 CA ? E CA . ? A CA 158 ? 1_555 O   ? A SER 67  ? A SER 67   ? 1_555 142.2 ? 
64  OE1 ? A GLU 46  ? A GLU 46  ? 1_555 CA ? E CA . ? A CA 158 ? 1_555 O   ? A SER 67  ? A SER 67   ? 1_555 69.1  ? 
65  OD1 ? A ASN 63  ? A ASN 63  ? 1_555 CA ? E CA . ? A CA 158 ? 1_555 O   ? A SER 67  ? A SER 67   ? 1_555 76.3  ? 
66  O   ? A THR 64  ? A THR 64  ? 1_555 CA ? E CA . ? A CA 158 ? 1_555 O   ? A SER 67  ? A SER 67   ? 1_555 63.8  ? 
67  OD2 ? A ASP 43  ? A ASP 43  ? 1_555 CA ? E CA . ? A CA 158 ? 1_555 O   ? G HOH .   ? A HOH 2048 ? 1_555 115.8 ? 
68  OD1 ? A ASP 43  ? A ASP 43  ? 1_555 CA ? E CA . ? A CA 158 ? 1_555 O   ? G HOH .   ? A HOH 2048 ? 1_555 73.0  ? 
69  O   ? A ILE 44  ? A ILE 44  ? 1_555 CA ? E CA . ? A CA 158 ? 1_555 O   ? G HOH .   ? A HOH 2048 ? 1_555 81.5  ? 
70  OE1 ? A GLU 46  ? A GLU 46  ? 1_555 CA ? E CA . ? A CA 158 ? 1_555 O   ? G HOH .   ? A HOH 2048 ? 1_555 75.3  ? 
71  OD1 ? A ASN 63  ? A ASN 63  ? 1_555 CA ? E CA . ? A CA 158 ? 1_555 O   ? G HOH .   ? A HOH 2048 ? 1_555 162.0 ? 
72  O   ? A THR 64  ? A THR 64  ? 1_555 CA ? E CA . ? A CA 158 ? 1_555 O   ? G HOH .   ? A HOH 2048 ? 1_555 112.8 ? 
73  O   ? A SER 67  ? A SER 67  ? 1_555 CA ? E CA . ? A CA 158 ? 1_555 O   ? G HOH .   ? A HOH 2048 ? 1_555 94.6  ? 
74  OD1 ? A ASP 95  ? A ASP 95  ? 1_555 BA ? B BA . ? A BA 155 ? 1_555 OD2 ? A ASP 95  ? A ASP 95   ? 1_555 53.8  ? 
75  OD1 ? A ASP 95  ? A ASP 95  ? 1_555 BA ? B BA . ? A BA 155 ? 1_555 O   ? A VAL 96  ? A VAL 96   ? 1_555 80.1  ? 
76  OD2 ? A ASP 95  ? A ASP 95  ? 1_555 BA ? B BA . ? A BA 155 ? 1_555 O   ? A VAL 96  ? A VAL 96   ? 1_555 74.3  ? 
77  OD1 ? A ASP 95  ? A ASP 95  ? 1_555 BA ? B BA . ? A BA 155 ? 1_555 OE2 ? A GLU 98  ? A GLU 98   ? 1_555 115.9 ? 
78  OD2 ? A ASP 95  ? A ASP 95  ? 1_555 BA ? B BA . ? A BA 155 ? 1_555 OE2 ? A GLU 98  ? A GLU 98   ? 1_555 127.5 ? 
79  O   ? A VAL 96  ? A VAL 96  ? 1_555 BA ? B BA . ? A BA 155 ? 1_555 OE2 ? A GLU 98  ? A GLU 98   ? 1_555 53.7  ? 
80  OD1 ? A ASP 95  ? A ASP 95  ? 1_555 BA ? B BA . ? A BA 155 ? 1_555 OD1 ? A ASN 114 ? A ASN 114  ? 1_555 150.3 ? 
81  OD2 ? A ASP 95  ? A ASP 95  ? 1_555 BA ? B BA . ? A BA 155 ? 1_555 OD1 ? A ASN 114 ? A ASN 114  ? 1_555 99.4  ? 
82  O   ? A VAL 96  ? A VAL 96  ? 1_555 BA ? B BA . ? A BA 155 ? 1_555 OD1 ? A ASN 114 ? A ASN 114  ? 1_555 80.3  ? 
83  OE2 ? A GLU 98  ? A GLU 98  ? 1_555 BA ? B BA . ? A BA 155 ? 1_555 OD1 ? A ASN 114 ? A ASN 114  ? 1_555 67.9  ? 
84  OD1 ? A ASP 95  ? A ASP 95  ? 1_555 BA ? B BA . ? A BA 155 ? 1_555 ND2 ? A ASN 114 ? A ASN 114  ? 1_555 118.4 ? 
85  OD2 ? A ASP 95  ? A ASP 95  ? 1_555 BA ? B BA . ? A BA 155 ? 1_555 ND2 ? A ASN 114 ? A ASN 114  ? 1_555 65.2  ? 
86  O   ? A VAL 96  ? A VAL 96  ? 1_555 BA ? B BA . ? A BA 155 ? 1_555 ND2 ? A ASN 114 ? A ASN 114  ? 1_555 91.8  ? 
87  OE2 ? A GLU 98  ? A GLU 98  ? 1_555 BA ? B BA . ? A BA 155 ? 1_555 ND2 ? A ASN 114 ? A ASN 114  ? 1_555 106.1 ? 
88  OD1 ? A ASN 114 ? A ASN 114 ? 1_555 BA ? B BA . ? A BA 155 ? 1_555 ND2 ? A ASN 114 ? A ASN 114  ? 1_555 40.6  ? 
89  OD1 ? A ASP 95  ? A ASP 95  ? 1_555 BA ? B BA . ? A BA 155 ? 1_555 O   ? A THR 115 ? A THR 115  ? 1_555 101.1 ? 
90  OD2 ? A ASP 95  ? A ASP 95  ? 1_555 BA ? B BA . ? A BA 155 ? 1_555 O   ? A THR 115 ? A THR 115  ? 1_555 105.1 ? 
91  O   ? A VAL 96  ? A VAL 96  ? 1_555 BA ? B BA . ? A BA 155 ? 1_555 O   ? A THR 115 ? A THR 115  ? 1_555 178.1 ? 
92  OE2 ? A GLU 98  ? A GLU 98  ? 1_555 BA ? B BA . ? A BA 155 ? 1_555 O   ? A THR 115 ? A THR 115  ? 1_555 126.5 ? 
93  OD1 ? A ASN 114 ? A ASN 114 ? 1_555 BA ? B BA . ? A BA 155 ? 1_555 O   ? A THR 115 ? A THR 115  ? 1_555 98.0  ? 
94  ND2 ? A ASN 114 ? A ASN 114 ? 1_555 BA ? B BA . ? A BA 155 ? 1_555 O   ? A THR 115 ? A THR 115  ? 1_555 86.3  ? 
95  OD1 ? A ASP 95  ? A ASP 95  ? 1_555 BA ? B BA . ? A BA 155 ? 1_555 O   ? A SER 118 ? A SER 118  ? 1_555 127.7 ? 
96  OD2 ? A ASP 95  ? A ASP 95  ? 1_555 BA ? B BA . ? A BA 155 ? 1_555 O   ? A SER 118 ? A SER 118  ? 1_555 166.4 ? 
97  O   ? A VAL 96  ? A VAL 96  ? 1_555 BA ? B BA . ? A BA 155 ? 1_555 O   ? A SER 118 ? A SER 118  ? 1_555 119.0 ? 
98  OE2 ? A GLU 98  ? A GLU 98  ? 1_555 BA ? B BA . ? A BA 155 ? 1_555 O   ? A SER 118 ? A SER 118  ? 1_555 65.5  ? 
99  OD1 ? A ASN 114 ? A ASN 114 ? 1_555 BA ? B BA . ? A BA 155 ? 1_555 O   ? A SER 118 ? A SER 118  ? 1_555 81.6  ? 
100 ND2 ? A ASN 114 ? A ASN 114 ? 1_555 BA ? B BA . ? A BA 155 ? 1_555 O   ? A SER 118 ? A SER 118  ? 1_555 109.6 ? 
101 O   ? A THR 115 ? A THR 115 ? 1_555 BA ? B BA . ? A BA 155 ? 1_555 O   ? A SER 118 ? A SER 118  ? 1_555 61.4  ? 
102 OD1 ? A ASP 95  ? A ASP 95  ? 1_555 BA ? B BA . ? A BA 155 ? 1_555 O   ? G HOH .   ? A HOH 2078 ? 1_555 63.3  ? 
103 OD2 ? A ASP 95  ? A ASP 95  ? 1_555 BA ? B BA . ? A BA 155 ? 1_555 O   ? G HOH .   ? A HOH 2078 ? 1_555 110.7 ? 
104 O   ? A VAL 96  ? A VAL 96  ? 1_555 BA ? B BA . ? A BA 155 ? 1_555 O   ? G HOH .   ? A HOH 2078 ? 1_555 69.0  ? 
105 OE2 ? A GLU 98  ? A GLU 98  ? 1_555 BA ? B BA . ? A BA 155 ? 1_555 O   ? G HOH .   ? A HOH 2078 ? 1_555 60.2  ? 
106 OD1 ? A ASN 114 ? A ASN 114 ? 1_555 BA ? B BA . ? A BA 155 ? 1_555 O   ? G HOH .   ? A HOH 2078 ? 1_555 128.1 ? 
107 ND2 ? A ASN 114 ? A ASN 114 ? 1_555 BA ? B BA . ? A BA 155 ? 1_555 O   ? G HOH .   ? A HOH 2078 ? 1_555 160.5 ? 
108 O   ? A THR 115 ? A THR 115 ? 1_555 BA ? B BA . ? A BA 155 ? 1_555 O   ? G HOH .   ? A HOH 2078 ? 1_555 112.8 ? 
109 O   ? A SER 118 ? A SER 118 ? 1_555 BA ? B BA . ? A BA 155 ? 1_555 O   ? G HOH .   ? A HOH 2078 ? 1_555 78.4  ? 
110 OD1 ? A ASP 95  ? A ASP 95  ? 1_555 CA ? D CA . ? A CA 157 ? 1_555 OD2 ? A ASP 95  ? A ASP 95   ? 1_555 43.1  ? 
111 OD1 ? A ASP 95  ? A ASP 95  ? 1_555 CA ? D CA . ? A CA 157 ? 1_555 O   ? A VAL 96  ? A VAL 96   ? 1_555 83.9  ? 
112 OD2 ? A ASP 95  ? A ASP 95  ? 1_555 CA ? D CA . ? A CA 157 ? 1_555 O   ? A VAL 96  ? A VAL 96   ? 1_555 70.5  ? 
113 OD1 ? A ASP 95  ? A ASP 95  ? 1_555 CA ? D CA . ? A CA 157 ? 1_555 OE2 ? A GLU 98  ? A GLU 98   ? 1_555 146.0 ? 
114 OD2 ? A ASP 95  ? A ASP 95  ? 1_555 CA ? D CA . ? A CA 157 ? 1_555 OE2 ? A GLU 98  ? A GLU 98   ? 1_555 141.5 ? 
115 O   ? A VAL 96  ? A VAL 96  ? 1_555 CA ? D CA . ? A CA 157 ? 1_555 OE2 ? A GLU 98  ? A GLU 98   ? 1_555 74.3  ? 
116 OD1 ? A ASP 95  ? A ASP 95  ? 1_555 CA ? D CA . ? A CA 157 ? 1_555 OD1 ? A ASN 114 ? A ASN 114  ? 1_555 123.6 ? 
117 OD2 ? A ASP 95  ? A ASP 95  ? 1_555 CA ? D CA . ? A CA 157 ? 1_555 OD1 ? A ASN 114 ? A ASN 114  ? 1_555 81.7  ? 
118 O   ? A VAL 96  ? A VAL 96  ? 1_555 CA ? D CA . ? A CA 157 ? 1_555 OD1 ? A ASN 114 ? A ASN 114  ? 1_555 88.2  ? 
119 OE2 ? A GLU 98  ? A GLU 98  ? 1_555 CA ? D CA . ? A CA 157 ? 1_555 OD1 ? A ASN 114 ? A ASN 114  ? 1_555 82.1  ? 
120 OD1 ? A ASP 95  ? A ASP 95  ? 1_555 CA ? D CA . ? A CA 157 ? 1_555 O   ? A THR 115 ? A THR 115  ? 1_555 75.9  ? 
121 OD2 ? A ASP 95  ? A ASP 95  ? 1_555 CA ? D CA . ? A CA 157 ? 1_555 O   ? A THR 115 ? A THR 115  ? 1_555 73.6  ? 
122 O   ? A VAL 96  ? A VAL 96  ? 1_555 CA ? D CA . ? A CA 157 ? 1_555 O   ? A THR 115 ? A THR 115  ? 1_555 143.1 ? 
123 OE2 ? A GLU 98  ? A GLU 98  ? 1_555 CA ? D CA . ? A CA 157 ? 1_555 O   ? A THR 115 ? A THR 115  ? 1_555 135.7 ? 
124 OD1 ? A ASN 114 ? A ASN 114 ? 1_555 CA ? D CA . ? A CA 157 ? 1_555 O   ? A THR 115 ? A THR 115  ? 1_555 78.2  ? 
125 OD1 ? A ASP 95  ? A ASP 95  ? 1_555 CA ? D CA . ? A CA 157 ? 1_555 O   ? A SER 118 ? A SER 118  ? 1_555 119.7 ? 
126 OD2 ? A ASP 95  ? A ASP 95  ? 1_555 CA ? D CA . ? A CA 157 ? 1_555 O   ? A SER 118 ? A SER 118  ? 1_555 128.7 ? 
127 O   ? A VAL 96  ? A VAL 96  ? 1_555 CA ? D CA . ? A CA 157 ? 1_555 O   ? A SER 118 ? A SER 118  ? 1_555 156.0 ? 
128 OE2 ? A GLU 98  ? A GLU 98  ? 1_555 CA ? D CA . ? A CA 157 ? 1_555 O   ? A SER 118 ? A SER 118  ? 1_555 82.7  ? 
129 OD1 ? A ASN 114 ? A ASN 114 ? 1_555 CA ? D CA . ? A CA 157 ? 1_555 O   ? A SER 118 ? A SER 118  ? 1_555 81.9  ? 
130 O   ? A THR 115 ? A THR 115 ? 1_555 CA ? D CA . ? A CA 157 ? 1_555 O   ? A SER 118 ? A SER 118  ? 1_555 55.5  ? 
131 OD1 ? A ASP 95  ? A ASP 95  ? 1_555 CA ? D CA . ? A CA 157 ? 1_555 O   ? G HOH .   ? A HOH 2078 ? 1_555 67.9  ? 
132 OD2 ? A ASP 95  ? A ASP 95  ? 1_555 CA ? D CA . ? A CA 157 ? 1_555 O   ? G HOH .   ? A HOH 2078 ? 1_555 109.1 ? 
133 O   ? A VAL 96  ? A VAL 96  ? 1_555 CA ? D CA . ? A CA 157 ? 1_555 O   ? G HOH .   ? A HOH 2078 ? 1_555 91.3  ? 
134 OE2 ? A GLU 98  ? A GLU 98  ? 1_555 CA ? D CA . ? A CA 157 ? 1_555 O   ? G HOH .   ? A HOH 2078 ? 1_555 86.5  ? 
135 OD1 ? A ASN 114 ? A ASN 114 ? 1_555 CA ? D CA . ? A CA 157 ? 1_555 O   ? G HOH .   ? A HOH 2078 ? 1_555 168.3 ? 
136 O   ? A THR 115 ? A THR 115 ? 1_555 CA ? D CA . ? A CA 157 ? 1_555 O   ? G HOH .   ? A HOH 2078 ? 1_555 108.6 ? 
137 O   ? A SER 118 ? A SER 118 ? 1_555 CA ? D CA . ? A CA 157 ? 1_555 O   ? G HOH .   ? A HOH 2078 ? 1_555 94.1  ? 
# 
loop_
_pdbx_modification_feature.ordinal 
_pdbx_modification_feature.label_comp_id 
_pdbx_modification_feature.label_asym_id 
_pdbx_modification_feature.label_seq_id 
_pdbx_modification_feature.label_alt_id 
_pdbx_modification_feature.modified_residue_label_comp_id 
_pdbx_modification_feature.modified_residue_label_asym_id 
_pdbx_modification_feature.modified_residue_label_seq_id 
_pdbx_modification_feature.modified_residue_label_alt_id 
_pdbx_modification_feature.auth_comp_id 
_pdbx_modification_feature.auth_asym_id 
_pdbx_modification_feature.auth_seq_id 
_pdbx_modification_feature.PDB_ins_code 
_pdbx_modification_feature.symmetry 
_pdbx_modification_feature.modified_residue_auth_comp_id 
_pdbx_modification_feature.modified_residue_auth_asym_id 
_pdbx_modification_feature.modified_residue_auth_seq_id 
_pdbx_modification_feature.modified_residue_PDB_ins_code 
_pdbx_modification_feature.modified_residue_symmetry 
_pdbx_modification_feature.comp_id_linking_atom 
_pdbx_modification_feature.modified_residue_id_linking_atom 
_pdbx_modification_feature.modified_residue_id 
_pdbx_modification_feature.ref_pcm_id 
_pdbx_modification_feature.ref_comp_id 
_pdbx_modification_feature.type 
_pdbx_modification_feature.category 
1 CYS A 5   ? CYS A 15  ? CYS A 5   ? 1_555 CYS A 15  ? 1_555 SG SG . . . None 'Disulfide bridge' 
2 CYS A 9   ? CYS A 21  ? CYS A 9   ? 1_555 CYS A 21  ? 1_555 SG SG . . . None 'Disulfide bridge' 
3 CYS A 23  ? CYS A 41  ? CYS A 23  ? 1_555 CYS A 41  ? 1_555 SG SG . . . None 'Disulfide bridge' 
4 CYS A 47  ? CYS A 61  ? CYS A 47  ? 1_555 CYS A 61  ? 1_555 SG SG . . . None 'Disulfide bridge' 
5 CYS A 55  ? CYS A 70  ? CYS A 55  ? 1_555 CYS A 70  ? 1_555 SG SG . . . None 'Disulfide bridge' 
6 CYS A 72  ? CYS A 93  ? CYS A 72  ? 1_555 CYS A 93  ? 1_555 SG SG . . . None 'Disulfide bridge' 
7 CYS A 99  ? CYS A 112 ? CYS A 99  ? 1_555 CYS A 112 ? 1_555 SG SG . . . None 'Disulfide bridge' 
8 CYS A 106 ? CYS A 121 ? CYS A 106 ? 1_555 CYS A 121 ? 1_555 SG SG . . . None 'Disulfide bridge' 
9 CYS A 123 ? CYS A 142 ? CYS A 123 ? 1_555 CYS A 142 ? 1_555 SG SG . . . None 'Disulfide bridge' 
# 
loop_
_struct_sheet.id 
_struct_sheet.type 
_struct_sheet.number_strands 
_struct_sheet.details 
AA ? 2 ? 
AB ? 2 ? 
AC ? 2 ? 
AD ? 2 ? 
AE ? 2 ? 
# 
loop_
_struct_sheet_order.sheet_id 
_struct_sheet_order.range_id_1 
_struct_sheet_order.range_id_2 
_struct_sheet_order.offset 
_struct_sheet_order.sense 
AA 1 2 ? anti-parallel 
AB 1 2 ? anti-parallel 
AC 1 2 ? anti-parallel 
AD 1 2 ? anti-parallel 
AE 1 2 ? anti-parallel 
# 
loop_
_struct_sheet_range.sheet_id 
_struct_sheet_range.id 
_struct_sheet_range.beg_label_comp_id 
_struct_sheet_range.beg_label_asym_id 
_struct_sheet_range.beg_label_seq_id 
_struct_sheet_range.pdbx_beg_PDB_ins_code 
_struct_sheet_range.end_label_comp_id 
_struct_sheet_range.end_label_asym_id 
_struct_sheet_range.end_label_seq_id 
_struct_sheet_range.pdbx_end_PDB_ins_code 
_struct_sheet_range.beg_auth_comp_id 
_struct_sheet_range.beg_auth_asym_id 
_struct_sheet_range.beg_auth_seq_id 
_struct_sheet_range.end_auth_comp_id 
_struct_sheet_range.end_auth_asym_id 
_struct_sheet_range.end_auth_seq_id 
AA 1 SER A 13  ? CYS A 15  ? SER A 13  CYS A 15  
AA 2 CYS A 21  ? CYS A 23  ? CYS A 21  CYS A 23  
AB 1 PHE A 27  ? SER A 28  ? PHE A 27  SER A 28  
AB 2 ASP A 42  ? ASP A 43  ? ASP A 42  ASP A 43  
AC 1 SER A 59  ? ASN A 63  ? SER A 59  ASN A 63  
AC 2 TYR A 68  ? CYS A 72  ? TYR A 68  CYS A 72  
AD 1 TYR A 76  ? PRO A 78  ? TYR A 76  PRO A 78  
AD 2 CYS A 93  ? ASP A 95  ? CYS A 93  ASP A 95  
AE 1 VAL A 111 ? ASN A 114 ? VAL A 111 ASN A 114 
AE 2 TYR A 119 ? ARG A 122 ? TYR A 119 ARG A 122 
# 
loop_
_pdbx_struct_sheet_hbond.sheet_id 
_pdbx_struct_sheet_hbond.range_id_1 
_pdbx_struct_sheet_hbond.range_id_2 
_pdbx_struct_sheet_hbond.range_1_label_atom_id 
_pdbx_struct_sheet_hbond.range_1_label_comp_id 
_pdbx_struct_sheet_hbond.range_1_label_asym_id 
_pdbx_struct_sheet_hbond.range_1_label_seq_id 
_pdbx_struct_sheet_hbond.range_1_PDB_ins_code 
_pdbx_struct_sheet_hbond.range_1_auth_atom_id 
_pdbx_struct_sheet_hbond.range_1_auth_comp_id 
_pdbx_struct_sheet_hbond.range_1_auth_asym_id 
_pdbx_struct_sheet_hbond.range_1_auth_seq_id 
_pdbx_struct_sheet_hbond.range_2_label_atom_id 
_pdbx_struct_sheet_hbond.range_2_label_comp_id 
_pdbx_struct_sheet_hbond.range_2_label_asym_id 
_pdbx_struct_sheet_hbond.range_2_label_seq_id 
_pdbx_struct_sheet_hbond.range_2_PDB_ins_code 
_pdbx_struct_sheet_hbond.range_2_auth_atom_id 
_pdbx_struct_sheet_hbond.range_2_auth_comp_id 
_pdbx_struct_sheet_hbond.range_2_auth_asym_id 
_pdbx_struct_sheet_hbond.range_2_auth_seq_id 
AA 1 2 N SER A 14  ? N SER A 14  O ARG A 22  ? O ARG A 22  
AB 1 2 N SER A 28  ? N SER A 28  O ASP A 42  ? O ASP A 42  
AC 1 2 N TRP A 62  ? N TRP A 62  O ASP A 69  ? O ASP A 69  
AD 1 2 N GLU A 77  ? N GLU A 77  O GLN A 94  ? O GLN A 94  
AE 1 2 N PHE A 113 ? N PHE A 113 O SER A 120 ? O SER A 120 
# 
loop_
_struct_site.id 
_struct_site.pdbx_evidence_code 
_struct_site.pdbx_auth_asym_id 
_struct_site.pdbx_auth_comp_id 
_struct_site.pdbx_auth_seq_id 
_struct_site.pdbx_auth_ins_code 
_struct_site.pdbx_num_residues 
_struct_site.details 
AC1 Software A BA  155  ? 8 'BINDING SITE FOR RESIDUE BA A 155'   
AC2 Software A BA  156  ? 9 'BINDING SITE FOR RESIDUE BA A 156'   
AC3 Software A CA  157  ? 8 'BINDING SITE FOR RESIDUE CA A 157'   
AC4 Software A CA  158  ? 8 'BINDING SITE FOR RESIDUE CA A 158'   
AC5 Software A CAC 1148 ? 7 'BINDING SITE FOR RESIDUE CAC A 1148' 
# 
loop_
_struct_site_gen.id 
_struct_site_gen.site_id 
_struct_site_gen.pdbx_num_res 
_struct_site_gen.label_comp_id 
_struct_site_gen.label_asym_id 
_struct_site_gen.label_seq_id 
_struct_site_gen.pdbx_auth_ins_code 
_struct_site_gen.auth_comp_id 
_struct_site_gen.auth_asym_id 
_struct_site_gen.auth_seq_id 
_struct_site_gen.label_atom_id 
_struct_site_gen.label_alt_id 
_struct_site_gen.symmetry 
_struct_site_gen.details 
1  AC1 8 ASP A 95  ? ASP A 95   . ? 1_555 ? 
2  AC1 8 VAL A 96  ? VAL A 96   . ? 1_555 ? 
3  AC1 8 GLU A 98  ? GLU A 98   . ? 1_555 ? 
4  AC1 8 ASN A 114 ? ASN A 114  . ? 1_555 ? 
5  AC1 8 THR A 115 ? THR A 115  . ? 1_555 ? 
6  AC1 8 SER A 118 ? SER A 118  . ? 1_555 ? 
7  AC1 8 CA  D .   ? CA  A 157  . ? 1_555 ? 
8  AC1 8 HOH G .   ? HOH A 2078 . ? 1_555 ? 
9  AC2 9 ASP A 43  ? ASP A 43   . ? 1_555 ? 
10 AC2 9 ILE A 44  ? ILE A 44   . ? 1_555 ? 
11 AC2 9 GLU A 46  ? GLU A 46   . ? 1_555 ? 
12 AC2 9 ASN A 63  ? ASN A 63   . ? 1_555 ? 
13 AC2 9 THR A 64  ? THR A 64   . ? 1_555 ? 
14 AC2 9 GLY A 66  ? GLY A 66   . ? 1_555 ? 
15 AC2 9 SER A 67  ? SER A 67   . ? 1_555 ? 
16 AC2 9 CA  E .   ? CA  A 158  . ? 1_555 ? 
17 AC2 9 HOH G .   ? HOH A 2048 . ? 1_555 ? 
18 AC3 8 ASP A 95  ? ASP A 95   . ? 1_555 ? 
19 AC3 8 VAL A 96  ? VAL A 96   . ? 1_555 ? 
20 AC3 8 GLU A 98  ? GLU A 98   . ? 1_555 ? 
21 AC3 8 ASN A 114 ? ASN A 114  . ? 1_555 ? 
22 AC3 8 THR A 115 ? THR A 115  . ? 1_555 ? 
23 AC3 8 SER A 118 ? SER A 118  . ? 1_555 ? 
24 AC3 8 BA  B .   ? BA  A 155  . ? 1_555 ? 
25 AC3 8 HOH G .   ? HOH A 2078 . ? 1_555 ? 
26 AC4 8 ASP A 43  ? ASP A 43   . ? 1_555 ? 
27 AC4 8 ILE A 44  ? ILE A 44   . ? 1_555 ? 
28 AC4 8 GLU A 46  ? GLU A 46   . ? 1_555 ? 
29 AC4 8 ASN A 63  ? ASN A 63   . ? 1_555 ? 
30 AC4 8 THR A 64  ? THR A 64   . ? 1_555 ? 
31 AC4 8 SER A 67  ? SER A 67   . ? 1_555 ? 
32 AC4 8 BA  C .   ? BA  A 156  . ? 1_555 ? 
33 AC4 8 HOH G .   ? HOH A 2048 . ? 1_555 ? 
34 AC5 7 GLU A 32  ? GLU A 32   . ? 3_556 ? 
35 AC5 7 GLY A 56  ? GLY A 56   . ? 1_555 ? 
36 AC5 7 PHE A 58  ? PHE A 58   . ? 1_555 ? 
37 AC5 7 SER A 59  ? SER A 59   . ? 1_555 ? 
38 AC5 7 ASP A 60  ? ASP A 60   . ? 1_555 ? 
39 AC5 7 HOH G .   ? HOH A 2103 . ? 1_555 ? 
40 AC5 7 HOH G .   ? HOH A 2104 . ? 1_555 ? 
# 
_pdbx_entry_details.entry_id                   2BOU 
_pdbx_entry_details.compound_details           ? 
_pdbx_entry_details.source_details             ? 
_pdbx_entry_details.nonpolymer_details         ? 
_pdbx_entry_details.sequence_details           
;THIS IS NCBI PROTSEQ ENTRY NP_690881.IT IS ALTERNATIVELY
SPLICED ISOFORM C OF THE GENE ID 30817 LOCUS TAG HGNC3337
OMIM 606100. THE ENTRY BELOW DESCRIBES EGF DOMAINS 1, 2
AND 5.
;
_pdbx_entry_details.has_ligand_of_interest     ? 
_pdbx_entry_details.has_protein_modification   Y 
# 
_pdbx_validate_close_contact.id               1 
_pdbx_validate_close_contact.PDB_model_num    1 
_pdbx_validate_close_contact.auth_atom_id_1   O 
_pdbx_validate_close_contact.auth_asym_id_1   A 
_pdbx_validate_close_contact.auth_comp_id_1   SER 
_pdbx_validate_close_contact.auth_seq_id_1    109 
_pdbx_validate_close_contact.PDB_ins_code_1   ? 
_pdbx_validate_close_contact.label_alt_id_1   ? 
_pdbx_validate_close_contact.auth_atom_id_2   O 
_pdbx_validate_close_contact.auth_asym_id_2   A 
_pdbx_validate_close_contact.auth_comp_id_2   HOH 
_pdbx_validate_close_contact.auth_seq_id_2    2085 
_pdbx_validate_close_contact.PDB_ins_code_2   ? 
_pdbx_validate_close_contact.label_alt_id_2   ? 
_pdbx_validate_close_contact.dist             2.14 
# 
loop_
_pdbx_validate_torsion.id 
_pdbx_validate_torsion.PDB_model_num 
_pdbx_validate_torsion.auth_comp_id 
_pdbx_validate_torsion.auth_asym_id 
_pdbx_validate_torsion.auth_seq_id 
_pdbx_validate_torsion.PDB_ins_code 
_pdbx_validate_torsion.label_alt_id 
_pdbx_validate_torsion.phi 
_pdbx_validate_torsion.psi 
1 1 ASN A 17  ? ? -164.12 -162.11 
2 1 SER A 67  ? ? -158.11 -153.06 
3 1 SER A 108 ? ? -55.78  -8.68   
4 1 SER A 118 ? ? -153.46 -155.94 
5 1 ARG A 124 ? ? -112.04 64.57   
6 1 PRO A 125 ? ? -60.91  57.71   
# 
_pdbx_validate_peptide_omega.id               1 
_pdbx_validate_peptide_omega.PDB_model_num    1 
_pdbx_validate_peptide_omega.auth_comp_id_1   ARG 
_pdbx_validate_peptide_omega.auth_asym_id_1   A 
_pdbx_validate_peptide_omega.auth_seq_id_1    124 
_pdbx_validate_peptide_omega.PDB_ins_code_1   ? 
_pdbx_validate_peptide_omega.label_alt_id_1   ? 
_pdbx_validate_peptide_omega.auth_comp_id_2   PRO 
_pdbx_validate_peptide_omega.auth_asym_id_2   A 
_pdbx_validate_peptide_omega.auth_seq_id_2    125 
_pdbx_validate_peptide_omega.PDB_ins_code_2   ? 
_pdbx_validate_peptide_omega.label_alt_id_2   ? 
_pdbx_validate_peptide_omega.omega            -88.14 
# 
_pdbx_validate_main_chain_plane.id                       1 
_pdbx_validate_main_chain_plane.PDB_model_num            1 
_pdbx_validate_main_chain_plane.auth_comp_id             ARG 
_pdbx_validate_main_chain_plane.auth_asym_id             A 
_pdbx_validate_main_chain_plane.auth_seq_id              124 
_pdbx_validate_main_chain_plane.PDB_ins_code             ? 
_pdbx_validate_main_chain_plane.label_alt_id             ? 
_pdbx_validate_main_chain_plane.improper_torsion_angle   -18.73 
# 
loop_
_pdbx_unobs_or_zero_occ_residues.id 
_pdbx_unobs_or_zero_occ_residues.PDB_model_num 
_pdbx_unobs_or_zero_occ_residues.polymer_flag 
_pdbx_unobs_or_zero_occ_residues.occupancy_flag 
_pdbx_unobs_or_zero_occ_residues.auth_asym_id 
_pdbx_unobs_or_zero_occ_residues.auth_comp_id 
_pdbx_unobs_or_zero_occ_residues.auth_seq_id 
_pdbx_unobs_or_zero_occ_residues.PDB_ins_code 
_pdbx_unobs_or_zero_occ_residues.label_asym_id 
_pdbx_unobs_or_zero_occ_residues.label_comp_id 
_pdbx_unobs_or_zero_occ_residues.label_seq_id 
1 1 Y 1 A ASP 1  ? A ASP 1  
2 1 Y 1 A SER 2  ? A SER 2  
3 1 Y 1 A LEU 50 ? A LEU 50 
4 1 Y 1 A SER 51 ? A SER 51 
5 1 Y 1 A LYS 52 ? A LYS 52 
6 1 Y 1 A VAL 53 ? A VAL 53 
# 
loop_
_chem_comp_atom.comp_id 
_chem_comp_atom.atom_id 
_chem_comp_atom.type_symbol 
_chem_comp_atom.pdbx_aromatic_flag 
_chem_comp_atom.pdbx_stereo_config 
_chem_comp_atom.pdbx_ordinal 
ALA N    N  N N 1   
ALA CA   C  N S 2   
ALA C    C  N N 3   
ALA O    O  N N 4   
ALA CB   C  N N 5   
ALA OXT  O  N N 6   
ALA H    H  N N 7   
ALA H2   H  N N 8   
ALA HA   H  N N 9   
ALA HB1  H  N N 10  
ALA HB2  H  N N 11  
ALA HB3  H  N N 12  
ALA HXT  H  N N 13  
ARG N    N  N N 14  
ARG CA   C  N S 15  
ARG C    C  N N 16  
ARG O    O  N N 17  
ARG CB   C  N N 18  
ARG CG   C  N N 19  
ARG CD   C  N N 20  
ARG NE   N  N N 21  
ARG CZ   C  N N 22  
ARG NH1  N  N N 23  
ARG NH2  N  N N 24  
ARG OXT  O  N N 25  
ARG H    H  N N 26  
ARG H2   H  N N 27  
ARG HA   H  N N 28  
ARG HB2  H  N N 29  
ARG HB3  H  N N 30  
ARG HG2  H  N N 31  
ARG HG3  H  N N 32  
ARG HD2  H  N N 33  
ARG HD3  H  N N 34  
ARG HE   H  N N 35  
ARG HH11 H  N N 36  
ARG HH12 H  N N 37  
ARG HH21 H  N N 38  
ARG HH22 H  N N 39  
ARG HXT  H  N N 40  
ASN N    N  N N 41  
ASN CA   C  N S 42  
ASN C    C  N N 43  
ASN O    O  N N 44  
ASN CB   C  N N 45  
ASN CG   C  N N 46  
ASN OD1  O  N N 47  
ASN ND2  N  N N 48  
ASN OXT  O  N N 49  
ASN H    H  N N 50  
ASN H2   H  N N 51  
ASN HA   H  N N 52  
ASN HB2  H  N N 53  
ASN HB3  H  N N 54  
ASN HD21 H  N N 55  
ASN HD22 H  N N 56  
ASN HXT  H  N N 57  
ASP N    N  N N 58  
ASP CA   C  N S 59  
ASP C    C  N N 60  
ASP O    O  N N 61  
ASP CB   C  N N 62  
ASP CG   C  N N 63  
ASP OD1  O  N N 64  
ASP OD2  O  N N 65  
ASP OXT  O  N N 66  
ASP H    H  N N 67  
ASP H2   H  N N 68  
ASP HA   H  N N 69  
ASP HB2  H  N N 70  
ASP HB3  H  N N 71  
ASP HD2  H  N N 72  
ASP HXT  H  N N 73  
BA  BA   BA N N 74  
CA  CA   CA N N 75  
CAC AS   AS N N 76  
CAC O1   O  N N 77  
CAC O2   O  N N 78  
CAC C1   C  N N 79  
CAC C2   C  N N 80  
CAC H11  H  N N 81  
CAC H12  H  N N 82  
CAC H13  H  N N 83  
CAC H21  H  N N 84  
CAC H22  H  N N 85  
CAC H23  H  N N 86  
CYS N    N  N N 87  
CYS CA   C  N R 88  
CYS C    C  N N 89  
CYS O    O  N N 90  
CYS CB   C  N N 91  
CYS SG   S  N N 92  
CYS OXT  O  N N 93  
CYS H    H  N N 94  
CYS H2   H  N N 95  
CYS HA   H  N N 96  
CYS HB2  H  N N 97  
CYS HB3  H  N N 98  
CYS HG   H  N N 99  
CYS HXT  H  N N 100 
GLN N    N  N N 101 
GLN CA   C  N S 102 
GLN C    C  N N 103 
GLN O    O  N N 104 
GLN CB   C  N N 105 
GLN CG   C  N N 106 
GLN CD   C  N N 107 
GLN OE1  O  N N 108 
GLN NE2  N  N N 109 
GLN OXT  O  N N 110 
GLN H    H  N N 111 
GLN H2   H  N N 112 
GLN HA   H  N N 113 
GLN HB2  H  N N 114 
GLN HB3  H  N N 115 
GLN HG2  H  N N 116 
GLN HG3  H  N N 117 
GLN HE21 H  N N 118 
GLN HE22 H  N N 119 
GLN HXT  H  N N 120 
GLU N    N  N N 121 
GLU CA   C  N S 122 
GLU C    C  N N 123 
GLU O    O  N N 124 
GLU CB   C  N N 125 
GLU CG   C  N N 126 
GLU CD   C  N N 127 
GLU OE1  O  N N 128 
GLU OE2  O  N N 129 
GLU OXT  O  N N 130 
GLU H    H  N N 131 
GLU H2   H  N N 132 
GLU HA   H  N N 133 
GLU HB2  H  N N 134 
GLU HB3  H  N N 135 
GLU HG2  H  N N 136 
GLU HG3  H  N N 137 
GLU HE2  H  N N 138 
GLU HXT  H  N N 139 
GLY N    N  N N 140 
GLY CA   C  N N 141 
GLY C    C  N N 142 
GLY O    O  N N 143 
GLY OXT  O  N N 144 
GLY H    H  N N 145 
GLY H2   H  N N 146 
GLY HA2  H  N N 147 
GLY HA3  H  N N 148 
GLY HXT  H  N N 149 
HIS N    N  N N 150 
HIS CA   C  N S 151 
HIS C    C  N N 152 
HIS O    O  N N 153 
HIS CB   C  N N 154 
HIS CG   C  Y N 155 
HIS ND1  N  Y N 156 
HIS CD2  C  Y N 157 
HIS CE1  C  Y N 158 
HIS NE2  N  Y N 159 
HIS OXT  O  N N 160 
HIS H    H  N N 161 
HIS H2   H  N N 162 
HIS HA   H  N N 163 
HIS HB2  H  N N 164 
HIS HB3  H  N N 165 
HIS HD1  H  N N 166 
HIS HD2  H  N N 167 
HIS HE1  H  N N 168 
HIS HE2  H  N N 169 
HIS HXT  H  N N 170 
HOH O    O  N N 171 
HOH H1   H  N N 172 
HOH H2   H  N N 173 
ILE N    N  N N 174 
ILE CA   C  N S 175 
ILE C    C  N N 176 
ILE O    O  N N 177 
ILE CB   C  N S 178 
ILE CG1  C  N N 179 
ILE CG2  C  N N 180 
ILE CD1  C  N N 181 
ILE OXT  O  N N 182 
ILE H    H  N N 183 
ILE H2   H  N N 184 
ILE HA   H  N N 185 
ILE HB   H  N N 186 
ILE HG12 H  N N 187 
ILE HG13 H  N N 188 
ILE HG21 H  N N 189 
ILE HG22 H  N N 190 
ILE HG23 H  N N 191 
ILE HD11 H  N N 192 
ILE HD12 H  N N 193 
ILE HD13 H  N N 194 
ILE HXT  H  N N 195 
LEU N    N  N N 196 
LEU CA   C  N S 197 
LEU C    C  N N 198 
LEU O    O  N N 199 
LEU CB   C  N N 200 
LEU CG   C  N N 201 
LEU CD1  C  N N 202 
LEU CD2  C  N N 203 
LEU OXT  O  N N 204 
LEU H    H  N N 205 
LEU H2   H  N N 206 
LEU HA   H  N N 207 
LEU HB2  H  N N 208 
LEU HB3  H  N N 209 
LEU HG   H  N N 210 
LEU HD11 H  N N 211 
LEU HD12 H  N N 212 
LEU HD13 H  N N 213 
LEU HD21 H  N N 214 
LEU HD22 H  N N 215 
LEU HD23 H  N N 216 
LEU HXT  H  N N 217 
LYS N    N  N N 218 
LYS CA   C  N S 219 
LYS C    C  N N 220 
LYS O    O  N N 221 
LYS CB   C  N N 222 
LYS CG   C  N N 223 
LYS CD   C  N N 224 
LYS CE   C  N N 225 
LYS NZ   N  N N 226 
LYS OXT  O  N N 227 
LYS H    H  N N 228 
LYS H2   H  N N 229 
LYS HA   H  N N 230 
LYS HB2  H  N N 231 
LYS HB3  H  N N 232 
LYS HG2  H  N N 233 
LYS HG3  H  N N 234 
LYS HD2  H  N N 235 
LYS HD3  H  N N 236 
LYS HE2  H  N N 237 
LYS HE3  H  N N 238 
LYS HZ1  H  N N 239 
LYS HZ2  H  N N 240 
LYS HZ3  H  N N 241 
LYS HXT  H  N N 242 
MET N    N  N N 243 
MET CA   C  N S 244 
MET C    C  N N 245 
MET O    O  N N 246 
MET CB   C  N N 247 
MET CG   C  N N 248 
MET SD   S  N N 249 
MET CE   C  N N 250 
MET OXT  O  N N 251 
MET H    H  N N 252 
MET H2   H  N N 253 
MET HA   H  N N 254 
MET HB2  H  N N 255 
MET HB3  H  N N 256 
MET HG2  H  N N 257 
MET HG3  H  N N 258 
MET HE1  H  N N 259 
MET HE2  H  N N 260 
MET HE3  H  N N 261 
MET HXT  H  N N 262 
PHE N    N  N N 263 
PHE CA   C  N S 264 
PHE C    C  N N 265 
PHE O    O  N N 266 
PHE CB   C  N N 267 
PHE CG   C  Y N 268 
PHE CD1  C  Y N 269 
PHE CD2  C  Y N 270 
PHE CE1  C  Y N 271 
PHE CE2  C  Y N 272 
PHE CZ   C  Y N 273 
PHE OXT  O  N N 274 
PHE H    H  N N 275 
PHE H2   H  N N 276 
PHE HA   H  N N 277 
PHE HB2  H  N N 278 
PHE HB3  H  N N 279 
PHE HD1  H  N N 280 
PHE HD2  H  N N 281 
PHE HE1  H  N N 282 
PHE HE2  H  N N 283 
PHE HZ   H  N N 284 
PHE HXT  H  N N 285 
PRO N    N  N N 286 
PRO CA   C  N S 287 
PRO C    C  N N 288 
PRO O    O  N N 289 
PRO CB   C  N N 290 
PRO CG   C  N N 291 
PRO CD   C  N N 292 
PRO OXT  O  N N 293 
PRO H    H  N N 294 
PRO HA   H  N N 295 
PRO HB2  H  N N 296 
PRO HB3  H  N N 297 
PRO HG2  H  N N 298 
PRO HG3  H  N N 299 
PRO HD2  H  N N 300 
PRO HD3  H  N N 301 
PRO HXT  H  N N 302 
SER N    N  N N 303 
SER CA   C  N S 304 
SER C    C  N N 305 
SER O    O  N N 306 
SER CB   C  N N 307 
SER OG   O  N N 308 
SER OXT  O  N N 309 
SER H    H  N N 310 
SER H2   H  N N 311 
SER HA   H  N N 312 
SER HB2  H  N N 313 
SER HB3  H  N N 314 
SER HG   H  N N 315 
SER HXT  H  N N 316 
THR N    N  N N 317 
THR CA   C  N S 318 
THR C    C  N N 319 
THR O    O  N N 320 
THR CB   C  N R 321 
THR OG1  O  N N 322 
THR CG2  C  N N 323 
THR OXT  O  N N 324 
THR H    H  N N 325 
THR H2   H  N N 326 
THR HA   H  N N 327 
THR HB   H  N N 328 
THR HG1  H  N N 329 
THR HG21 H  N N 330 
THR HG22 H  N N 331 
THR HG23 H  N N 332 
THR HXT  H  N N 333 
TRP N    N  N N 334 
TRP CA   C  N S 335 
TRP C    C  N N 336 
TRP O    O  N N 337 
TRP CB   C  N N 338 
TRP CG   C  Y N 339 
TRP CD1  C  Y N 340 
TRP CD2  C  Y N 341 
TRP NE1  N  Y N 342 
TRP CE2  C  Y N 343 
TRP CE3  C  Y N 344 
TRP CZ2  C  Y N 345 
TRP CZ3  C  Y N 346 
TRP CH2  C  Y N 347 
TRP OXT  O  N N 348 
TRP H    H  N N 349 
TRP H2   H  N N 350 
TRP HA   H  N N 351 
TRP HB2  H  N N 352 
TRP HB3  H  N N 353 
TRP HD1  H  N N 354 
TRP HE1  H  N N 355 
TRP HE3  H  N N 356 
TRP HZ2  H  N N 357 
TRP HZ3  H  N N 358 
TRP HH2  H  N N 359 
TRP HXT  H  N N 360 
TYR N    N  N N 361 
TYR CA   C  N S 362 
TYR C    C  N N 363 
TYR O    O  N N 364 
TYR CB   C  N N 365 
TYR CG   C  Y N 366 
TYR CD1  C  Y N 367 
TYR CD2  C  Y N 368 
TYR CE1  C  Y N 369 
TYR CE2  C  Y N 370 
TYR CZ   C  Y N 371 
TYR OH   O  N N 372 
TYR OXT  O  N N 373 
TYR H    H  N N 374 
TYR H2   H  N N 375 
TYR HA   H  N N 376 
TYR HB2  H  N N 377 
TYR HB3  H  N N 378 
TYR HD1  H  N N 379 
TYR HD2  H  N N 380 
TYR HE1  H  N N 381 
TYR HE2  H  N N 382 
TYR HH   H  N N 383 
TYR HXT  H  N N 384 
VAL N    N  N N 385 
VAL CA   C  N S 386 
VAL C    C  N N 387 
VAL O    O  N N 388 
VAL CB   C  N N 389 
VAL CG1  C  N N 390 
VAL CG2  C  N N 391 
VAL OXT  O  N N 392 
VAL H    H  N N 393 
VAL H2   H  N N 394 
VAL HA   H  N N 395 
VAL HB   H  N N 396 
VAL HG11 H  N N 397 
VAL HG12 H  N N 398 
VAL HG13 H  N N 399 
VAL HG21 H  N N 400 
VAL HG22 H  N N 401 
VAL HG23 H  N N 402 
VAL HXT  H  N N 403 
# 
loop_
_chem_comp_bond.comp_id 
_chem_comp_bond.atom_id_1 
_chem_comp_bond.atom_id_2 
_chem_comp_bond.value_order 
_chem_comp_bond.pdbx_aromatic_flag 
_chem_comp_bond.pdbx_stereo_config 
_chem_comp_bond.pdbx_ordinal 
ALA N   CA   sing N N 1   
ALA N   H    sing N N 2   
ALA N   H2   sing N N 3   
ALA CA  C    sing N N 4   
ALA CA  CB   sing N N 5   
ALA CA  HA   sing N N 6   
ALA C   O    doub N N 7   
ALA C   OXT  sing N N 8   
ALA CB  HB1  sing N N 9   
ALA CB  HB2  sing N N 10  
ALA CB  HB3  sing N N 11  
ALA OXT HXT  sing N N 12  
ARG N   CA   sing N N 13  
ARG N   H    sing N N 14  
ARG N   H2   sing N N 15  
ARG CA  C    sing N N 16  
ARG CA  CB   sing N N 17  
ARG CA  HA   sing N N 18  
ARG C   O    doub N N 19  
ARG C   OXT  sing N N 20  
ARG CB  CG   sing N N 21  
ARG CB  HB2  sing N N 22  
ARG CB  HB3  sing N N 23  
ARG CG  CD   sing N N 24  
ARG CG  HG2  sing N N 25  
ARG CG  HG3  sing N N 26  
ARG CD  NE   sing N N 27  
ARG CD  HD2  sing N N 28  
ARG CD  HD3  sing N N 29  
ARG NE  CZ   sing N N 30  
ARG NE  HE   sing N N 31  
ARG CZ  NH1  sing N N 32  
ARG CZ  NH2  doub N N 33  
ARG NH1 HH11 sing N N 34  
ARG NH1 HH12 sing N N 35  
ARG NH2 HH21 sing N N 36  
ARG NH2 HH22 sing N N 37  
ARG OXT HXT  sing N N 38  
ASN N   CA   sing N N 39  
ASN N   H    sing N N 40  
ASN N   H2   sing N N 41  
ASN CA  C    sing N N 42  
ASN CA  CB   sing N N 43  
ASN CA  HA   sing N N 44  
ASN C   O    doub N N 45  
ASN C   OXT  sing N N 46  
ASN CB  CG   sing N N 47  
ASN CB  HB2  sing N N 48  
ASN CB  HB3  sing N N 49  
ASN CG  OD1  doub N N 50  
ASN CG  ND2  sing N N 51  
ASN ND2 HD21 sing N N 52  
ASN ND2 HD22 sing N N 53  
ASN OXT HXT  sing N N 54  
ASP N   CA   sing N N 55  
ASP N   H    sing N N 56  
ASP N   H2   sing N N 57  
ASP CA  C    sing N N 58  
ASP CA  CB   sing N N 59  
ASP CA  HA   sing N N 60  
ASP C   O    doub N N 61  
ASP C   OXT  sing N N 62  
ASP CB  CG   sing N N 63  
ASP CB  HB2  sing N N 64  
ASP CB  HB3  sing N N 65  
ASP CG  OD1  doub N N 66  
ASP CG  OD2  sing N N 67  
ASP OD2 HD2  sing N N 68  
ASP OXT HXT  sing N N 69  
CAC AS  O1   doub N N 70  
CAC AS  O2   sing N N 71  
CAC AS  C1   sing N N 72  
CAC AS  C2   sing N N 73  
CAC C1  H11  sing N N 74  
CAC C1  H12  sing N N 75  
CAC C1  H13  sing N N 76  
CAC C2  H21  sing N N 77  
CAC C2  H22  sing N N 78  
CAC C2  H23  sing N N 79  
CYS N   CA   sing N N 80  
CYS N   H    sing N N 81  
CYS N   H2   sing N N 82  
CYS CA  C    sing N N 83  
CYS CA  CB   sing N N 84  
CYS CA  HA   sing N N 85  
CYS C   O    doub N N 86  
CYS C   OXT  sing N N 87  
CYS CB  SG   sing N N 88  
CYS CB  HB2  sing N N 89  
CYS CB  HB3  sing N N 90  
CYS SG  HG   sing N N 91  
CYS OXT HXT  sing N N 92  
GLN N   CA   sing N N 93  
GLN N   H    sing N N 94  
GLN N   H2   sing N N 95  
GLN CA  C    sing N N 96  
GLN CA  CB   sing N N 97  
GLN CA  HA   sing N N 98  
GLN C   O    doub N N 99  
GLN C   OXT  sing N N 100 
GLN CB  CG   sing N N 101 
GLN CB  HB2  sing N N 102 
GLN CB  HB3  sing N N 103 
GLN CG  CD   sing N N 104 
GLN CG  HG2  sing N N 105 
GLN CG  HG3  sing N N 106 
GLN CD  OE1  doub N N 107 
GLN CD  NE2  sing N N 108 
GLN NE2 HE21 sing N N 109 
GLN NE2 HE22 sing N N 110 
GLN OXT HXT  sing N N 111 
GLU N   CA   sing N N 112 
GLU N   H    sing N N 113 
GLU N   H2   sing N N 114 
GLU CA  C    sing N N 115 
GLU CA  CB   sing N N 116 
GLU CA  HA   sing N N 117 
GLU C   O    doub N N 118 
GLU C   OXT  sing N N 119 
GLU CB  CG   sing N N 120 
GLU CB  HB2  sing N N 121 
GLU CB  HB3  sing N N 122 
GLU CG  CD   sing N N 123 
GLU CG  HG2  sing N N 124 
GLU CG  HG3  sing N N 125 
GLU CD  OE1  doub N N 126 
GLU CD  OE2  sing N N 127 
GLU OE2 HE2  sing N N 128 
GLU OXT HXT  sing N N 129 
GLY N   CA   sing N N 130 
GLY N   H    sing N N 131 
GLY N   H2   sing N N 132 
GLY CA  C    sing N N 133 
GLY CA  HA2  sing N N 134 
GLY CA  HA3  sing N N 135 
GLY C   O    doub N N 136 
GLY C   OXT  sing N N 137 
GLY OXT HXT  sing N N 138 
HIS N   CA   sing N N 139 
HIS N   H    sing N N 140 
HIS N   H2   sing N N 141 
HIS CA  C    sing N N 142 
HIS CA  CB   sing N N 143 
HIS CA  HA   sing N N 144 
HIS C   O    doub N N 145 
HIS C   OXT  sing N N 146 
HIS CB  CG   sing N N 147 
HIS CB  HB2  sing N N 148 
HIS CB  HB3  sing N N 149 
HIS CG  ND1  sing Y N 150 
HIS CG  CD2  doub Y N 151 
HIS ND1 CE1  doub Y N 152 
HIS ND1 HD1  sing N N 153 
HIS CD2 NE2  sing Y N 154 
HIS CD2 HD2  sing N N 155 
HIS CE1 NE2  sing Y N 156 
HIS CE1 HE1  sing N N 157 
HIS NE2 HE2  sing N N 158 
HIS OXT HXT  sing N N 159 
HOH O   H1   sing N N 160 
HOH O   H2   sing N N 161 
ILE N   CA   sing N N 162 
ILE N   H    sing N N 163 
ILE N   H2   sing N N 164 
ILE CA  C    sing N N 165 
ILE CA  CB   sing N N 166 
ILE CA  HA   sing N N 167 
ILE C   O    doub N N 168 
ILE C   OXT  sing N N 169 
ILE CB  CG1  sing N N 170 
ILE CB  CG2  sing N N 171 
ILE CB  HB   sing N N 172 
ILE CG1 CD1  sing N N 173 
ILE CG1 HG12 sing N N 174 
ILE CG1 HG13 sing N N 175 
ILE CG2 HG21 sing N N 176 
ILE CG2 HG22 sing N N 177 
ILE CG2 HG23 sing N N 178 
ILE CD1 HD11 sing N N 179 
ILE CD1 HD12 sing N N 180 
ILE CD1 HD13 sing N N 181 
ILE OXT HXT  sing N N 182 
LEU N   CA   sing N N 183 
LEU N   H    sing N N 184 
LEU N   H2   sing N N 185 
LEU CA  C    sing N N 186 
LEU CA  CB   sing N N 187 
LEU CA  HA   sing N N 188 
LEU C   O    doub N N 189 
LEU C   OXT  sing N N 190 
LEU CB  CG   sing N N 191 
LEU CB  HB2  sing N N 192 
LEU CB  HB3  sing N N 193 
LEU CG  CD1  sing N N 194 
LEU CG  CD2  sing N N 195 
LEU CG  HG   sing N N 196 
LEU CD1 HD11 sing N N 197 
LEU CD1 HD12 sing N N 198 
LEU CD1 HD13 sing N N 199 
LEU CD2 HD21 sing N N 200 
LEU CD2 HD22 sing N N 201 
LEU CD2 HD23 sing N N 202 
LEU OXT HXT  sing N N 203 
LYS N   CA   sing N N 204 
LYS N   H    sing N N 205 
LYS N   H2   sing N N 206 
LYS CA  C    sing N N 207 
LYS CA  CB   sing N N 208 
LYS CA  HA   sing N N 209 
LYS C   O    doub N N 210 
LYS C   OXT  sing N N 211 
LYS CB  CG   sing N N 212 
LYS CB  HB2  sing N N 213 
LYS CB  HB3  sing N N 214 
LYS CG  CD   sing N N 215 
LYS CG  HG2  sing N N 216 
LYS CG  HG3  sing N N 217 
LYS CD  CE   sing N N 218 
LYS CD  HD2  sing N N 219 
LYS CD  HD3  sing N N 220 
LYS CE  NZ   sing N N 221 
LYS CE  HE2  sing N N 222 
LYS CE  HE3  sing N N 223 
LYS NZ  HZ1  sing N N 224 
LYS NZ  HZ2  sing N N 225 
LYS NZ  HZ3  sing N N 226 
LYS OXT HXT  sing N N 227 
MET N   CA   sing N N 228 
MET N   H    sing N N 229 
MET N   H2   sing N N 230 
MET CA  C    sing N N 231 
MET CA  CB   sing N N 232 
MET CA  HA   sing N N 233 
MET C   O    doub N N 234 
MET C   OXT  sing N N 235 
MET CB  CG   sing N N 236 
MET CB  HB2  sing N N 237 
MET CB  HB3  sing N N 238 
MET CG  SD   sing N N 239 
MET CG  HG2  sing N N 240 
MET CG  HG3  sing N N 241 
MET SD  CE   sing N N 242 
MET CE  HE1  sing N N 243 
MET CE  HE2  sing N N 244 
MET CE  HE3  sing N N 245 
MET OXT HXT  sing N N 246 
PHE N   CA   sing N N 247 
PHE N   H    sing N N 248 
PHE N   H2   sing N N 249 
PHE CA  C    sing N N 250 
PHE CA  CB   sing N N 251 
PHE CA  HA   sing N N 252 
PHE C   O    doub N N 253 
PHE C   OXT  sing N N 254 
PHE CB  CG   sing N N 255 
PHE CB  HB2  sing N N 256 
PHE CB  HB3  sing N N 257 
PHE CG  CD1  doub Y N 258 
PHE CG  CD2  sing Y N 259 
PHE CD1 CE1  sing Y N 260 
PHE CD1 HD1  sing N N 261 
PHE CD2 CE2  doub Y N 262 
PHE CD2 HD2  sing N N 263 
PHE CE1 CZ   doub Y N 264 
PHE CE1 HE1  sing N N 265 
PHE CE2 CZ   sing Y N 266 
PHE CE2 HE2  sing N N 267 
PHE CZ  HZ   sing N N 268 
PHE OXT HXT  sing N N 269 
PRO N   CA   sing N N 270 
PRO N   CD   sing N N 271 
PRO N   H    sing N N 272 
PRO CA  C    sing N N 273 
PRO CA  CB   sing N N 274 
PRO CA  HA   sing N N 275 
PRO C   O    doub N N 276 
PRO C   OXT  sing N N 277 
PRO CB  CG   sing N N 278 
PRO CB  HB2  sing N N 279 
PRO CB  HB3  sing N N 280 
PRO CG  CD   sing N N 281 
PRO CG  HG2  sing N N 282 
PRO CG  HG3  sing N N 283 
PRO CD  HD2  sing N N 284 
PRO CD  HD3  sing N N 285 
PRO OXT HXT  sing N N 286 
SER N   CA   sing N N 287 
SER N   H    sing N N 288 
SER N   H2   sing N N 289 
SER CA  C    sing N N 290 
SER CA  CB   sing N N 291 
SER CA  HA   sing N N 292 
SER C   O    doub N N 293 
SER C   OXT  sing N N 294 
SER CB  OG   sing N N 295 
SER CB  HB2  sing N N 296 
SER CB  HB3  sing N N 297 
SER OG  HG   sing N N 298 
SER OXT HXT  sing N N 299 
THR N   CA   sing N N 300 
THR N   H    sing N N 301 
THR N   H2   sing N N 302 
THR CA  C    sing N N 303 
THR CA  CB   sing N N 304 
THR CA  HA   sing N N 305 
THR C   O    doub N N 306 
THR C   OXT  sing N N 307 
THR CB  OG1  sing N N 308 
THR CB  CG2  sing N N 309 
THR CB  HB   sing N N 310 
THR OG1 HG1  sing N N 311 
THR CG2 HG21 sing N N 312 
THR CG2 HG22 sing N N 313 
THR CG2 HG23 sing N N 314 
THR OXT HXT  sing N N 315 
TRP N   CA   sing N N 316 
TRP N   H    sing N N 317 
TRP N   H2   sing N N 318 
TRP CA  C    sing N N 319 
TRP CA  CB   sing N N 320 
TRP CA  HA   sing N N 321 
TRP C   O    doub N N 322 
TRP C   OXT  sing N N 323 
TRP CB  CG   sing N N 324 
TRP CB  HB2  sing N N 325 
TRP CB  HB3  sing N N 326 
TRP CG  CD1  doub Y N 327 
TRP CG  CD2  sing Y N 328 
TRP CD1 NE1  sing Y N 329 
TRP CD1 HD1  sing N N 330 
TRP CD2 CE2  doub Y N 331 
TRP CD2 CE3  sing Y N 332 
TRP NE1 CE2  sing Y N 333 
TRP NE1 HE1  sing N N 334 
TRP CE2 CZ2  sing Y N 335 
TRP CE3 CZ3  doub Y N 336 
TRP CE3 HE3  sing N N 337 
TRP CZ2 CH2  doub Y N 338 
TRP CZ2 HZ2  sing N N 339 
TRP CZ3 CH2  sing Y N 340 
TRP CZ3 HZ3  sing N N 341 
TRP CH2 HH2  sing N N 342 
TRP OXT HXT  sing N N 343 
TYR N   CA   sing N N 344 
TYR N   H    sing N N 345 
TYR N   H2   sing N N 346 
TYR CA  C    sing N N 347 
TYR CA  CB   sing N N 348 
TYR CA  HA   sing N N 349 
TYR C   O    doub N N 350 
TYR C   OXT  sing N N 351 
TYR CB  CG   sing N N 352 
TYR CB  HB2  sing N N 353 
TYR CB  HB3  sing N N 354 
TYR CG  CD1  doub Y N 355 
TYR CG  CD2  sing Y N 356 
TYR CD1 CE1  sing Y N 357 
TYR CD1 HD1  sing N N 358 
TYR CD2 CE2  doub Y N 359 
TYR CD2 HD2  sing N N 360 
TYR CE1 CZ   doub Y N 361 
TYR CE1 HE1  sing N N 362 
TYR CE2 CZ   sing Y N 363 
TYR CE2 HE2  sing N N 364 
TYR CZ  OH   sing N N 365 
TYR OH  HH   sing N N 366 
TYR OXT HXT  sing N N 367 
VAL N   CA   sing N N 368 
VAL N   H    sing N N 369 
VAL N   H2   sing N N 370 
VAL CA  C    sing N N 371 
VAL CA  CB   sing N N 372 
VAL CA  HA   sing N N 373 
VAL C   O    doub N N 374 
VAL C   OXT  sing N N 375 
VAL CB  CG1  sing N N 376 
VAL CB  CG2  sing N N 377 
VAL CB  HB   sing N N 378 
VAL CG1 HG11 sing N N 379 
VAL CG1 HG12 sing N N 380 
VAL CG1 HG13 sing N N 381 
VAL CG2 HG21 sing N N 382 
VAL CG2 HG22 sing N N 383 
VAL CG2 HG23 sing N N 384 
VAL OXT HXT  sing N N 385 
# 
_atom_sites.entry_id                    2BOU 
_atom_sites.fract_transf_matrix[1][1]   0.00998857 
_atom_sites.fract_transf_matrix[1][2]   0.00454445 
_atom_sites.fract_transf_matrix[1][3]   -0.00042516 
_atom_sites.fract_transf_matrix[2][1]   -0.00001211 
_atom_sites.fract_transf_matrix[2][2]   -0.00148674 
_atom_sites.fract_transf_matrix[2][3]   -0.01617582 
_atom_sites.fract_transf_matrix[3][1]   -0.01171746 
_atom_sites.fract_transf_matrix[3][2]   0.02553584 
_atom_sites.fract_transf_matrix[3][3]   -0.00233826 
_atom_sites.fract_transf_vector[1]      0.195178 
_atom_sites.fract_transf_vector[2]      0.341850 
_atom_sites.fract_transf_vector[3]      0.320391 
# 
loop_
_atom_type.symbol 
AS 
BA 
C  
CA 
N  
O  
S  
# 
loop_
_atom_site.group_PDB 
_atom_site.id 
_atom_site.type_symbol 
_atom_site.label_atom_id 
_atom_site.label_alt_id 
_atom_site.label_comp_id 
_atom_site.label_asym_id 
_atom_site.label_entity_id 
_atom_site.label_seq_id 
_atom_site.pdbx_PDB_ins_code 
_atom_site.Cartn_x 
_atom_site.Cartn_y 
_atom_site.Cartn_z 
_atom_site.occupancy 
_atom_site.B_iso_or_equiv 
_atom_site.pdbx_formal_charge 
_atom_site.auth_seq_id 
_atom_site.auth_comp_id 
_atom_site.auth_asym_id 
_atom_site.auth_atom_id 
_atom_site.pdbx_PDB_model_num 
ATOM   1    N  N   . ARG A 1 3   ? 29.473  4.073   25.951  1.00 61.01  ? 3    ARG A N   1 
ATOM   2    C  CA  . ARG A 1 3   ? 30.185  3.553   27.113  1.00 60.50  ? 3    ARG A CA  1 
ATOM   3    C  C   . ARG A 1 3   ? 30.706  2.141   26.835  1.00 61.27  ? 3    ARG A C   1 
ATOM   4    O  O   . ARG A 1 3   ? 31.796  1.964   26.279  1.00 62.04  ? 3    ARG A O   1 
ATOM   5    C  CB  . ARG A 1 3   ? 29.271  3.553   28.344  1.00 61.89  ? 3    ARG A CB  1 
ATOM   6    C  CG  . ARG A 1 3   ? 29.727  4.493   29.452  1.00 77.83  ? 3    ARG A CG  1 
ATOM   7    C  CD  . ARG A 1 3   ? 28.550  5.030   30.257  1.00 93.69  ? 3    ARG A CD  1 
ATOM   8    N  NE  . ARG A 1 3   ? 27.274  4.825   29.577  1.00 108.61 ? 3    ARG A NE  1 
ATOM   9    C  CZ  . ARG A 1 3   ? 26.323  5.750   29.476  1.00 126.34 ? 3    ARG A CZ  1 
ATOM   10   N  NH1 . ARG A 1 3   ? 25.191  5.475   28.840  1.00 112.40 ? 3    ARG A NH1 1 
ATOM   11   N  NH2 . ARG A 1 3   ? 26.507  6.953   30.003  1.00 116.14 ? 3    ARG A NH2 1 
ATOM   12   N  N   . GLY A 1 4   ? 29.911  1.144   27.227  1.00 53.09  ? 4    GLY A N   1 
ATOM   13   C  CA  . GLY A 1 4   ? 30.211  -0.271  26.980  1.00 50.09  ? 4    GLY A CA  1 
ATOM   14   C  C   . GLY A 1 4   ? 29.059  -0.835  26.137  1.00 47.07  ? 4    GLY A C   1 
ATOM   15   O  O   . GLY A 1 4   ? 28.333  -0.066  25.504  1.00 46.66  ? 4    GLY A O   1 
ATOM   16   N  N   . CYS A 1 5   ? 28.874  -2.158  26.141  1.00 37.90  ? 5    CYS A N   1 
ATOM   17   C  CA  . CYS A 1 5   ? 27.791  -2.770  25.349  1.00 35.41  ? 5    CYS A CA  1 
ATOM   18   C  C   . CYS A 1 5   ? 27.191  -4.064  25.911  1.00 34.49  ? 5    CYS A C   1 
ATOM   19   O  O   . CYS A 1 5   ? 27.762  -5.138  25.751  1.00 33.61  ? 5    CYS A O   1 
ATOM   20   C  CB  . CYS A 1 5   ? 28.231  -2.996  23.899  1.00 35.42  ? 5    CYS A CB  1 
ATOM   21   S  SG  . CYS A 1 5   ? 26.878  -3.480  22.764  1.00 39.05  ? 5    CYS A SG  1 
ATOM   22   N  N   . ALA A 1 6   ? 26.000  -3.969  26.495  1.00 28.81  ? 6    ALA A N   1 
ATOM   23   C  CA  . ALA A 1 6   ? 25.311  -5.155  27.022  1.00 26.92  ? 6    ALA A CA  1 
ATOM   24   C  C   . ALA A 1 6   ? 25.089  -6.191  25.918  1.00 27.07  ? 6    ALA A C   1 
ATOM   25   O  O   . ALA A 1 6   ? 24.608  -5.868  24.829  1.00 25.96  ? 6    ALA A O   1 
ATOM   26   C  CB  . ALA A 1 6   ? 23.982  -4.766  27.663  1.00 27.45  ? 6    ALA A CB  1 
ATOM   27   N  N   . ARG A 1 7   ? 25.415  -7.442  26.210  1.00 22.52  ? 7    ARG A N   1 
ATOM   28   C  CA  . ARG A 1 7   ? 25.287  -8.517  25.221  1.00 22.00  ? 7    ARG A CA  1 
ATOM   29   C  C   . ARG A 1 7   ? 23.897  -9.116  25.169  1.00 24.35  ? 7    ARG A C   1 
ATOM   30   O  O   . ARG A 1 7   ? 23.579  -9.892  24.260  1.00 24.18  ? 7    ARG A O   1 
ATOM   31   C  CB  . ARG A 1 7   ? 26.253  -9.649  25.545  1.00 22.71  ? 7    ARG A CB  1 
ATOM   32   C  CG  . ARG A 1 7   ? 27.722  -9.295  25.497  1.00 33.33  ? 7    ARG A CG  1 
ATOM   33   C  CD  . ARG A 1 7   ? 28.511  -10.292 26.328  1.00 37.93  ? 7    ARG A CD  1 
ATOM   34   N  NE  . ARG A 1 7   ? 29.947  -10.186 26.111  1.00 44.19  ? 7    ARG A NE  1 
ATOM   35   C  CZ  . ARG A 1 7   ? 30.735  -9.345  26.766  1.00 58.18  ? 7    ARG A CZ  1 
ATOM   36   N  NH1 . ARG A 1 7   ? 30.219  -8.525  27.677  1.00 41.95  ? 7    ARG A NH1 1 
ATOM   37   N  NH2 . ARG A 1 7   ? 32.038  -9.318  26.510  1.00 46.76  ? 7    ARG A NH2 1 
ATOM   38   N  N   . TRP A 1 8   ? 23.104  -8.846  26.197  1.00 20.38  ? 8    TRP A N   1 
ATOM   39   C  CA  . TRP A 1 8   ? 21.807  -9.498  26.346  1.00 19.36  ? 8    TRP A CA  1 
ATOM   40   C  C   . TRP A 1 8   ? 20.613  -8.718  25.803  1.00 22.95  ? 8    TRP A C   1 
ATOM   41   O  O   . TRP A 1 8   ? 19.465  -9.085  26.058  1.00 20.56  ? 8    TRP A O   1 
ATOM   42   C  CB  . TRP A 1 8   ? 21.576  -9.832  27.821  1.00 17.95  ? 8    TRP A CB  1 
ATOM   43   C  CG  . TRP A 1 8   ? 21.885  -8.665  28.722  1.00 18.56  ? 8    TRP A CG  1 
ATOM   44   C  CD1 . TRP A 1 8   ? 23.059  -8.426  29.377  1.00 21.17  ? 8    TRP A CD1 1 
ATOM   45   C  CD2 . TRP A 1 8   ? 21.067  -7.506  28.929  1.00 18.34  ? 8    TRP A CD2 1 
ATOM   46   N  NE1 . TRP A 1 8   ? 23.010  -7.215  30.004  1.00 20.59  ? 8    TRP A NE1 1 
ATOM   47   C  CE2 . TRP A 1 8   ? 21.789  -6.639  29.773  1.00 22.42  ? 8    TRP A CE2 1 
ATOM   48   C  CE3 . TRP A 1 8   ? 19.779  -7.138  28.518  1.00 19.03  ? 8    TRP A CE3 1 
ATOM   49   C  CZ2 . TRP A 1 8   ? 21.266  -5.419  30.224  1.00 22.14  ? 8    TRP A CZ2 1 
ATOM   50   C  CZ3 . TRP A 1 8   ? 19.254  -5.931  28.973  1.00 20.88  ? 8    TRP A CZ3 1 
ATOM   51   C  CH2 . TRP A 1 8   ? 19.997  -5.087  29.820  1.00 21.80  ? 8    TRP A CH2 1 
ATOM   52   N  N   . CYS A 1 9   ? 20.869  -7.644  25.063  1.00 21.73  ? 9    CYS A N   1 
ATOM   53   C  CA  . CYS A 1 9   ? 19.766  -6.829  24.550  1.00 22.97  ? 9    CYS A CA  1 
ATOM   54   C  C   . CYS A 1 9   ? 18.756  -7.658  23.767  1.00 24.52  ? 9    CYS A C   1 
ATOM   55   O  O   . CYS A 1 9   ? 19.125  -8.505  22.948  1.00 23.69  ? 9    CYS A O   1 
ATOM   56   C  CB  . CYS A 1 9   ? 20.285  -5.667  23.705  1.00 24.69  ? 9    CYS A CB  1 
ATOM   57   S  SG  . CYS A 1 9   ? 21.290  -4.463  24.633  1.00 29.27  ? 9    CYS A SG  1 
ATOM   58   N  N   . PRO A 1 10  ? 17.480  -7.440  24.045  1.00 19.28  ? 10   PRO A N   1 
ATOM   59   C  CA  . PRO A 1 10  ? 16.433  -8.202  23.378  1.00 19.37  ? 10   PRO A CA  1 
ATOM   60   C  C   . PRO A 1 10  ? 16.326  -7.865  21.900  1.00 23.48  ? 10   PRO A C   1 
ATOM   61   O  O   . PRO A 1 10  ? 16.851  -6.853  21.434  1.00 21.41  ? 10   PRO A O   1 
ATOM   62   C  CB  . PRO A 1 10  ? 15.156  -7.792  24.131  1.00 21.10  ? 10   PRO A CB  1 
ATOM   63   C  CG  . PRO A 1 10  ? 15.479  -6.511  24.782  1.00 24.83  ? 10   PRO A CG  1 
ATOM   64   C  CD  . PRO A 1 10  ? 16.942  -6.556  25.092  1.00 19.75  ? 10   PRO A CD  1 
ATOM   65   N  N   . GLN A 1 11  ? 15.659  -8.741  21.161  1.00 22.52  ? 11   GLN A N   1 
ATOM   66   C  CA  . GLN A 1 11  ? 15.467  -8.560  19.732  1.00 22.45  ? 11   GLN A CA  1 
ATOM   67   C  C   . GLN A 1 11  ? 14.890  -7.177  19.429  1.00 26.01  ? 11   GLN A C   1 
ATOM   68   O  O   . GLN A 1 11  ? 13.949  -6.723  20.081  1.00 25.00  ? 11   GLN A O   1 
ATOM   69   C  CB  . GLN A 1 11  ? 14.527  -9.647  19.185  0.50 23.97  ? 11   GLN A CB  1 
ATOM   70   C  CG  . GLN A 1 11  ? 14.567  -9.787  17.663  0.50 44.95  ? 11   GLN A CG  1 
ATOM   71   C  CD  . GLN A 1 11  ? 13.281  -10.352 17.094  0.50 73.57  ? 11   GLN A CD  1 
ATOM   72   O  OE1 . GLN A 1 11  ? 12.552  -11.076 17.771  0.50 70.04  ? 11   GLN A OE1 1 
ATOM   73   N  NE2 . GLN A 1 11  ? 12.990  -10.011 15.845  0.50 68.73  ? 11   GLN A NE2 1 
ATOM   74   N  N   . ASP A 1 12  ? 15.472  -6.520  18.431  1.00 23.36  ? 12   ASP A N   1 
ATOM   75   C  CA  . ASP A 1 12  ? 15.036  -5.199  18.002  1.00 23.42  ? 12   ASP A CA  1 
ATOM   76   C  C   . ASP A 1 12  ? 15.412  -4.047  18.922  1.00 27.76  ? 12   ASP A C   1 
ATOM   77   O  O   . ASP A 1 12  ? 14.838  -2.953  18.842  1.00 27.19  ? 12   ASP A O   1 
ATOM   78   C  CB  . ASP A 1 12  ? 13.557  -5.199  17.606  1.00 24.34  ? 12   ASP A CB  1 
ATOM   79   C  CG  . ASP A 1 12  ? 13.287  -6.088  16.393  1.00 27.49  ? 12   ASP A CG  1 
ATOM   80   O  OD1 . ASP A 1 12  ? 14.078  -6.019  15.425  1.00 26.16  ? 12   ASP A OD1 1 
ATOM   81   O  OD2 . ASP A 1 12  ? 12.353  -6.913  16.445  1.00 27.15  ? 12   ASP A OD2 1 
ATOM   82   N  N   . SER A 1 13  ? 16.439  -4.276  19.736  1.00 23.54  ? 13   SER A N   1 
ATOM   83   C  CA  . SER A 1 13  ? 17.008  -3.234  20.586  1.00 23.53  ? 13   SER A CA  1 
ATOM   84   C  C   . SER A 1 13  ? 18.538  -3.256  20.433  1.00 29.22  ? 13   SER A C   1 
ATOM   85   O  O   . SER A 1 13  ? 19.106  -4.217  19.919  1.00 29.11  ? 13   SER A O   1 
ATOM   86   C  CB  . SER A 1 13  ? 16.609  -3.424  22.054  1.00 26.26  ? 13   SER A CB  1 
ATOM   87   O  OG  . SER A 1 13  ? 17.349  -4.473  22.668  1.00 29.76  ? 13   SER A OG  1 
ATOM   88   N  N   . SER A 1 14  ? 19.187  -2.178  20.846  1.00 27.80  ? 14   SER A N   1 
ATOM   89   C  CA  . SER A 1 14  ? 20.639  -2.073  20.748  1.00 28.02  ? 14   SER A CA  1 
ATOM   90   C  C   . SER A 1 14  ? 21.194  -1.546  22.050  1.00 32.33  ? 14   SER A C   1 
ATOM   91   O  O   . SER A 1 14  ? 20.559  -0.729  22.719  1.00 31.68  ? 14   SER A O   1 
ATOM   92   C  CB  . SER A 1 14  ? 21.031  -1.144  19.591  1.00 30.26  ? 14   SER A CB  1 
ATOM   93   O  OG  . SER A 1 14  ? 20.817  -1.793  18.354  1.00 38.31  ? 14   SER A OG  1 
ATOM   94   N  N   . CYS A 1 15  ? 22.373  -2.026  22.425  1.00 31.42  ? 15   CYS A N   1 
ATOM   95   C  CA  . CYS A 1 15  ? 22.990  -1.590  23.671  1.00 33.15  ? 15   CYS A CA  1 
ATOM   96   C  C   . CYS A 1 15  ? 23.271  -0.090  23.658  1.00 38.75  ? 15   CYS A C   1 
ATOM   97   O  O   . CYS A 1 15  ? 23.740  0.452   22.655  1.00 38.79  ? 15   CYS A O   1 
ATOM   98   C  CB  . CYS A 1 15  ? 24.296  -2.352  23.910  1.00 34.36  ? 15   CYS A CB  1 
ATOM   99   S  SG  . CYS A 1 15  ? 25.656  -1.860  22.797  1.00 38.73  ? 15   CYS A SG  1 
ATOM   100  N  N   . VAL A 1 16  ? 22.998  0.575   24.775  1.00 35.61  ? 16   VAL A N   1 
ATOM   101  C  CA  . VAL A 1 16  ? 23.322  1.990   24.909  1.00 36.29  ? 16   VAL A CA  1 
ATOM   102  C  C   . VAL A 1 16  ? 24.542  2.139   25.822  1.00 40.35  ? 16   VAL A C   1 
ATOM   103  O  O   . VAL A 1 16  ? 25.277  3.128   25.750  1.00 39.78  ? 16   VAL A O   1 
ATOM   104  C  CB  . VAL A 1 16  ? 22.140  2.831   25.422  1.00 40.45  ? 16   VAL A CB  1 
ATOM   105  C  CG1 . VAL A 1 16  ? 21.157  3.104   24.289  1.00 40.34  ? 16   VAL A CG1 1 
ATOM   106  C  CG2 . VAL A 1 16  ? 21.456  2.153   26.576  1.00 40.22  ? 16   VAL A CG2 1 
ATOM   107  N  N   . ASN A 1 17  ? 24.774  1.117   26.640  1.00 36.30  ? 17   ASN A N   1 
ATOM   108  C  CA  . ASN A 1 17  ? 25.956  1.037   27.496  1.00 36.02  ? 17   ASN A CA  1 
ATOM   109  C  C   . ASN A 1 17  ? 26.144  -0.389  28.007  1.00 39.94  ? 17   ASN A C   1 
ATOM   110  O  O   . ASN A 1 17  ? 25.626  -1.339  27.411  1.00 39.80  ? 17   ASN A O   1 
ATOM   111  C  CB  . ASN A 1 17  ? 25.958  2.086   28.624  1.00 35.02  ? 17   ASN A CB  1 
ATOM   112  C  CG  . ASN A 1 17  ? 24.706  2.044   29.482  1.00 46.21  ? 17   ASN A CG  1 
ATOM   113  O  OD1 . ASN A 1 17  ? 24.295  0.986   29.939  1.00 40.34  ? 17   ASN A OD1 1 
ATOM   114  N  ND2 . ASN A 1 17  ? 24.163  3.213   29.773  1.00 34.56  ? 17   ASN A ND2 1 
ATOM   115  N  N   . ALA A 1 18  ? 26.931  -0.556  29.062  1.00 35.80  ? 18   ALA A N   1 
ATOM   116  C  CA  . ALA A 1 18  ? 27.223  -1.896  29.569  1.00 34.64  ? 18   ALA A CA  1 
ATOM   117  C  C   . ALA A 1 18  ? 26.026  -2.603  30.210  1.00 34.83  ? 18   ALA A C   1 
ATOM   118  O  O   . ALA A 1 18  ? 26.004  -3.829  30.305  1.00 33.77  ? 18   ALA A O   1 
ATOM   119  C  CB  . ALA A 1 18  ? 28.399  -1.850  30.549  1.00 35.49  ? 18   ALA A CB  1 
ATOM   120  N  N   . THR A 1 19  ? 25.049  -1.829  30.675  1.00 29.55  ? 19   THR A N   1 
ATOM   121  C  CA  . THR A 1 19  ? 23.911  -2.395  31.402  1.00 28.86  ? 19   THR A CA  1 
ATOM   122  C  C   . THR A 1 19  ? 22.531  -1.966  30.896  1.00 29.81  ? 19   THR A C   1 
ATOM   123  O  O   . THR A 1 19  ? 21.537  -2.114  31.605  1.00 27.97  ? 19   THR A O   1 
ATOM   124  C  CB  . THR A 1 19  ? 23.990  -2.014  32.896  1.00 37.66  ? 19   THR A CB  1 
ATOM   125  O  OG1 . THR A 1 19  ? 23.827  -0.600  33.032  1.00 38.07  ? 19   THR A OG1 1 
ATOM   126  C  CG2 . THR A 1 19  ? 25.347  -2.410  33.482  1.00 37.33  ? 19   THR A CG2 1 
ATOM   127  N  N   . ALA A 1 20  ? 22.461  -1.411  29.695  1.00 26.57  ? 20   ALA A N   1 
ATOM   128  C  CA  . ALA A 1 20  ? 21.181  -0.928  29.202  1.00 26.44  ? 20   ALA A CA  1 
ATOM   129  C  C   . ALA A 1 20  ? 21.042  -0.953  27.689  1.00 29.51  ? 20   ALA A C   1 
ATOM   130  O  O   . ALA A 1 20  ? 22.035  -0.914  26.953  1.00 28.35  ? 20   ALA A O   1 
ATOM   131  C  CB  . ALA A 1 20  ? 20.898  0.467   29.747  1.00 27.37  ? 20   ALA A CB  1 
ATOM   132  N  N   . CYS A 1 21  ? 19.794  -1.024  27.233  1.00 25.37  ? 21   CYS A N   1 
ATOM   133  C  CA  . CYS A 1 21  ? 19.497  -1.037  25.808  1.00 25.01  ? 21   CYS A CA  1 
ATOM   134  C  C   . CYS A 1 21  ? 18.354  -0.076  25.510  1.00 26.55  ? 21   CYS A C   1 
ATOM   135  O  O   . CYS A 1 21  ? 17.704  0.455   26.415  1.00 24.64  ? 21   CYS A O   1 
ATOM   136  C  CB  . CYS A 1 21  ? 19.112  -2.450  25.338  1.00 25.71  ? 21   CYS A CB  1 
ATOM   137  S  SG  . CYS A 1 21  ? 20.070  -3.804  26.108  1.00 29.57  ? 21   CYS A SG  1 
ATOM   138  N  N   . ARG A 1 22  ? 18.091  0.105   24.229  1.00 24.36  ? 22   ARG A N   1 
ATOM   139  C  CA  . ARG A 1 22  ? 17.018  0.973   23.780  1.00 23.88  ? 22   ARG A CA  1 
ATOM   140  C  C   . ARG A 1 22  ? 16.494  0.368   22.486  1.00 23.47  ? 22   ARG A C   1 
ATOM   141  O  O   . ARG A 1 22  ? 17.267  -0.141  21.685  1.00 21.70  ? 22   ARG A O   1 
ATOM   142  C  CB  . ARG A 1 22  ? 17.582  2.383   23.539  1.00 25.35  ? 22   ARG A CB  1 
ATOM   143  C  CG  . ARG A 1 22  ? 16.707  3.318   22.733  1.00 35.62  ? 22   ARG A CG  1 
ATOM   144  C  CD  . ARG A 1 22  ? 17.401  4.667   22.525  1.00 38.75  ? 22   ARG A CD  1 
ATOM   145  N  NE  . ARG A 1 22  ? 16.711  5.744   23.231  1.00 54.58  ? 22   ARG A NE  1 
ATOM   146  C  CZ  . ARG A 1 22  ? 17.151  6.312   24.350  1.00 71.73  ? 22   ARG A CZ  1 
ATOM   147  N  NH1 . ARG A 1 22  ? 18.292  5.915   24.896  1.00 57.79  ? 22   ARG A NH1 1 
ATOM   148  N  NH2 . ARG A 1 22  ? 16.445  7.280   24.924  1.00 62.45  ? 22   ARG A NH2 1 
ATOM   149  N  N   . CYS A 1 23  ? 15.177  0.333   22.332  1.00 20.49  ? 23   CYS A N   1 
ATOM   150  C  CA  . CYS A 1 23  ? 14.572  -0.229  21.123  1.00 21.55  ? 23   CYS A CA  1 
ATOM   151  C  C   . CYS A 1 23  ? 15.067  0.532   19.902  1.00 28.99  ? 23   CYS A C   1 
ATOM   152  O  O   . CYS A 1 23  ? 15.314  1.732   19.974  1.00 30.11  ? 23   CYS A O   1 
ATOM   153  C  CB  . CYS A 1 23  ? 13.043  -0.131  21.189  1.00 21.63  ? 23   CYS A CB  1 
ATOM   154  S  SG  . CYS A 1 23  ? 12.242  -1.157  22.460  1.00 25.09  ? 23   CYS A SG  1 
ATOM   155  N  N   . ASN A 1 24  ? 15.218  -0.175  18.790  1.00 27.36  ? 24   ASN A N   1 
ATOM   156  C  CA  . ASN A 1 24  ? 15.630  0.440   17.541  1.00 28.63  ? 24   ASN A CA  1 
ATOM   157  C  C   . ASN A 1 24  ? 14.456  1.283   17.023  1.00 34.99  ? 24   ASN A C   1 
ATOM   158  O  O   . ASN A 1 24  ? 13.319  1.130   17.486  1.00 32.37  ? 24   ASN A O   1 
ATOM   159  C  CB  . ASN A 1 24  ? 15.998  -0.636  16.512  1.00 27.85  ? 24   ASN A CB  1 
ATOM   160  C  CG  . ASN A 1 24  ? 17.215  -1.448  16.925  1.00 41.87  ? 24   ASN A CG  1 
ATOM   161  O  OD1 . ASN A 1 24  ? 18.033  -0.991  17.721  1.00 32.71  ? 24   ASN A OD1 1 
ATOM   162  N  ND2 . ASN A 1 24  ? 17.337  -2.658  16.383  1.00 32.04  ? 24   ASN A ND2 1 
ATOM   163  N  N   . PRO A 1 25  ? 14.735  2.186   16.087  1.00 34.38  ? 25   PRO A N   1 
ATOM   164  C  CA  . PRO A 1 25  ? 13.685  3.036   15.534  1.00 33.72  ? 25   PRO A CA  1 
ATOM   165  C  C   . PRO A 1 25  ? 12.556  2.181   14.958  1.00 32.66  ? 25   PRO A C   1 
ATOM   166  O  O   . PRO A 1 25  ? 12.800  1.196   14.277  1.00 31.09  ? 25   PRO A O   1 
ATOM   167  C  CB  . PRO A 1 25  ? 14.404  3.785   14.411  1.00 35.73  ? 25   PRO A CB  1 
ATOM   168  C  CG  . PRO A 1 25  ? 15.815  3.903   14.892  1.00 40.59  ? 25   PRO A CG  1 
ATOM   169  C  CD  . PRO A 1 25  ? 16.085  2.690   15.763  1.00 35.91  ? 25   PRO A CD  1 
ATOM   170  N  N   . GLY A 1 26  ? 11.321  2.557   15.251  1.00 28.30  ? 26   GLY A N   1 
ATOM   171  C  CA  . GLY A 1 26  ? 10.168  1.826   14.740  1.00 26.90  ? 26   GLY A CA  1 
ATOM   172  C  C   . GLY A 1 26  ? 9.661   0.760   15.709  1.00 26.87  ? 26   GLY A C   1 
ATOM   173  O  O   . GLY A 1 26  ? 8.700   0.064   15.412  1.00 25.79  ? 26   GLY A O   1 
ATOM   174  N  N   . PHE A 1 27  ? 10.314  0.637   16.862  1.00 22.05  ? 27   PHE A N   1 
ATOM   175  C  CA  . PHE A 1 27  ? 9.891   -0.320  17.886  1.00 21.01  ? 27   PHE A CA  1 
ATOM   176  C  C   . PHE A 1 27  ? 9.709   0.404   19.206  1.00 26.39  ? 27   PHE A C   1 
ATOM   177  O  O   . PHE A 1 27  ? 10.285  1.463   19.429  1.00 26.51  ? 27   PHE A O   1 
ATOM   178  C  CB  . PHE A 1 27  ? 10.914  -1.452  18.049  1.00 21.87  ? 27   PHE A CB  1 
ATOM   179  C  CG  . PHE A 1 27  ? 11.111  -2.273  16.807  1.00 22.35  ? 27   PHE A CG  1 
ATOM   180  C  CD1 . PHE A 1 27  ? 12.021  -1.879  15.837  1.00 23.76  ? 27   PHE A CD1 1 
ATOM   181  C  CD2 . PHE A 1 27  ? 10.375  -3.423  16.600  1.00 23.24  ? 27   PHE A CD2 1 
ATOM   182  C  CE1 . PHE A 1 27  ? 12.210  -2.638  14.692  1.00 24.41  ? 27   PHE A CE1 1 
ATOM   183  C  CE2 . PHE A 1 27  ? 10.570  -4.195  15.459  1.00 25.58  ? 27   PHE A CE2 1 
ATOM   184  C  CZ  . PHE A 1 27  ? 11.482  -3.798  14.508  1.00 23.75  ? 27   PHE A CZ  1 
ATOM   185  N  N   . SER A 1 28  ? 8.904   -0.163  20.084  1.00 23.32  ? 28   SER A N   1 
ATOM   186  C  CA  . SER A 1 28  ? 8.650   0.469   21.359  1.00 23.72  ? 28   SER A CA  1 
ATOM   187  C  C   . SER A 1 28  ? 8.672   -0.522  22.511  1.00 25.56  ? 28   SER A C   1 
ATOM   188  O  O   . SER A 1 28  ? 8.381   -1.706  22.331  1.00 23.12  ? 28   SER A O   1 
ATOM   189  C  CB  . SER A 1 28  ? 7.306   1.216   21.310  1.00 28.48  ? 28   SER A CB  1 
ATOM   190  O  OG  . SER A 1 28  ? 6.379   0.691   22.244  1.00 39.59  ? 28   SER A OG  1 
ATOM   191  N  N   . SER A 1 29  ? 9.043   -0.023  23.686  1.00 21.71  ? 29   SER A N   1 
ATOM   192  C  CA  . SER A 1 29  ? 9.031   -0.800  24.916  1.00 21.41  ? 29   SER A CA  1 
ATOM   193  C  C   . SER A 1 29  ? 8.337   0.037   25.982  1.00 27.63  ? 29   SER A C   1 
ATOM   194  O  O   . SER A 1 29  ? 8.179   1.251   25.823  1.00 26.13  ? 29   SER A O   1 
ATOM   195  C  CB  . SER A 1 29  ? 10.454  -1.150  25.369  1.00 23.78  ? 29   SER A CB  1 
ATOM   196  O  OG  . SER A 1 29  ? 11.213  0.023   25.625  1.00 28.89  ? 29   SER A OG  1 
ATOM   197  N  N   . PHE A 1 30  ? 7.923   -0.607  27.066  1.00 27.03  ? 30   PHE A N   1 
ATOM   198  C  CA  . PHE A 1 30  ? 7.233   0.094   28.136  1.00 28.28  ? 30   PHE A CA  1 
ATOM   199  C  C   . PHE A 1 30  ? 8.101   1.184   28.751  1.00 34.57  ? 30   PHE A C   1 
ATOM   200  O  O   . PHE A 1 30  ? 7.638   2.301   28.952  1.00 34.85  ? 30   PHE A O   1 
ATOM   201  C  CB  . PHE A 1 30  ? 6.729   -0.880  29.203  1.00 30.22  ? 30   PHE A CB  1 
ATOM   202  C  CG  . PHE A 1 30  ? 5.965   -0.218  30.310  1.00 32.13  ? 30   PHE A CG  1 
ATOM   203  C  CD1 . PHE A 1 30  ? 4.641   0.152   30.135  1.00 35.83  ? 30   PHE A CD1 1 
ATOM   204  C  CD2 . PHE A 1 30  ? 6.582   0.080   31.513  1.00 34.60  ? 30   PHE A CD2 1 
ATOM   205  C  CE1 . PHE A 1 30  ? 3.944   0.784   31.147  1.00 36.83  ? 30   PHE A CE1 1 
ATOM   206  C  CE2 . PHE A 1 30  ? 5.891   0.711   32.526  1.00 37.51  ? 30   PHE A CE2 1 
ATOM   207  C  CZ  . PHE A 1 30  ? 4.568   1.062   32.343  1.00 35.67  ? 30   PHE A CZ  1 
ATOM   208  N  N   . SER A 1 31  ? 9.368   0.862   29.017  1.00 31.47  ? 31   SER A N   1 
ATOM   209  C  CA  . SER A 1 31  ? 10.316  1.831   29.577  1.00 31.33  ? 31   SER A CA  1 
ATOM   210  C  C   . SER A 1 31  ? 11.170  2.421   28.462  1.00 34.56  ? 31   SER A C   1 
ATOM   211  O  O   . SER A 1 31  ? 11.478  1.733   27.495  1.00 33.36  ? 31   SER A O   1 
ATOM   212  C  CB  . SER A 1 31  ? 11.229  1.151   30.600  1.00 35.89  ? 31   SER A CB  1 
ATOM   213  O  OG  . SER A 1 31  ? 10.554  0.093   31.261  1.00 49.44  ? 31   SER A OG  1 
ATOM   214  N  N   . GLU A 1 32  ? 11.587  3.677   28.603  1.00 30.89  ? 32   GLU A N   1 
ATOM   215  C  CA  . GLU A 1 32  ? 12.426  4.263   27.570  1.00 31.38  ? 32   GLU A CA  1 
ATOM   216  C  C   . GLU A 1 32  ? 13.807  3.633   27.520  1.00 33.77  ? 32   GLU A C   1 
ATOM   217  O  O   . GLU A 1 32  ? 14.435  3.580   26.460  1.00 34.42  ? 32   GLU A O   1 
ATOM   218  C  CB  . GLU A 1 32  ? 12.466  5.805   27.611  1.00 33.43  ? 32   GLU A CB  1 
ATOM   219  C  CG  . GLU A 1 32  ? 12.891  6.443   28.912  1.00 42.89  ? 32   GLU A CG  1 
ATOM   220  C  CD  . GLU A 1 32  ? 13.033  7.962   28.775  1.00 59.37  ? 32   GLU A CD  1 
ATOM   221  O  OE1 . GLU A 1 32  ? 14.093  8.418   28.287  1.00 46.12  ? 32   GLU A OE1 1 
ATOM   222  O  OE2 . GLU A 1 32  ? 12.050  8.687   29.061  1.00 42.53  ? 32   GLU A OE2 1 
ATOM   223  N  N   . ILE A 1 33  ? 14.230  3.068   28.647  1.00 28.48  ? 33   ILE A N   1 
ATOM   224  C  CA  . ILE A 1 33  ? 15.513  2.375   28.734  1.00 28.29  ? 33   ILE A CA  1 
ATOM   225  C  C   . ILE A 1 33  ? 15.299  0.953   29.246  1.00 27.81  ? 33   ILE A C   1 
ATOM   226  O  O   . ILE A 1 33  ? 14.711  0.748   30.296  1.00 27.35  ? 33   ILE A O   1 
ATOM   227  C  CB  . ILE A 1 33  ? 16.489  3.102   29.684  1.00 32.39  ? 33   ILE A CB  1 
ATOM   228  C  CG1 . ILE A 1 33  ? 16.849  4.476   29.116  1.00 33.41  ? 33   ILE A CG1 1 
ATOM   229  C  CG2 . ILE A 1 33  ? 17.759  2.272   29.883  1.00 33.46  ? 33   ILE A CG2 1 
ATOM   230  C  CD1 . ILE A 1 33  ? 17.410  4.423   27.710  1.00 40.24  ? 33   ILE A CD1 1 
ATOM   231  N  N   . ILE A 1 34  ? 15.760  -0.027  28.476  1.00 22.69  ? 34   ILE A N   1 
ATOM   232  C  CA  . ILE A 1 34  ? 15.608  -1.433  28.832  1.00 20.43  ? 34   ILE A CA  1 
ATOM   233  C  C   . ILE A 1 34  ? 16.762  -1.880  29.729  1.00 23.39  ? 34   ILE A C   1 
ATOM   234  O  O   . ILE A 1 34  ? 17.934  -1.640  29.414  1.00 23.45  ? 34   ILE A O   1 
ATOM   235  C  CB  . ILE A 1 34  ? 15.557  -2.319  27.562  1.00 22.18  ? 34   ILE A CB  1 
ATOM   236  C  CG1 . ILE A 1 34  ? 14.222  -2.117  26.822  1.00 22.61  ? 34   ILE A CG1 1 
ATOM   237  C  CG2 . ILE A 1 34  ? 15.778  -3.780  27.918  1.00 20.59  ? 34   ILE A CG2 1 
ATOM   238  C  CD1 . ILE A 1 34  ? 14.218  -2.627  25.398  1.00 25.22  ? 34   ILE A CD1 1 
ATOM   239  N  N   . THR A 1 35  ? 16.432  -2.529  30.843  1.00 19.62  ? 35   THR A N   1 
ATOM   240  C  CA  . THR A 1 35  ? 17.449  -2.945  31.802  1.00 20.39  ? 35   THR A CA  1 
ATOM   241  C  C   . THR A 1 35  ? 17.530  -4.455  32.077  1.00 23.12  ? 35   THR A C   1 
ATOM   242  O  O   . THR A 1 35  ? 18.387  -4.900  32.837  1.00 22.45  ? 35   THR A O   1 
ATOM   243  C  CB  . THR A 1 35  ? 17.307  -2.172  33.134  1.00 30.08  ? 35   THR A CB  1 
ATOM   244  O  OG1 . THR A 1 35  ? 16.028  -2.448  33.715  1.00 30.63  ? 35   THR A OG1 1 
ATOM   245  C  CG2 . THR A 1 35  ? 17.422  -0.668  32.882  1.00 30.55  ? 35   THR A CG2 1 
ATOM   246  N  N   . THR A 1 36  ? 16.649  -5.230  31.445  1.00 19.30  ? 36   THR A N   1 
ATOM   247  C  CA  . THR A 1 36  ? 16.633  -6.686  31.584  1.00 17.87  ? 36   THR A CA  1 
ATOM   248  C  C   . THR A 1 36  ? 16.356  -7.285  30.205  1.00 21.20  ? 36   THR A C   1 
ATOM   249  O  O   . THR A 1 36  ? 15.782  -6.616  29.343  1.00 20.09  ? 36   THR A O   1 
ATOM   250  C  CB  . THR A 1 36  ? 15.501  -7.152  32.520  1.00 23.12  ? 36   THR A CB  1 
ATOM   251  O  OG1 . THR A 1 36  ? 14.234  -6.841  31.926  1.00 23.88  ? 36   THR A OG1 1 
ATOM   252  C  CG2 . THR A 1 36  ? 15.611  -6.477  33.900  1.00 24.12  ? 36   THR A CG2 1 
ATOM   253  N  N   . PRO A 1 37  ? 16.716  -8.550  30.005  1.00 17.20  ? 37   PRO A N   1 
ATOM   254  C  CA  . PRO A 1 37  ? 16.454  -9.185  28.709  1.00 15.76  ? 37   PRO A CA  1 
ATOM   255  C  C   . PRO A 1 37  ? 14.997  -9.653  28.565  1.00 19.21  ? 37   PRO A C   1 
ATOM   256  O  O   . PRO A 1 37  ? 14.589  -10.087 27.492  1.00 19.05  ? 37   PRO A O   1 
ATOM   257  C  CB  . PRO A 1 37  ? 17.416  -10.379 28.699  1.00 17.07  ? 37   PRO A CB  1 
ATOM   258  C  CG  . PRO A 1 37  ? 17.695  -10.650 30.148  1.00 21.10  ? 37   PRO A CG  1 
ATOM   259  C  CD  . PRO A 1 37  ? 17.680  -9.316  30.812  1.00 16.54  ? 37   PRO A CD  1 
ATOM   260  N  N   . MET A 1 38  ? 14.213  -9.536  29.634  1.00 16.36  ? 38   MET A N   1 
ATOM   261  C  CA  . MET A 1 38  ? 12.816  -9.973  29.600  1.00 16.05  ? 38   MET A CA  1 
ATOM   262  C  C   . MET A 1 38  ? 11.922  -8.920  28.948  1.00 21.51  ? 38   MET A C   1 
ATOM   263  O  O   . MET A 1 38  ? 10.808  -9.220  28.509  1.00 20.76  ? 38   MET A O   1 
ATOM   264  C  CB  . MET A 1 38  ? 12.312  -10.294 31.007  1.00 17.68  ? 38   MET A CB  1 
ATOM   265  C  CG  . MET A 1 38  ? 13.072  -11.441 31.692  1.00 19.74  ? 38   MET A CG  1 
ATOM   266  S  SD  . MET A 1 38  ? 14.523  -10.869 32.561  1.00 22.26  ? 38   MET A SD  1 
ATOM   267  C  CE  . MET A 1 38  ? 13.766  -10.031 34.037  1.00 19.27  ? 38   MET A CE  1 
ATOM   268  N  N   . GLU A 1 39  ? 12.423  -7.693  28.864  1.00 19.64  ? 39   GLU A N   1 
ATOM   269  C  CA  . GLU A 1 39  ? 11.671  -6.609  28.229  1.00 19.43  ? 39   GLU A CA  1 
ATOM   270  C  C   . GLU A 1 39  ? 11.620  -6.821  26.724  1.00 23.46  ? 39   GLU A C   1 
ATOM   271  O  O   . GLU A 1 39  ? 12.487  -7.478  26.157  1.00 22.47  ? 39   GLU A O   1 
ATOM   272  C  CB  . GLU A 1 39  ? 12.284  -5.257  28.575  1.00 20.61  ? 39   GLU A CB  1 
ATOM   273  C  CG  . GLU A 1 39  ? 12.070  -4.866  30.026  1.00 28.01  ? 39   GLU A CG  1 
ATOM   274  C  CD  . GLU A 1 39  ? 12.981  -3.741  30.473  1.00 36.60  ? 39   GLU A CD  1 
ATOM   275  O  OE1 . GLU A 1 39  ? 12.647  -2.569  30.218  1.00 34.58  ? 39   GLU A OE1 1 
ATOM   276  O  OE2 . GLU A 1 39  ? 14.008  -4.027  31.120  1.00 31.36  ? 39   GLU A OE2 1 
ATOM   277  N  N   . THR A 1 40  ? 10.579  -6.299  26.083  1.00 20.47  ? 40   THR A N   1 
ATOM   278  C  CA  . THR A 1 40  ? 10.403  -6.503  24.657  1.00 20.85  ? 40   THR A CA  1 
ATOM   279  C  C   . THR A 1 40  ? 10.298  -5.202  23.874  1.00 23.43  ? 40   THR A C   1 
ATOM   280  O  O   . THR A 1 40  ? 9.848   -4.186  24.394  1.00 22.98  ? 40   THR A O   1 
ATOM   281  C  CB  . THR A 1 40  ? 9.135   -7.344  24.375  1.00 31.27  ? 40   THR A CB  1 
ATOM   282  O  OG1 . THR A 1 40  ? 7.987   -6.640  24.857  1.00 30.47  ? 40   THR A OG1 1 
ATOM   283  C  CG2 . THR A 1 40  ? 9.216   -8.679  25.092  1.00 32.15  ? 40   THR A CG2 1 
ATOM   284  N  N   . CYS A 1 41  ? 10.710  -5.260  22.615  1.00 20.49  ? 41   CYS A N   1 
ATOM   285  C  CA  . CYS A 1 41  ? 10.602  -4.135  21.708  1.00 20.74  ? 41   CYS A CA  1 
ATOM   286  C  C   . CYS A 1 41  ? 9.615   -4.532  20.628  1.00 25.36  ? 41   CYS A C   1 
ATOM   287  O  O   . CYS A 1 41  ? 9.906   -5.388  19.809  1.00 26.62  ? 41   CYS A O   1 
ATOM   288  C  CB  . CYS A 1 41  ? 11.958  -3.819  21.091  1.00 20.66  ? 41   CYS A CB  1 
ATOM   289  S  SG  . CYS A 1 41  ? 13.093  -2.994  22.258  1.00 24.57  ? 41   CYS A SG  1 
ATOM   290  N  N   . ASP A 1 42  ? 8.414   -3.976  20.694  1.00 21.25  ? 42   ASP A N   1 
ATOM   291  C  CA  . ASP A 1 42  ? 7.347   -4.335  19.769  1.00 21.20  ? 42   ASP A CA  1 
ATOM   292  C  C   . ASP A 1 42  ? 7.246   -3.366  18.600  1.00 23.50  ? 42   ASP A C   1 
ATOM   293  O  O   . ASP A 1 42  ? 7.432   -2.158  18.767  1.00 21.42  ? 42   ASP A O   1 
ATOM   294  C  CB  . ASP A 1 42  ? 6.021   -4.395  20.509  1.00 23.95  ? 42   ASP A CB  1 
ATOM   295  C  CG  . ASP A 1 42  ? 6.061   -5.357  21.683  1.00 39.23  ? 42   ASP A CG  1 
ATOM   296  O  OD1 . ASP A 1 42  ? 6.689   -6.427  21.543  1.00 39.68  ? 42   ASP A OD1 1 
ATOM   297  O  OD2 . ASP A 1 42  ? 5.526   -5.015  22.757  1.00 49.45  ? 42   ASP A OD2 1 
ATOM   298  N  N   . ASP A 1 43  ? 6.939   -3.898  17.420  1.00 19.44  ? 43   ASP A N   1 
ATOM   299  C  CA  . ASP A 1 43  ? 6.808   -3.059  16.243  1.00 19.61  ? 43   ASP A CA  1 
ATOM   300  C  C   . ASP A 1 43  ? 5.733   -2.018  16.469  1.00 22.93  ? 43   ASP A C   1 
ATOM   301  O  O   . ASP A 1 43  ? 4.694   -2.298  17.067  1.00 22.76  ? 43   ASP A O   1 
ATOM   302  C  CB  . ASP A 1 43  ? 6.472   -3.889  14.997  1.00 21.43  ? 43   ASP A CB  1 
ATOM   303  C  CG  . ASP A 1 43  ? 6.241   -3.017  13.765  1.00 24.27  ? 43   ASP A CG  1 
ATOM   304  O  OD1 . ASP A 1 43  ? 7.186   -2.311  13.351  1.00 25.05  ? 43   ASP A OD1 1 
ATOM   305  O  OD2 . ASP A 1 43  ? 5.087   -2.930  13.304  1.00 28.09  ? 43   ASP A OD2 1 
ATOM   306  N  N   . ILE A 1 44  ? 5.996   -0.801  16.010  1.00 20.80  ? 44   ILE A N   1 
ATOM   307  C  CA  . ILE A 1 44  ? 5.010   0.263   16.094  1.00 20.47  ? 44   ILE A CA  1 
ATOM   308  C  C   . ILE A 1 44  ? 4.244   0.265   14.779  1.00 23.17  ? 44   ILE A C   1 
ATOM   309  O  O   . ILE A 1 44  ? 4.847   0.257   13.713  1.00 21.99  ? 44   ILE A O   1 
ATOM   310  C  CB  . ILE A 1 44  ? 5.689   1.634   16.255  1.00 23.95  ? 44   ILE A CB  1 
ATOM   311  C  CG1 . ILE A 1 44  ? 6.299   1.765   17.660  1.00 24.36  ? 44   ILE A CG1 1 
ATOM   312  C  CG2 . ILE A 1 44  ? 4.690   2.753   15.982  1.00 25.43  ? 44   ILE A CG2 1 
ATOM   313  C  CD1 . ILE A 1 44  ? 7.537   2.628   17.713  1.00 33.89  ? 44   ILE A CD1 1 
ATOM   314  N  N   . ASN A 1 45  ? 2.921   0.246   14.846  1.00 20.69  ? 45   ASN A N   1 
ATOM   315  C  CA  . ASN A 1 45  ? 2.135   0.271   13.621  1.00 20.35  ? 45   ASN A CA  1 
ATOM   316  C  C   . ASN A 1 45  ? 1.880   1.714   13.208  1.00 23.87  ? 45   ASN A C   1 
ATOM   317  O  O   . ASN A 1 45  ? 0.905   2.330   13.633  1.00 24.79  ? 45   ASN A O   1 
ATOM   318  C  CB  . ASN A 1 45  ? 0.815   -0.480  13.790  1.00 20.93  ? 45   ASN A CB  1 
ATOM   319  C  CG  . ASN A 1 45  ? -0.029  -0.472  12.513  1.00 37.47  ? 45   ASN A CG  1 
ATOM   320  O  OD1 . ASN A 1 45  ? 0.340   0.147   11.519  1.00 26.92  ? 45   ASN A OD1 1 
ATOM   321  N  ND2 . ASN A 1 45  ? -1.167  -1.149  12.550  1.00 32.90  ? 45   ASN A ND2 1 
ATOM   322  N  N   . GLU A 1 46  ? 2.775   2.253   12.391  1.00 20.94  ? 46   GLU A N   1 
ATOM   323  C  CA  . GLU A 1 46  ? 2.646   3.628   11.921  1.00 21.78  ? 46   GLU A CA  1 
ATOM   324  C  C   . GLU A 1 46  ? 1.323   3.897   11.216  1.00 28.02  ? 46   GLU A C   1 
ATOM   325  O  O   . GLU A 1 46  ? 0.832   5.024   11.233  1.00 27.87  ? 46   GLU A O   1 
ATOM   326  C  CB  . GLU A 1 46  ? 3.802   3.998   11.000  1.00 23.14  ? 46   GLU A CB  1 
ATOM   327  C  CG  . GLU A 1 46  ? 5.142   4.175   11.719  1.00 28.82  ? 46   GLU A CG  1 
ATOM   328  C  CD  . GLU A 1 46  ? 5.932   2.886   11.803  1.00 34.88  ? 46   GLU A CD  1 
ATOM   329  O  OE1 . GLU A 1 46  ? 5.388   1.830   11.419  1.00 26.15  ? 46   GLU A OE1 1 
ATOM   330  O  OE2 . GLU A 1 46  ? 7.091   2.920   12.256  1.00 26.76  ? 46   GLU A OE2 1 
ATOM   331  N  N   . CYS A 1 47  ? 0.741   2.868   10.606  1.00 24.34  ? 47   CYS A N   1 
ATOM   332  C  CA  . CYS A 1 47  ? -0.508  3.046   9.855   1.00 24.39  ? 47   CYS A CA  1 
ATOM   333  C  C   . CYS A 1 47  ? -1.741  3.259   10.731  1.00 36.81  ? 47   CYS A C   1 
ATOM   334  O  O   . CYS A 1 47  ? -2.810  3.593   10.230  1.00 38.00  ? 47   CYS A O   1 
ATOM   335  C  CB  . CYS A 1 47  ? -0.732  1.892   8.876   1.00 22.47  ? 47   CYS A CB  1 
ATOM   336  S  SG  . CYS A 1 47  ? 0.626   1.660   7.686   1.00 24.71  ? 47   CYS A SG  1 
ATOM   337  N  N   . ALA A 1 48  ? -1.594  3.080   12.037  1.00 38.03  ? 48   ALA A N   1 
ATOM   338  C  CA  . ALA A 1 48  ? -2.717  3.272   12.955  1.00 40.29  ? 48   ALA A CA  1 
ATOM   339  C  C   . ALA A 1 48  ? -2.573  4.556   13.771  1.00 48.22  ? 48   ALA A C   1 
ATOM   340  O  O   . ALA A 1 48  ? -3.438  4.878   14.585  1.00 49.39  ? 48   ALA A O   1 
ATOM   341  C  CB  . ALA A 1 48  ? -2.873  2.067   13.871  1.00 41.17  ? 48   ALA A CB  1 
ATOM   342  N  N   . THR A 1 49  ? -1.486  5.289   13.546  1.00 46.38  ? 49   THR A N   1 
ATOM   343  C  CA  . THR A 1 49  ? -1.246  6.539   14.261  1.00 47.15  ? 49   THR A CA  1 
ATOM   344  C  C   . THR A 1 49  ? -2.161  7.648   13.749  1.00 52.10  ? 49   THR A C   1 
ATOM   345  O  O   . THR A 1 49  ? -2.779  8.367   14.536  1.00 52.94  ? 49   THR A O   1 
ATOM   346  C  CB  . THR A 1 49  ? 0.225   6.994   14.138  1.00 57.26  ? 49   THR A CB  1 
ATOM   347  O  OG1 . THR A 1 49  ? 1.077   6.042   14.786  1.00 57.94  ? 49   THR A OG1 1 
ATOM   348  C  CG2 . THR A 1 49  ? 0.421   8.365   14.785  1.00 55.99  ? 49   THR A CG2 1 
ATOM   349  N  N   . SER A 1 54  ? -0.077  10.503  7.260   1.00 39.09  ? 54   SER A N   1 
ATOM   350  C  CA  . SER A 1 54  ? -0.964  10.465  6.096   1.00 37.91  ? 54   SER A CA  1 
ATOM   351  C  C   . SER A 1 54  ? -0.211  10.201  4.793   1.00 35.99  ? 54   SER A C   1 
ATOM   352  O  O   . SER A 1 54  ? 0.771   10.872  4.482   1.00 34.34  ? 54   SER A O   1 
ATOM   353  C  CB  . SER A 1 54  ? -1.771  11.759  5.983   1.00 43.16  ? 54   SER A CB  1 
ATOM   354  O  OG  . SER A 1 54  ? -2.666  11.704  4.878   1.00 55.14  ? 54   SER A OG  1 
ATOM   355  N  N   . CYS A 1 55  ? -0.694  9.223   4.032   1.00 29.44  ? 55   CYS A N   1 
ATOM   356  C  CA  . CYS A 1 55  ? -0.083  8.854   2.763   1.00 27.22  ? 55   CYS A CA  1 
ATOM   357  C  C   . CYS A 1 55  ? -0.584  9.749   1.623   1.00 32.23  ? 55   CYS A C   1 
ATOM   358  O  O   . CYS A 1 55  ? 0.060   9.868   0.590   1.00 32.66  ? 55   CYS A O   1 
ATOM   359  C  CB  . CYS A 1 55  ? -0.352  7.370   2.455   1.00 25.45  ? 55   CYS A CB  1 
ATOM   360  S  SG  . CYS A 1 55  ? 0.547   6.215   3.568   1.00 28.00  ? 55   CYS A SG  1 
ATOM   361  N  N   . GLY A 1 56  ? -1.729  10.382  1.825   1.00 30.28  ? 56   GLY A N   1 
ATOM   362  C  CA  . GLY A 1 56  ? -2.288  11.278  0.814   1.00 29.67  ? 56   GLY A CA  1 
ATOM   363  C  C   . GLY A 1 56  ? -3.332  10.600  -0.059  1.00 30.17  ? 56   GLY A C   1 
ATOM   364  O  O   . GLY A 1 56  ? -3.823  9.520   0.266   1.00 28.33  ? 56   GLY A O   1 
ATOM   365  N  N   . LYS A 1 57  ? -3.648  11.238  -1.183  1.00 26.18  ? 57   LYS A N   1 
ATOM   366  C  CA  . LYS A 1 57  ? -4.666  10.752  -2.099  1.00 25.18  ? 57   LYS A CA  1 
ATOM   367  C  C   . LYS A 1 57  ? -4.346  9.418   -2.773  1.00 25.81  ? 57   LYS A C   1 
ATOM   368  O  O   . LYS A 1 57  ? -3.201  9.154   -3.148  1.00 23.87  ? 57   LYS A O   1 
ATOM   369  C  CB  . LYS A 1 57  ? -4.940  11.805  -3.183  1.00 27.68  ? 57   LYS A CB  1 
ATOM   370  C  CG  . LYS A 1 57  ? -3.691  12.266  -3.922  1.00 27.13  ? 57   LYS A CG  1 
ATOM   371  C  CD  . LYS A 1 57  ? -4.034  12.874  -5.272  1.00 37.16  ? 57   LYS A CD  1 
ATOM   372  C  CE  . LYS A 1 57  ? -2.858  13.653  -5.845  1.00 44.87  ? 57   LYS A CE  1 
ATOM   373  N  NZ  . LYS A 1 57  ? -1.600  12.850  -5.870  1.00 53.83  ? 57   LYS A NZ  1 
ATOM   374  N  N   . PHE A 1 58  ? -5.388  8.616   -2.965  1.00 22.47  ? 58   PHE A N   1 
ATOM   375  C  CA  . PHE A 1 58  ? -5.312  7.379   -3.743  1.00 22.26  ? 58   PHE A CA  1 
ATOM   376  C  C   . PHE A 1 58  ? -4.204  6.432   -3.301  1.00 25.65  ? 58   PHE A C   1 
ATOM   377  O  O   . PHE A 1 58  ? -3.542  5.803   -4.139  1.00 23.47  ? 58   PHE A O   1 
ATOM   378  C  CB  . PHE A 1 58  ? -5.126  7.719   -5.222  1.00 24.50  ? 58   PHE A CB  1 
ATOM   379  C  CG  . PHE A 1 58  ? -6.131  8.710   -5.752  1.00 27.21  ? 58   PHE A CG  1 
ATOM   380  C  CD1 . PHE A 1 58  ? -5.729  9.765   -6.561  1.00 30.85  ? 58   PHE A CD1 1 
ATOM   381  C  CD2 . PHE A 1 58  ? -7.482  8.573   -5.453  1.00 30.53  ? 58   PHE A CD2 1 
ATOM   382  C  CE1 . PHE A 1 58  ? -6.657  10.679  -7.061  1.00 31.90  ? 58   PHE A CE1 1 
ATOM   383  C  CE2 . PHE A 1 58  ? -8.418  9.472   -5.957  1.00 33.81  ? 58   PHE A CE2 1 
ATOM   384  C  CZ  . PHE A 1 58  ? -8.002  10.528  -6.764  1.00 31.30  ? 58   PHE A CZ  1 
ATOM   385  N  N   . SER A 1 59  ? -4.025  6.287   -1.993  1.00 22.08  ? 59   SER A N   1 
ATOM   386  C  CA  . SER A 1 59  ? -2.948  5.449   -1.492  1.00 21.18  ? 59   SER A CA  1 
ATOM   387  C  C   . SER A 1 59  ? -3.357  4.602   -0.305  1.00 25.72  ? 59   SER A C   1 
ATOM   388  O  O   . SER A 1 59  ? -4.386  4.838   0.305   1.00 24.80  ? 59   SER A O   1 
ATOM   389  C  CB  . SER A 1 59  ? -1.738  6.307   -1.131  1.00 23.10  ? 59   SER A CB  1 
ATOM   390  O  OG  . SER A 1 59  ? -2.035  7.142   -0.031  1.00 34.02  ? 59   SER A OG  1 
ATOM   391  N  N   . ASP A 1 60  ? -2.537  3.614   0.019   1.00 20.82  ? 60   ASP A N   1 
ATOM   392  C  CA  . ASP A 1 60  ? -2.791  2.767   1.168   1.00 20.31  ? 60   ASP A CA  1 
ATOM   393  C  C   . ASP A 1 60  ? -1.522  2.748   2.009   1.00 21.88  ? 60   ASP A C   1 
ATOM   394  O  O   . ASP A 1 60  ? -0.427  2.927   1.486   1.00 19.70  ? 60   ASP A O   1 
ATOM   395  C  CB  . ASP A 1 60  ? -3.122  1.341   0.716   1.00 23.06  ? 60   ASP A CB  1 
ATOM   396  C  CG  . ASP A 1 60  ? -4.485  1.239   0.055   1.00 32.76  ? 60   ASP A CG  1 
ATOM   397  O  OD1 . ASP A 1 60  ? -5.446  1.829   0.582   1.00 35.92  ? 60   ASP A OD1 1 
ATOM   398  O  OD2 . ASP A 1 60  ? -4.587  0.578   -0.992  1.00 33.60  ? 60   ASP A OD2 1 
ATOM   399  N  N   . CYS A 1 61  ? -1.673  2.541   3.308   1.00 19.18  ? 61   CYS A N   1 
ATOM   400  C  CA  . CYS A 1 61  ? -0.524  2.448   4.213   1.00 19.18  ? 61   CYS A CA  1 
ATOM   401  C  C   . CYS A 1 61  ? -0.375  0.998   4.606   1.00 20.52  ? 61   CYS A C   1 
ATOM   402  O  O   . CYS A 1 61  ? -1.344  0.373   5.029   1.00 19.13  ? 61   CYS A O   1 
ATOM   403  C  CB  . CYS A 1 61  ? -0.747  3.301   5.473   1.00 20.48  ? 61   CYS A CB  1 
ATOM   404  S  SG  . CYS A 1 61  ? 0.696   3.378   6.601   1.00 24.59  ? 61   CYS A SG  1 
ATOM   405  N  N   . TRP A 1 62  ? 0.817   0.442   4.407   1.00 17.18  ? 62   TRP A N   1 
ATOM   406  C  CA  . TRP A 1 62  ? 1.081   -0.952  4.756   1.00 16.13  ? 62   TRP A CA  1 
ATOM   407  C  C   . TRP A 1 62  ? 2.159   -1.016  5.835   1.00 18.14  ? 62   TRP A C   1 
ATOM   408  O  O   . TRP A 1 62  ? 3.282   -0.569  5.625   1.00 16.78  ? 62   TRP A O   1 
ATOM   409  C  CB  . TRP A 1 62  ? 1.527   -1.738  3.521   1.00 14.70  ? 62   TRP A CB  1 
ATOM   410  C  CG  . TRP A 1 62  ? 0.416   -1.956  2.538   1.00 16.29  ? 62   TRP A CG  1 
ATOM   411  C  CD1 . TRP A 1 62  ? -0.055  -1.063  1.618   1.00 19.42  ? 62   TRP A CD1 1 
ATOM   412  C  CD2 . TRP A 1 62  ? -0.376  -3.141  2.390   1.00 16.27  ? 62   TRP A CD2 1 
ATOM   413  N  NE1 . TRP A 1 62  ? -1.081  -1.630  0.884   1.00 18.76  ? 62   TRP A NE1 1 
ATOM   414  C  CE2 . TRP A 1 62  ? -1.299  -2.903  1.345   1.00 20.49  ? 62   TRP A CE2 1 
ATOM   415  C  CE3 . TRP A 1 62  ? -0.405  -4.378  3.050   1.00 17.71  ? 62   TRP A CE3 1 
ATOM   416  C  CZ2 . TRP A 1 62  ? -2.245  -3.848  0.956   1.00 19.93  ? 62   TRP A CZ2 1 
ATOM   417  C  CZ3 . TRP A 1 62  ? -1.335  -5.322  2.646   1.00 19.27  ? 62   TRP A CZ3 1 
ATOM   418  C  CH2 . TRP A 1 62  ? -2.242  -5.049  1.609   1.00 20.08  ? 62   TRP A CH2 1 
ATOM   419  N  N   . ASN A 1 63  ? 1.799   -1.545  6.996   1.00 16.29  ? 63   ASN A N   1 
ATOM   420  C  CA  . ASN A 1 63  ? 2.736   -1.645  8.114   1.00 17.34  ? 63   ASN A CA  1 
ATOM   421  C  C   . ASN A 1 63  ? 3.740   -2.778  7.899   1.00 22.20  ? 63   ASN A C   1 
ATOM   422  O  O   . ASN A 1 63  ? 3.390   -3.821  7.363   1.00 22.34  ? 63   ASN A O   1 
ATOM   423  C  CB  . ASN A 1 63  ? 1.967   -1.848  9.420   1.00 17.16  ? 63   ASN A CB  1 
ATOM   424  C  CG  . ASN A 1 63  ? 2.869   -1.896  10.634  1.00 24.61  ? 63   ASN A CG  1 
ATOM   425  O  OD1 . ASN A 1 63  ? 3.797   -1.104  10.758  1.00 20.37  ? 63   ASN A OD1 1 
ATOM   426  N  ND2 . ASN A 1 63  ? 2.595   -2.828  11.541  1.00 20.20  ? 63   ASN A ND2 1 
ATOM   427  N  N   . THR A 1 64  ? 4.995   -2.542  8.277   1.00 21.25  ? 64   THR A N   1 
ATOM   428  C  CA  . THR A 1 64  ? 6.056   -3.550  8.186   1.00 22.34  ? 64   THR A CA  1 
ATOM   429  C  C   . THR A 1 64  ? 6.824   -3.586  9.520   1.00 27.94  ? 64   THR A C   1 
ATOM   430  O  O   . THR A 1 64  ? 6.571   -2.775  10.408  1.00 25.76  ? 64   THR A O   1 
ATOM   431  C  CB  . THR A 1 64  ? 7.073   -3.237  7.035   1.00 28.44  ? 64   THR A CB  1 
ATOM   432  O  OG1 . THR A 1 64  ? 7.894   -2.120  7.399   1.00 31.16  ? 64   THR A OG1 1 
ATOM   433  C  CG2 . THR A 1 64  ? 6.346   -2.917  5.727   1.00 28.67  ? 64   THR A CG2 1 
ATOM   434  N  N   . GLU A 1 65  ? 7.767   -4.516  9.647   1.00 28.23  ? 65   GLU A N   1 
ATOM   435  C  CA  . GLU A 1 65  ? 8.570   -4.624  10.868  1.00 28.92  ? 65   GLU A CA  1 
ATOM   436  C  C   . GLU A 1 65  ? 9.644   -3.556  10.871  1.00 33.42  ? 65   GLU A C   1 
ATOM   437  O  O   . GLU A 1 65  ? 10.551  -3.586  10.051  1.00 35.89  ? 65   GLU A O   1 
ATOM   438  C  CB  . GLU A 1 65  ? 9.227   -6.009  10.969  1.00 30.72  ? 65   GLU A CB  1 
ATOM   439  C  CG  . GLU A 1 65  ? 8.315   -7.093  11.516  1.00 39.37  ? 65   GLU A CG  1 
ATOM   440  C  CD  . GLU A 1 65  ? 7.834   -6.801  12.925  1.00 55.23  ? 65   GLU A CD  1 
ATOM   441  O  OE1 . GLU A 1 65  ? 6.606   -6.698  13.123  1.00 44.60  ? 65   GLU A OE1 1 
ATOM   442  O  OE2 . GLU A 1 65  ? 8.677   -6.728  13.841  1.00 46.75  ? 65   GLU A OE2 1 
ATOM   443  N  N   . GLY A 1 66  ? 9.533   -2.598  11.779  1.00 28.91  ? 66   GLY A N   1 
ATOM   444  C  CA  . GLY A 1 66  ? 10.518  -1.531  11.864  1.00 28.06  ? 66   GLY A CA  1 
ATOM   445  C  C   . GLY A 1 66  ? 10.190  -0.343  10.955  1.00 32.34  ? 66   GLY A C   1 
ATOM   446  O  O   . GLY A 1 66  ? 10.830  0.699   11.043  1.00 31.65  ? 66   GLY A O   1 
ATOM   447  N  N   . SER A 1 67  ? 9.182   -0.492  10.097  1.00 28.16  ? 67   SER A N   1 
ATOM   448  C  CA  . SER A 1 67  ? 8.801   0.603   9.207   1.00 26.11  ? 67   SER A CA  1 
ATOM   449  C  C   . SER A 1 67  ? 7.359   0.499   8.686   1.00 27.02  ? 67   SER A C   1 
ATOM   450  O  O   . SER A 1 67  ? 6.475   -0.056  9.342   1.00 25.35  ? 67   SER A O   1 
ATOM   451  C  CB  . SER A 1 67  ? 9.791   0.694   8.028   1.00 29.31  ? 67   SER A CB  1 
ATOM   452  O  OG  . SER A 1 67  ? 9.853   2.012   7.505   1.00 36.38  ? 67   SER A OG  1 
ATOM   453  N  N   . TYR A 1 68  ? 7.135   1.078   7.515   1.00 22.91  ? 68   TYR A N   1 
ATOM   454  C  CA  . TYR A 1 68  ? 5.829   1.059   6.860   1.00 21.66  ? 68   TYR A CA  1 
ATOM   455  C  C   . TYR A 1 68  ? 6.046   1.643   5.480   1.00 24.66  ? 68   TYR A C   1 
ATOM   456  O  O   . TYR A 1 68  ? 7.085   2.249   5.216   1.00 24.41  ? 68   TYR A O   1 
ATOM   457  C  CB  . TYR A 1 68  ? 4.808   1.901   7.626   1.00 22.22  ? 68   TYR A CB  1 
ATOM   458  C  CG  . TYR A 1 68  ? 5.036   3.396   7.505   1.00 24.88  ? 68   TYR A CG  1 
ATOM   459  C  CD1 . TYR A 1 68  ? 4.408   4.136   6.505   1.00 26.57  ? 68   TYR A CD1 1 
ATOM   460  C  CD2 . TYR A 1 68  ? 5.945   4.050   8.344   1.00 26.16  ? 68   TYR A CD2 1 
ATOM   461  C  CE1 . TYR A 1 68  ? 4.640   5.494   6.365   1.00 27.37  ? 68   TYR A CE1 1 
ATOM   462  C  CE2 . TYR A 1 68  ? 6.185   5.410   8.219   1.00 27.47  ? 68   TYR A CE2 1 
ATOM   463  C  CZ  . TYR A 1 68  ? 5.536   6.125   7.220   1.00 34.48  ? 68   TYR A CZ  1 
ATOM   464  O  OH  . TYR A 1 68  ? 5.771   7.466   7.083   1.00 29.93  ? 68   TYR A OH  1 
ATOM   465  N  N   . ASP A 1 69  ? 5.089   1.432   4.585   1.00 20.00  ? 69   ASP A N   1 
ATOM   466  C  CA  . ASP A 1 69  ? 5.188   1.978   3.242   1.00 19.49  ? 69   ASP A CA  1 
ATOM   467  C  C   . ASP A 1 69  ? 3.823   2.468   2.813   1.00 21.72  ? 69   ASP A C   1 
ATOM   468  O  O   . ASP A 1 69  ? 2.825   1.783   3.020   1.00 18.92  ? 69   ASP A O   1 
ATOM   469  C  CB  . ASP A 1 69  ? 5.624   0.896   2.244   1.00 21.20  ? 69   ASP A CB  1 
ATOM   470  C  CG  . ASP A 1 69  ? 7.058   0.456   2.434   1.00 28.41  ? 69   ASP A CG  1 
ATOM   471  O  OD1 . ASP A 1 69  ? 7.960   1.267   2.185   1.00 31.71  ? 69   ASP A OD1 1 
ATOM   472  O  OD2 . ASP A 1 69  ? 7.286   -0.727  2.740   1.00 28.80  ? 69   ASP A OD2 1 
ATOM   473  N  N   . CYS A 1 70  ? 3.804   3.615   2.143   1.00 18.91  ? 70   CYS A N   1 
ATOM   474  C  CA  . CYS A 1 70  ? 2.609   4.116   1.487   1.00 20.07  ? 70   CYS A CA  1 
ATOM   475  C  C   . CYS A 1 70  ? 2.747   3.610   0.066   1.00 20.93  ? 70   CYS A C   1 
ATOM   476  O  O   . CYS A 1 70  ? 3.846   3.617   -0.481  1.00 18.62  ? 70   CYS A O   1 
ATOM   477  C  CB  . CYS A 1 70  ? 2.624   5.646   1.441   1.00 21.75  ? 70   CYS A CB  1 
ATOM   478  S  SG  . CYS A 1 70  ? 2.490   6.478   3.046   1.00 26.93  ? 70   CYS A SG  1 
ATOM   479  N  N   . VAL A 1 71  ? 1.646   3.164   -0.531  1.00 17.44  ? 71   VAL A N   1 
ATOM   480  C  CA  . VAL A 1 71  ? 1.665   2.719   -1.919  1.00 17.96  ? 71   VAL A CA  1 
ATOM   481  C  C   . VAL A 1 71  ? 0.396   3.239   -2.598  1.00 21.30  ? 71   VAL A C   1 
ATOM   482  O  O   . VAL A 1 71  ? -0.639  3.383   -1.957  1.00 21.29  ? 71   VAL A O   1 
ATOM   483  C  CB  . VAL A 1 71  ? 1.665   1.178   -2.030  1.00 22.85  ? 71   VAL A CB  1 
ATOM   484  C  CG1 . VAL A 1 71  ? 2.839   0.567   -1.255  1.00 22.93  ? 71   VAL A CG1 1 
ATOM   485  C  CG2 . VAL A 1 71  ? 0.348   0.622   -1.538  1.00 22.93  ? 71   VAL A CG2 1 
ATOM   486  N  N   . CYS A 1 72  ? 0.461   3.502   -3.890  1.00 18.01  ? 72   CYS A N   1 
ATOM   487  C  CA  . CYS A 1 72  ? -0.749  3.930   -4.587  1.00 18.36  ? 72   CYS A CA  1 
ATOM   488  C  C   . CYS A 1 72  ? -1.738  2.763   -4.558  1.00 20.78  ? 72   CYS A C   1 
ATOM   489  O  O   . CYS A 1 72  ? -1.333  1.606   -4.635  1.00 20.58  ? 72   CYS A O   1 
ATOM   490  C  CB  . CYS A 1 72  ? -0.434  4.347   -6.024  1.00 19.25  ? 72   CYS A CB  1 
ATOM   491  S  SG  . CYS A 1 72  ? 0.756   5.726   -6.152  1.00 23.58  ? 72   CYS A SG  1 
ATOM   492  N  N   . SER A 1 73  ? -3.010  3.054   -4.329  1.00 18.47  ? 73   SER A N   1 
ATOM   493  C  CA  . SER A 1 73  ? -4.027  1.999   -4.282  1.00 19.29  ? 73   SER A CA  1 
ATOM   494  C  C   . SER A 1 73  ? -4.194  1.362   -5.657  1.00 23.80  ? 73   SER A C   1 
ATOM   495  O  O   . SER A 1 73  ? -3.788  1.934   -6.670  1.00 22.20  ? 73   SER A O   1 
ATOM   496  C  CB  . SER A 1 73  ? -5.376  2.546   -3.805  1.00 21.99  ? 73   SER A CB  1 
ATOM   497  O  OG  . SER A 1 73  ? -5.230  3.349   -2.654  1.00 33.41  ? 73   SER A OG  1 
ATOM   498  N  N   . PRO A 1 74  ? -4.793  0.174   -5.691  1.00 22.93  ? 74   PRO A N   1 
ATOM   499  C  CA  . PRO A 1 74  ? -5.025  -0.511  -6.960  1.00 23.19  ? 74   PRO A CA  1 
ATOM   500  C  C   . PRO A 1 74  ? -5.869  0.376   -7.880  1.00 25.10  ? 74   PRO A C   1 
ATOM   501  O  O   . PRO A 1 74  ? -6.860  0.959   -7.454  1.00 23.37  ? 74   PRO A O   1 
ATOM   502  C  CB  . PRO A 1 74  ? -5.810  -1.761  -6.538  1.00 24.91  ? 74   PRO A CB  1 
ATOM   503  C  CG  . PRO A 1 74  ? -5.392  -1.998  -5.124  1.00 27.94  ? 74   PRO A CG  1 
ATOM   504  C  CD  . PRO A 1 74  ? -5.231  -0.638  -4.538  1.00 23.37  ? 74   PRO A CD  1 
ATOM   505  N  N   . GLY A 1 75  ? -5.441  0.520   -9.129  1.00 24.39  ? 75   GLY A N   1 
ATOM   506  C  CA  . GLY A 1 75  ? -6.153  1.379   -10.078 1.00 24.45  ? 75   GLY A CA  1 
ATOM   507  C  C   . GLY A 1 75  ? -5.429  2.717   -10.259 1.00 28.19  ? 75   GLY A C   1 
ATOM   508  O  O   . GLY A 1 75  ? -5.732  3.482   -11.187 1.00 26.81  ? 75   GLY A O   1 
ATOM   509  N  N   . TYR A 1 76  ? -4.481  2.992   -9.359  1.00 23.42  ? 76   TYR A N   1 
ATOM   510  C  CA  . TYR A 1 76  ? -3.676  4.201   -9.412  1.00 23.20  ? 76   TYR A CA  1 
ATOM   511  C  C   . TYR A 1 76  ? -2.202  3.824   -9.501  1.00 27.91  ? 76   TYR A C   1 
ATOM   512  O  O   . TYR A 1 76  ? -1.801  2.747   -9.067  1.00 28.71  ? 76   TYR A O   1 
ATOM   513  C  CB  . TYR A 1 76  ? -3.914  5.058   -8.163  1.00 23.98  ? 76   TYR A CB  1 
ATOM   514  C  CG  . TYR A 1 76  ? -5.367  5.375   -7.928  1.00 25.09  ? 76   TYR A CG  1 
ATOM   515  C  CD1 . TYR A 1 76  ? -6.189  4.488   -7.245  1.00 26.78  ? 76   TYR A CD1 1 
ATOM   516  C  CD2 . TYR A 1 76  ? -5.925  6.546   -8.412  1.00 25.93  ? 76   TYR A CD2 1 
ATOM   517  C  CE1 . TYR A 1 76  ? -7.528  4.768   -7.030  1.00 28.31  ? 76   TYR A CE1 1 
ATOM   518  C  CE2 . TYR A 1 76  ? -7.270  6.826   -8.230  1.00 26.70  ? 76   TYR A CE2 1 
ATOM   519  C  CZ  . TYR A 1 76  ? -8.064  5.933   -7.536  1.00 36.63  ? 76   TYR A CZ  1 
ATOM   520  O  OH  . TYR A 1 76  ? -9.398  6.218   -7.329  1.00 39.91  ? 76   TYR A OH  1 
ATOM   521  N  N   . GLU A 1 77  ? -1.396  4.717   -10.053 1.00 24.02  ? 77   GLU A N   1 
ATOM   522  C  CA  . GLU A 1 77  ? 0.038   4.477   -10.167 1.00 24.40  ? 77   GLU A CA  1 
ATOM   523  C  C   . GLU A 1 77  ? 0.773   5.798   -10.006 1.00 26.62  ? 77   GLU A C   1 
ATOM   524  O  O   . GLU A 1 77  ? 0.229   6.839   -10.310 1.00 23.84  ? 77   GLU A O   1 
ATOM   525  C  CB  . GLU A 1 77  ? 0.369   3.828   -11.515 1.00 26.17  ? 77   GLU A CB  1 
ATOM   526  C  CG  . GLU A 1 77  ? 0.223   4.764   -12.699 1.00 39.74  ? 77   GLU A CG  1 
ATOM   527  C  CD  . GLU A 1 77  ? 0.113   4.021   -14.019 1.00 66.28  ? 77   GLU A CD  1 
ATOM   528  O  OE1 . GLU A 1 77  ? 0.244   2.774   -14.020 1.00 59.13  ? 77   GLU A OE1 1 
ATOM   529  O  OE2 . GLU A 1 77  ? -0.084  4.692   -15.059 1.00 62.90  ? 77   GLU A OE2 1 
ATOM   530  N  N   . PRO A 1 78  ? 1.983   5.762   -9.460  1.00 27.26  ? 78   PRO A N   1 
ATOM   531  C  CA  . PRO A 1 78  ? 2.717   6.999   -9.214  1.00 28.83  ? 78   PRO A CA  1 
ATOM   532  C  C   . PRO A 1 78  ? 3.259   7.652   -10.490 1.00 38.21  ? 78   PRO A C   1 
ATOM   533  O  O   . PRO A 1 78  ? 3.942   7.015   -11.288 1.00 37.93  ? 78   PRO A O   1 
ATOM   534  C  CB  . PRO A 1 78  ? 3.865   6.551   -8.305  1.00 29.99  ? 78   PRO A CB  1 
ATOM   535  C  CG  . PRO A 1 78  ? 4.120   5.134   -8.692  1.00 33.41  ? 78   PRO A CG  1 
ATOM   536  C  CD  . PRO A 1 78  ? 2.810   4.564   -9.215  1.00 28.00  ? 78   PRO A CD  1 
ATOM   537  N  N   . VAL A 1 79  ? 2.952   8.934   -10.659 1.00 39.67  ? 79   VAL A N   1 
ATOM   538  C  CA  . VAL A 1 79  ? 3.449   9.698   -11.798 1.00 41.91  ? 79   VAL A CA  1 
ATOM   539  C  C   . VAL A 1 79  ? 4.978   9.696   -11.744 1.00 49.49  ? 79   VAL A C   1 
ATOM   540  O  O   . VAL A 1 79  ? 5.650   9.489   -12.755 1.00 49.50  ? 79   VAL A O   1 
ATOM   541  C  CB  . VAL A 1 79  ? 2.954   11.165  -11.738 1.00 46.43  ? 79   VAL A CB  1 
ATOM   542  C  CG1 . VAL A 1 79  ? 3.986   12.104  -12.326 1.00 46.66  ? 79   VAL A CG1 1 
ATOM   543  C  CG2 . VAL A 1 79  ? 1.630   11.309  -12.453 1.00 46.32  ? 79   VAL A CG2 1 
ATOM   544  N  N   . SER A 1 80  ? 5.508   9.877   -10.536 1.00 47.80  ? 80   SER A N   1 
ATOM   545  C  CA  . SER A 1 80  ? 6.948   9.926   -10.287 1.00 47.88  ? 80   SER A CA  1 
ATOM   546  C  C   . SER A 1 80  ? 7.664   8.579   -10.407 1.00 51.28  ? 80   SER A C   1 
ATOM   547  O  O   . SER A 1 80  ? 8.888   8.521   -10.337 1.00 51.84  ? 80   SER A O   1 
ATOM   548  C  CB  . SER A 1 80  ? 7.223   10.527  -8.913  1.00 52.32  ? 80   SER A CB  1 
ATOM   549  O  OG  . SER A 1 80  ? 7.360   9.501   -7.942  1.00 63.58  ? 80   SER A OG  1 
ATOM   550  N  N   . GLY A 1 81  ? 6.902   7.498   -10.541 1.00 46.59  ? 81   GLY A N   1 
ATOM   551  C  CA  . GLY A 1 81  ? 7.493   6.169   -10.712 1.00 45.23  ? 81   GLY A CA  1 
ATOM   552  C  C   . GLY A 1 81  ? 7.889   5.435   -9.422  1.00 45.79  ? 81   GLY A C   1 
ATOM   553  O  O   . GLY A 1 81  ? 8.069   4.220   -9.435  1.00 44.73  ? 81   GLY A O   1 
ATOM   554  N  N   . ALA A 1 82  ? 8.039   6.167   -8.321  1.00 40.58  ? 82   ALA A N   1 
ATOM   555  C  CA  . ALA A 1 82  ? 8.407   5.546   -7.037  1.00 39.38  ? 82   ALA A CA  1 
ATOM   556  C  C   . ALA A 1 82  ? 7.307   4.595   -6.540  1.00 39.61  ? 82   ALA A C   1 
ATOM   557  O  O   . ALA A 1 82  ? 6.192   5.024   -6.267  1.00 37.56  ? 82   ALA A O   1 
ATOM   558  C  CB  . ALA A 1 82  ? 8.686   6.610   -6.001  1.00 40.41  ? 82   ALA A CB  1 
ATOM   559  N  N   . LYS A 1 83  ? 7.634   3.313   -6.413  1.00 35.46  ? 83   LYS A N   1 
ATOM   560  C  CA  . LYS A 1 83  ? 6.644   2.309   -6.005  1.00 34.66  ? 83   LYS A CA  1 
ATOM   561  C  C   . LYS A 1 83  ? 6.149   2.443   -4.561  1.00 33.64  ? 83   LYS A C   1 
ATOM   562  O  O   . LYS A 1 83  ? 5.010   2.087   -4.250  1.00 32.11  ? 83   LYS A O   1 
ATOM   563  C  CB  . LYS A 1 83  ? 7.154   0.889   -6.277  1.00 37.75  ? 83   LYS A CB  1 
ATOM   564  C  CG  . LYS A 1 83  ? 8.333   0.466   -5.403  1.00 56.42  ? 83   LYS A CG  1 
ATOM   565  C  CD  . LYS A 1 83  ? 8.372   -1.047  -5.216  1.00 66.61  ? 83   LYS A CD  1 
ATOM   566  C  CE  . LYS A 1 83  ? 8.703   -1.423  -3.778  1.00 74.24  ? 83   LYS A CE  1 
ATOM   567  N  NZ  . LYS A 1 83  ? 8.741   -2.897  -3.584  1.00 78.07  ? 83   LYS A NZ  1 
ATOM   568  N  N   . THR A 1 84  ? 7.009   2.969   -3.694  1.00 28.05  ? 84   THR A N   1 
ATOM   569  C  CA  . THR A 1 84  ? 6.681   3.162   -2.288  1.00 26.73  ? 84   THR A CA  1 
ATOM   570  C  C   . THR A 1 84  ? 7.045   4.591   -1.883  1.00 29.01  ? 84   THR A C   1 
ATOM   571  O  O   . THR A 1 84  ? 7.940   5.191   -2.471  1.00 29.73  ? 84   THR A O   1 
ATOM   572  C  CB  . THR A 1 84  ? 7.512   2.203   -1.417  1.00 37.29  ? 84   THR A CB  1 
ATOM   573  O  OG1 . THR A 1 84  ? 6.857   0.930   -1.328  1.00 36.43  ? 84   THR A OG1 1 
ATOM   574  C  CG2 . THR A 1 84  ? 7.704   2.780   -0.048  1.00 37.45  ? 84   THR A CG2 1 
ATOM   575  N  N   . PHE A 1 85  ? 6.358   5.129   -0.880  1.00 23.80  ? 85   PHE A N   1 
ATOM   576  C  CA  . PHE A 1 85  ? 6.659   6.469   -0.357  1.00 23.46  ? 85   PHE A CA  1 
ATOM   577  C  C   . PHE A 1 85  ? 6.274   6.572   1.112   1.00 28.49  ? 85   PHE A C   1 
ATOM   578  O  O   . PHE A 1 85  ? 5.706   5.629   1.668   1.00 28.17  ? 85   PHE A O   1 
ATOM   579  C  CB  . PHE A 1 85  ? 6.037   7.597   -1.206  1.00 24.42  ? 85   PHE A CB  1 
ATOM   580  C  CG  . PHE A 1 85  ? 4.539   7.513   -1.349  1.00 24.99  ? 85   PHE A CG  1 
ATOM   581  C  CD1 . PHE A 1 85  ? 3.718   8.300   -0.576  1.00 27.61  ? 85   PHE A CD1 1 
ATOM   582  C  CD2 . PHE A 1 85  ? 3.960   6.698   -2.314  1.00 25.92  ? 85   PHE A CD2 1 
ATOM   583  C  CE1 . PHE A 1 85  ? 2.339   8.240   -0.719  1.00 28.93  ? 85   PHE A CE1 1 
ATOM   584  C  CE2 . PHE A 1 85  ? 2.592   6.631   -2.453  1.00 27.90  ? 85   PHE A CE2 1 
ATOM   585  C  CZ  . PHE A 1 85  ? 1.783   7.392   -1.652  1.00 26.71  ? 85   PHE A CZ  1 
ATOM   586  N  N   . LYS A 1 86  ? 6.624   7.687   1.757   1.00 24.98  ? 86   LYS A N   1 
ATOM   587  C  CA  . LYS A 1 86  ? 6.435   7.819   3.202   1.00 24.09  ? 86   LYS A CA  1 
ATOM   588  C  C   . LYS A 1 86  ? 5.424   8.836   3.677   1.00 28.48  ? 86   LYS A C   1 
ATOM   589  O  O   . LYS A 1 86  ? 4.905   8.728   4.786   1.00 26.47  ? 86   LYS A O   1 
ATOM   590  C  CB  . LYS A 1 86  ? 7.779   8.087   3.873   1.00 26.86  ? 86   LYS A CB  1 
ATOM   591  C  CG  . LYS A 1 86  ? 8.721   6.903   3.856   1.00 25.79  ? 86   LYS A CG  1 
ATOM   592  C  CD  . LYS A 1 86  ? 8.333   5.907   4.936   1.00 30.42  ? 86   LYS A CD  1 
ATOM   593  C  CE  . LYS A 1 86  ? 9.265   4.709   4.952   1.00 31.42  ? 86   LYS A CE  1 
ATOM   594  N  NZ  . LYS A 1 86  ? 9.004   3.797   3.811   1.00 41.00  ? 86   LYS A NZ  1 
ATOM   595  N  N   . ASN A 1 87  ? 5.176   9.860   2.868   1.00 27.30  ? 87   ASN A N   1 
ATOM   596  C  CA  . ASN A 1 87  ? 4.246   10.894  3.262   1.00 27.71  ? 87   ASN A CA  1 
ATOM   597  C  C   . ASN A 1 87  ? 3.560   11.530  2.071   1.00 33.18  ? 87   ASN A C   1 
ATOM   598  O  O   . ASN A 1 87  ? 3.980   11.354  0.930   1.00 32.63  ? 87   ASN A O   1 
ATOM   599  C  CB  . ASN A 1 87  ? 4.956   11.959  4.113   1.00 30.64  ? 87   ASN A CB  1 
ATOM   600  C  CG  . ASN A 1 87  ? 6.171   12.543  3.417   1.00 44.80  ? 87   ASN A CG  1 
ATOM   601  O  OD1 . ASN A 1 87  ? 7.311   12.188  3.725   1.00 36.33  ? 87   ASN A OD1 1 
ATOM   602  N  ND2 . ASN A 1 87  ? 5.934   13.420  2.448   1.00 34.74  ? 87   ASN A ND2 1 
ATOM   603  N  N   . GLU A 1 88  ? 2.496   12.263  2.368   1.00 32.55  ? 88   GLU A N   1 
ATOM   604  C  CA  . GLU A 1 88  ? 1.672   12.954  1.388   1.00 33.90  ? 88   GLU A CA  1 
ATOM   605  C  C   . GLU A 1 88  ? 2.491   13.810  0.424   1.00 40.09  ? 88   GLU A C   1 
ATOM   606  O  O   . GLU A 1 88  ? 2.145   13.942  -0.754  1.00 39.47  ? 88   GLU A O   1 
ATOM   607  C  CB  . GLU A 1 88  ? 0.654   13.822  2.130   1.00 35.50  ? 88   GLU A CB  1 
ATOM   608  C  CG  . GLU A 1 88  ? -0.254  14.660  1.243   1.00 50.73  ? 88   GLU A CG  1 
ATOM   609  C  CD  . GLU A 1 88  ? -1.646  14.816  1.832   1.00 76.37  ? 88   GLU A CD  1 
ATOM   610  O  OE1 . GLU A 1 88  ? -2.613  14.960  1.051   1.00 73.85  ? 88   GLU A OE1 1 
ATOM   611  O  OE2 . GLU A 1 88  ? -1.777  14.775  3.075   1.00 72.54  ? 88   GLU A OE2 1 
ATOM   612  N  N   . SER A 1 89  ? 3.575   14.387  0.930   1.00 37.58  ? 89   SER A N   1 
ATOM   613  C  CA  . SER A 1 89  ? 4.438   15.248  0.128   1.00 37.58  ? 89   SER A CA  1 
ATOM   614  C  C   . SER A 1 89  ? 5.146   14.491  -1.002  1.00 40.20  ? 89   SER A C   1 
ATOM   615  O  O   . SER A 1 89  ? 5.540   15.090  -2.008  1.00 39.47  ? 89   SER A O   1 
ATOM   616  C  CB  . SER A 1 89  ? 5.464   15.961  1.022   1.00 40.70  ? 89   SER A CB  1 
ATOM   617  O  OG  . SER A 1 89  ? 6.737   15.345  0.935   1.00 46.91  ? 89   SER A OG  1 
ATOM   618  N  N   . GLU A 1 90  ? 5.305   13.176  -0.834  1.00 34.66  ? 90   GLU A N   1 
ATOM   619  C  CA  . GLU A 1 90  ? 5.954   12.348  -1.857  1.00 32.90  ? 90   GLU A CA  1 
ATOM   620  C  C   . GLU A 1 90  ? 4.928   11.588  -2.704  1.00 33.94  ? 90   GLU A C   1 
ATOM   621  O  O   . GLU A 1 90  ? 5.295   10.740  -3.512  1.00 33.17  ? 90   GLU A O   1 
ATOM   622  C  CB  . GLU A 1 90  ? 6.919   11.339  -1.220  1.00 34.06  ? 90   GLU A CB  1 
ATOM   623  C  CG  . GLU A 1 90  ? 8.060   11.938  -0.416  1.00 41.53  ? 90   GLU A CG  1 
ATOM   624  C  CD  . GLU A 1 90  ? 8.635   10.952  0.591   1.00 56.24  ? 90   GLU A CD  1 
ATOM   625  O  OE1 . GLU A 1 90  ? 7.915   10.009  0.985   1.00 37.03  ? 90   GLU A OE1 1 
ATOM   626  O  OE2 . GLU A 1 90  ? 9.799   11.123  1.003   1.00 55.09  ? 90   GLU A OE2 1 
ATOM   627  N  N   . ASN A 1 91  ? 3.650   11.867  -2.488  1.00 29.77  ? 91   ASN A N   1 
ATOM   628  C  CA  . ASN A 1 91  ? 2.572   11.171  -3.196  1.00 29.29  ? 91   ASN A CA  1 
ATOM   629  C  C   . ASN A 1 91  ? 2.379   11.670  -4.641  1.00 33.20  ? 91   ASN A C   1 
ATOM   630  O  O   . ASN A 1 91  ? 2.056   12.837  -4.860  1.00 32.33  ? 91   ASN A O   1 
ATOM   631  C  CB  . ASN A 1 91  ? 1.264   11.299  -2.396  1.00 27.99  ? 91   ASN A CB  1 
ATOM   632  C  CG  . ASN A 1 91  ? 0.089   10.565  -3.044  1.00 32.34  ? 91   ASN A CG  1 
ATOM   633  O  OD1 . ASN A 1 91  ? -0.129  10.663  -4.241  1.00 26.78  ? 91   ASN A OD1 1 
ATOM   634  N  ND2 . ASN A 1 91  ? -0.723  9.913   -2.224  1.00 24.53  ? 91   ASN A ND2 1 
ATOM   635  N  N   . THR A 1 92  ? 2.542   10.774  -5.619  1.00 29.53  ? 92   THR A N   1 
ATOM   636  C  CA  . THR A 1 92  ? 2.317   11.132  -7.033  1.00 27.85  ? 92   THR A CA  1 
ATOM   637  C  C   . THR A 1 92  ? 1.326   10.192  -7.718  1.00 28.37  ? 92   THR A C   1 
ATOM   638  O  O   . THR A 1 92  ? 1.332   10.047  -8.947  1.00 28.39  ? 92   THR A O   1 
ATOM   639  C  CB  . THR A 1 92  ? 3.629   11.186  -7.850  1.00 35.34  ? 92   THR A CB  1 
ATOM   640  O  OG1 . THR A 1 92  ? 4.239   9.890   -7.878  1.00 38.66  ? 92   THR A OG1 1 
ATOM   641  C  CG2 . THR A 1 92  ? 4.603   12.200  -7.242  1.00 36.78  ? 92   THR A CG2 1 
ATOM   642  N  N   . CYS A 1 93  ? 0.462   9.578   -6.911  1.00 21.52  ? 93   CYS A N   1 
ATOM   643  C  CA  . CYS A 1 93  ? -0.557  8.653   -7.397  1.00 20.53  ? 93   CYS A CA  1 
ATOM   644  C  C   . CYS A 1 93  ? -1.624  9.333   -8.253  1.00 25.20  ? 93   CYS A C   1 
ATOM   645  O  O   . CYS A 1 93  ? -2.294  10.263  -7.801  1.00 23.49  ? 93   CYS A O   1 
ATOM   646  C  CB  . CYS A 1 93  ? -1.243  7.984   -6.210  1.00 20.00  ? 93   CYS A CB  1 
ATOM   647  S  SG  . CYS A 1 93  ? -0.079  7.210   -5.047  1.00 22.80  ? 93   CYS A SG  1 
ATOM   648  N  N   . GLN A 1 94  ? -1.841  8.800   -9.451  1.00 23.09  ? 94   GLN A N   1 
ATOM   649  C  CA  . GLN A 1 94  ? -2.893  9.296   -10.342 1.00 22.92  ? 94   GLN A CA  1 
ATOM   650  C  C   . GLN A 1 94  ? -3.668  8.102   -10.878 1.00 24.83  ? 94   GLN A C   1 
ATOM   651  O  O   . GLN A 1 94  ? -3.136  7.008   -10.945 1.00 23.44  ? 94   GLN A O   1 
ATOM   652  C  CB  . GLN A 1 94  ? -2.277  10.082  -11.513 1.00 24.94  ? 94   GLN A CB  1 
ATOM   653  C  CG  . GLN A 1 94  ? -1.239  11.122  -11.090 1.00 41.36  ? 94   GLN A CG  1 
ATOM   654  C  CD  . GLN A 1 94  ? -1.859  12.341  -10.409 1.00 51.16  ? 94   GLN A CD  1 
ATOM   655  O  OE1 . GLN A 1 94  ? -3.012  12.313  -9.978  1.00 41.22  ? 94   GLN A OE1 1 
ATOM   656  N  NE2 . GLN A 1 94  ? -1.079  13.407  -10.287 1.00 45.88  ? 94   GLN A NE2 1 
ATOM   657  N  N   . ASP A 1 95  ? -4.925  8.304   -11.254 1.00 23.25  ? 95   ASP A N   1 
ATOM   658  C  CA  . ASP A 1 95  ? -5.710  7.206   -11.805 1.00 23.32  ? 95   ASP A CA  1 
ATOM   659  C  C   . ASP A 1 95  ? -5.045  6.667   -13.072 1.00 27.60  ? 95   ASP A C   1 
ATOM   660  O  O   . ASP A 1 95  ? -4.415  7.416   -13.832 1.00 25.84  ? 95   ASP A O   1 
ATOM   661  C  CB  . ASP A 1 95  ? -7.146  7.642   -12.102 1.00 25.59  ? 95   ASP A CB  1 
ATOM   662  C  CG  . ASP A 1 95  ? -7.910  6.613   -12.921 1.00 30.74  ? 95   ASP A CG  1 
ATOM   663  O  OD1 . ASP A 1 95  ? -8.184  5.520   -12.397 1.00 30.84  ? 95   ASP A OD1 1 
ATOM   664  O  OD2 . ASP A 1 95  ? -8.217  6.889   -14.095 1.00 41.64  ? 95   ASP A OD2 1 
ATOM   665  N  N   . VAL A 1 96  ? -5.111  5.354   -13.249 1.00 24.78  ? 96   VAL A N   1 
ATOM   666  C  CA  . VAL A 1 96  ? -4.571  4.712   -14.450 1.00 25.72  ? 96   VAL A CA  1 
ATOM   667  C  C   . VAL A 1 96  ? -5.713  4.697   -15.469 1.00 28.44  ? 96   VAL A C   1 
ATOM   668  O  O   . VAL A 1 96  ? -6.796  4.216   -15.160 1.00 27.45  ? 96   VAL A O   1 
ATOM   669  C  CB  . VAL A 1 96  ? -4.194  3.233   -14.155 1.00 30.11  ? 96   VAL A CB  1 
ATOM   670  C  CG1 . VAL A 1 96  ? -3.979  2.458   -15.444 1.00 30.55  ? 96   VAL A CG1 1 
ATOM   671  C  CG2 . VAL A 1 96  ? -2.969  3.145   -13.259 1.00 30.02  ? 96   VAL A CG2 1 
ATOM   672  N  N   . ASP A 1 97  ? -5.494  5.257   -16.658 1.00 25.16  ? 97   ASP A N   1 
ATOM   673  C  CA  . ASP A 1 97  ? -6.523  5.214   -17.700 1.00 25.01  ? 97   ASP A CA  1 
ATOM   674  C  C   . ASP A 1 97  ? -6.361  3.905   -18.460 1.00 29.76  ? 97   ASP A C   1 
ATOM   675  O  O   . ASP A 1 97  ? -5.570  3.812   -19.397 1.00 30.47  ? 97   ASP A O   1 
ATOM   676  C  CB  . ASP A 1 97  ? -6.423  6.410   -18.650 1.00 26.44  ? 97   ASP A CB  1 
ATOM   677  C  CG  . ASP A 1 97  ? -7.565  6.448   -19.685 1.00 32.19  ? 97   ASP A CG  1 
ATOM   678  O  OD1 . ASP A 1 97  ? -8.190  5.401   -19.955 1.00 29.63  ? 97   ASP A OD1 1 
ATOM   679  O  OD2 . ASP A 1 97  ? -7.804  7.525   -20.260 1.00 39.62  ? 97   ASP A OD2 1 
ATOM   680  N  N   . GLU A 1 98  ? -7.057  2.873   -17.997 1.00 25.23  ? 98   GLU A N   1 
ATOM   681  C  CA  . GLU A 1 98  ? -6.943  1.541   -18.581 1.00 25.19  ? 98   GLU A CA  1 
ATOM   682  C  C   . GLU A 1 98  ? -7.350  1.469   -20.058 1.00 30.11  ? 98   GLU A C   1 
ATOM   683  O  O   . GLU A 1 98  ? -6.861  0.616   -20.802 1.00 29.46  ? 98   GLU A O   1 
ATOM   684  C  CB  . GLU A 1 98  ? -7.740  0.520   -17.753 1.00 26.34  ? 98   GLU A CB  1 
ATOM   685  C  CG  . GLU A 1 98  ? -7.128  0.228   -16.388 1.00 30.75  ? 98   GLU A CG  1 
ATOM   686  C  CD  . GLU A 1 98  ? -7.757  1.041   -15.266 1.00 34.08  ? 98   GLU A CD  1 
ATOM   687  O  OE1 . GLU A 1 98  ? -7.561  0.685   -14.081 1.00 31.07  ? 98   GLU A OE1 1 
ATOM   688  O  OE2 . GLU A 1 98  ? -8.409  2.065   -15.561 1.00 26.02  ? 98   GLU A OE2 1 
ATOM   689  N  N   . CYS A 1 99  ? -8.270  2.334   -20.466 1.00 27.86  ? 99   CYS A N   1 
ATOM   690  C  CA  . CYS A 1 99  ? -8.727  2.343   -21.851 1.00 29.63  ? 99   CYS A CA  1 
ATOM   691  C  C   . CYS A 1 99  ? -7.649  2.890   -22.805 1.00 35.51  ? 99   CYS A C   1 
ATOM   692  O  O   . CYS A 1 99  ? -7.366  2.292   -23.841 1.00 35.61  ? 99   CYS A O   1 
ATOM   693  C  CB  . CYS A 1 99  ? -10.038 3.120   -21.986 1.00 30.59  ? 99   CYS A CB  1 
ATOM   694  S  SG  . CYS A 1 99  ? -11.362 2.567   -20.843 1.00 35.38  ? 99   CYS A SG  1 
ATOM   695  N  N   . SER A 1 100 ? -7.017  3.996   -22.421 1.00 32.40  ? 100  SER A N   1 
ATOM   696  C  CA  . SER A 1 100 ? -5.956  4.598   -23.232 1.00 32.79  ? 100  SER A CA  1 
ATOM   697  C  C   . SER A 1 100 ? -4.714  3.722   -23.241 1.00 39.57  ? 100  SER A C   1 
ATOM   698  O  O   . SER A 1 100 ? -4.054  3.574   -24.268 1.00 39.77  ? 100  SER A O   1 
ATOM   699  C  CB  . SER A 1 100 ? -5.592  5.981   -22.695 1.00 34.56  ? 100  SER A CB  1 
ATOM   700  O  OG  . SER A 1 100 ? -6.475  6.966   -23.190 1.00 44.80  ? 100  SER A OG  1 
ATOM   701  N  N   . SER A 1 101 ? -4.383  3.170   -22.077 1.00 37.40  ? 101  SER A N   1 
ATOM   702  C  CA  . SER A 1 101 ? -3.186  2.356   -21.916 1.00 38.22  ? 101  SER A CA  1 
ATOM   703  C  C   . SER A 1 101 ? -3.311  0.945   -22.491 1.00 43.94  ? 101  SER A C   1 
ATOM   704  O  O   . SER A 1 101 ? -2.318  0.227   -22.615 1.00 43.14  ? 101  SER A O   1 
ATOM   705  C  CB  . SER A 1 101 ? -2.784  2.295   -20.441 1.00 43.23  ? 101  SER A CB  1 
ATOM   706  O  OG  . SER A 1 101 ? -3.155  1.052   -19.862 1.00 54.65  ? 101  SER A OG  1 
ATOM   707  N  N   . GLY A 1 102 ? -4.532  0.548   -22.830 1.00 42.23  ? 102  GLY A N   1 
ATOM   708  C  CA  . GLY A 1 102 ? -4.777  -0.776  -23.391 1.00 42.78  ? 102  GLY A CA  1 
ATOM   709  C  C   . GLY A 1 102 ? -4.597  -1.883  -22.355 1.00 49.53  ? 102  GLY A C   1 
ATOM   710  O  O   . GLY A 1 102 ? -4.550  -3.065  -22.701 1.00 49.80  ? 102  GLY A O   1 
ATOM   711  N  N   . GLN A 1 103 ? -4.510  -1.498  -21.084 1.00 47.46  ? 103  GLN A N   1 
ATOM   712  C  CA  . GLN A 1 103 ? -4.319  -2.462  -20.002 1.00 47.97  ? 103  GLN A CA  1 
ATOM   713  C  C   . GLN A 1 103 ? -5.604  -3.202  -19.637 1.00 52.72  ? 103  GLN A C   1 
ATOM   714  O  O   . GLN A 1 103 ? -5.566  -4.221  -18.955 1.00 52.65  ? 103  GLN A O   1 
ATOM   715  C  CB  . GLN A 1 103 ? -3.746  -1.773  -18.764 1.00 49.37  ? 103  GLN A CB  1 
ATOM   716  C  CG  . GLN A 1 103 ? -2.243  -1.572  -18.799 1.00 69.53  ? 103  GLN A CG  1 
ATOM   717  C  CD  . GLN A 1 103 ? -1.776  -0.536  -17.795 1.00 90.14  ? 103  GLN A CD  1 
ATOM   718  O  OE1 . GLN A 1 103 ? -2.410  -0.332  -16.757 1.00 85.59  ? 103  GLN A OE1 1 
ATOM   719  N  NE2 . GLN A 1 103 ? -0.675  0.139   -18.108 1.00 81.66  ? 103  GLN A NE2 1 
ATOM   720  N  N   . HIS A 1 104 ? -6.738  -2.673  -20.076 1.00 50.08  ? 104  HIS A N   1 
ATOM   721  C  CA  . HIS A 1 104 ? -8.033  -3.281  -19.788 1.00 50.28  ? 104  HIS A CA  1 
ATOM   722  C  C   . HIS A 1 104 ? -8.147  -4.642  -20.486 1.00 55.27  ? 104  HIS A C   1 
ATOM   723  O  O   . HIS A 1 104 ? -7.438  -4.916  -21.459 1.00 55.20  ? 104  HIS A O   1 
ATOM   724  C  CB  . HIS A 1 104 ? -9.146  -2.373  -20.295 1.00 51.01  ? 104  HIS A CB  1 
ATOM   725  C  CG  . HIS A 1 104 ? -9.195  -2.280  -21.782 1.00 54.37  ? 104  HIS A CG  1 
ATOM   726  N  ND1 . HIS A 1 104 ? -9.533  -3.354  -22.576 1.00 56.08  ? 104  HIS A ND1 1 
ATOM   727  C  CD2 . HIS A 1 104 ? -8.827  -1.289  -22.626 1.00 56.03  ? 104  HIS A CD2 1 
ATOM   728  C  CE1 . HIS A 1 104 ? -9.435  -3.006  -23.846 1.00 55.51  ? 104  HIS A CE1 1 
ATOM   729  N  NE2 . HIS A 1 104 ? -9.007  -1.757  -23.904 1.00 55.85  ? 104  HIS A NE2 1 
ATOM   730  N  N   . GLN A 1 105 ? -9.061  -5.477  -20.008 1.00 51.56  ? 105  GLN A N   1 
ATOM   731  C  CA  . GLN A 1 105 ? -9.256  -6.801  -20.599 1.00 50.83  ? 105  GLN A CA  1 
ATOM   732  C  C   . GLN A 1 105 ? -10.640 -6.947  -21.232 1.00 49.98  ? 105  GLN A C   1 
ATOM   733  O  O   . GLN A 1 105 ? -11.216 -8.034  -21.222 1.00 50.19  ? 105  GLN A O   1 
ATOM   734  C  CB  . GLN A 1 105 ? -9.041  -7.894  -19.546 1.00 52.54  ? 105  GLN A CB  1 
ATOM   735  C  CG  . GLN A 1 105 ? -7.616  -7.976  -19.010 1.00 71.89  ? 105  GLN A CG  1 
ATOM   736  C  CD  . GLN A 1 105 ? -7.560  -8.045  -17.492 1.00 97.65  ? 105  GLN A CD  1 
ATOM   737  O  OE1 . GLN A 1 105 ? -7.768  -9.105  -16.897 1.00 93.03  ? 105  GLN A OE1 1 
ATOM   738  N  NE2 . GLN A 1 105 ? -7.264  -6.915  -16.858 1.00 92.96  ? 105  GLN A NE2 1 
ATOM   739  N  N   . CYS A 1 106 ? -11.167 -5.855  -21.781 1.00 41.26  ? 106  CYS A N   1 
ATOM   740  C  CA  . CYS A 1 106 ? -12.501 -5.866  -22.381 1.00 38.14  ? 106  CYS A CA  1 
ATOM   741  C  C   . CYS A 1 106 ? -12.629 -6.833  -23.557 1.00 45.58  ? 106  CYS A C   1 
ATOM   742  O  O   . CYS A 1 106 ? -11.660 -7.095  -24.275 1.00 44.86  ? 106  CYS A O   1 
ATOM   743  C  CB  . CYS A 1 106 ? -12.919 -4.460  -22.820 1.00 35.33  ? 106  CYS A CB  1 
ATOM   744  S  SG  . CYS A 1 106 ? -13.243 -3.294  -21.451 1.00 37.22  ? 106  CYS A SG  1 
ATOM   745  N  N   . ASP A 1 107 ? -13.846 -7.331  -23.766 1.00 43.82  ? 107  ASP A N   1 
ATOM   746  C  CA  . ASP A 1 107 ? -14.120 -8.223  -24.882 1.00 43.97  ? 107  ASP A CA  1 
ATOM   747  C  C   . ASP A 1 107 ? -14.227 -7.405  -26.153 1.00 48.46  ? 107  ASP A C   1 
ATOM   748  O  O   . ASP A 1 107 ? -14.745 -6.291  -26.143 1.00 47.92  ? 107  ASP A O   1 
ATOM   749  C  CB  . ASP A 1 107 ? -15.416 -9.007  -24.655 1.00 45.78  ? 107  ASP A CB  1 
ATOM   750  C  CG  . ASP A 1 107 ? -15.644 -10.078 -25.714 1.00 53.79  ? 107  ASP A CG  1 
ATOM   751  O  OD1 . ASP A 1 107 ? -14.948 -11.115 -25.666 1.00 54.41  ? 107  ASP A OD1 1 
ATOM   752  O  OD2 . ASP A 1 107 ? -16.500 -9.869  -26.603 1.00 54.44  ? 107  ASP A OD2 1 
ATOM   753  N  N   . SER A 1 108 ? -13.729 -7.966  -27.247 1.00 45.62  ? 108  SER A N   1 
ATOM   754  C  CA  . SER A 1 108 ? -13.750 -7.292  -28.536 1.00 44.79  ? 108  SER A CA  1 
ATOM   755  C  C   . SER A 1 108 ? -15.160 -6.871  -28.948 1.00 46.94  ? 108  SER A C   1 
ATOM   756  O  O   . SER A 1 108 ? -15.340 -6.145  -29.925 1.00 46.38  ? 108  SER A O   1 
ATOM   757  C  CB  . SER A 1 108 ? -13.125 -8.186  -29.612 1.00 48.09  ? 108  SER A CB  1 
ATOM   758  O  OG  . SER A 1 108 ? -13.729 -9.468  -29.621 1.00 53.89  ? 108  SER A OG  1 
ATOM   759  N  N   . SER A 1 109 ? -16.154 -7.323  -28.192 1.00 42.07  ? 109  SER A N   1 
ATOM   760  C  CA  . SER A 1 109 ? -17.543 -6.990  -28.479 1.00 41.36  ? 109  SER A CA  1 
ATOM   761  C  C   . SER A 1 109 ? -17.987 -5.708  -27.776 1.00 44.68  ? 109  SER A C   1 
ATOM   762  O  O   . SER A 1 109 ? -19.096 -5.244  -27.996 1.00 44.08  ? 109  SER A O   1 
ATOM   763  C  CB  . SER A 1 109 ? -18.462 -8.146  -28.068 1.00 45.26  ? 109  SER A CB  1 
ATOM   764  O  OG  . SER A 1 109 ? -18.445 -8.343  -26.662 1.00 49.84  ? 109  SER A OG  1 
ATOM   765  N  N   . THR A 1 110 ? -17.129 -5.163  -26.912 1.00 40.73  ? 110  THR A N   1 
ATOM   766  C  CA  . THR A 1 110 ? -17.464 -3.953  -26.147 1.00 40.43  ? 110  THR A CA  1 
ATOM   767  C  C   . THR A 1 110 ? -16.399 -2.859  -26.270 1.00 43.85  ? 110  THR A C   1 
ATOM   768  O  O   . THR A 1 110 ? -15.320 -3.079  -26.830 1.00 42.73  ? 110  THR A O   1 
ATOM   769  C  CB  . THR A 1 110 ? -17.622 -4.266  -24.635 1.00 45.33  ? 110  THR A CB  1 
ATOM   770  O  OG1 . THR A 1 110 ? -16.404 -4.832  -24.127 1.00 39.97  ? 110  THR A OG1 1 
ATOM   771  C  CG2 . THR A 1 110 ? -18.774 -5.243  -24.401 1.00 43.48  ? 110  THR A CG2 1 
ATOM   772  N  N   . VAL A 1 111 ? -16.698 -1.696  -25.695 1.00 39.89  ? 111  VAL A N   1 
ATOM   773  C  CA  . VAL A 1 111 ? -15.749 -0.588  -25.657 1.00 38.75  ? 111  VAL A CA  1 
ATOM   774  C  C   . VAL A 1 111 ? -15.406 -0.235  -24.207 1.00 38.41  ? 111  VAL A C   1 
ATOM   775  O  O   . VAL A 1 111 ? -16.293 -0.087  -23.366 1.00 35.80  ? 111  VAL A O   1 
ATOM   776  C  CB  . VAL A 1 111 ? -16.303 0.671   -26.367 1.00 42.87  ? 111  VAL A CB  1 
ATOM   777  C  CG1 . VAL A 1 111 ? -17.538 1.193   -25.645 1.00 42.56  ? 111  VAL A CG1 1 
ATOM   778  C  CG2 . VAL A 1 111 ? -15.221 1.753   -26.448 1.00 42.77  ? 111  VAL A CG2 1 
ATOM   779  N  N   . CYS A 1 112 ? -14.111 -0.105  -23.932 1.00 34.37  ? 112  CYS A N   1 
ATOM   780  C  CA  . CYS A 1 112 ? -13.624 0.245   -22.601 1.00 32.94  ? 112  CYS A CA  1 
ATOM   781  C  C   . CYS A 1 112 ? -14.074 1.650   -22.201 1.00 38.13  ? 112  CYS A C   1 
ATOM   782  O  O   . CYS A 1 112 ? -14.011 2.579   -22.999 1.00 37.32  ? 112  CYS A O   1 
ATOM   783  C  CB  . CYS A 1 112 ? -12.093 0.156   -22.567 1.00 32.41  ? 112  CYS A CB  1 
ATOM   784  S  SG  . CYS A 1 112 ? -11.303 0.536   -20.958 1.00 35.52  ? 112  CYS A SG  1 
ATOM   785  N  N   . PHE A 1 113 ? -14.539 1.788   -20.966 1.00 36.71  ? 113  PHE A N   1 
ATOM   786  C  CA  . PHE A 1 113 ? -14.950 3.082   -20.421 1.00 37.85  ? 113  PHE A CA  1 
ATOM   787  C  C   . PHE A 1 113 ? -14.195 3.296   -19.109 1.00 39.17  ? 113  PHE A C   1 
ATOM   788  O  O   . PHE A 1 113 ? -14.337 2.516   -18.160 1.00 36.32  ? 113  PHE A O   1 
ATOM   789  C  CB  A PHE A 1 113 ? -16.463 3.107   -20.175 0.65 41.06  ? 113  PHE A CB  1 
ATOM   790  C  CB  B PHE A 1 113 ? -16.461 3.117   -20.172 0.35 39.77  ? 113  PHE A CB  1 
ATOM   791  C  CG  A PHE A 1 113 ? -16.865 3.793   -18.895 0.65 44.25  ? 113  PHE A CG  1 
ATOM   792  C  CG  B PHE A 1 113 ? -16.971 4.458   -19.711 0.35 41.29  ? 113  PHE A CG  1 
ATOM   793  C  CD1 A PHE A 1 113 ? -16.757 5.167   -18.761 0.65 48.66  ? 113  PHE A CD1 1 
ATOM   794  C  CD1 B PHE A 1 113 ? -16.853 5.575   -20.522 0.35 44.23  ? 113  PHE A CD1 1 
ATOM   795  C  CD2 A PHE A 1 113 ? -17.403 3.067   -17.849 0.65 47.70  ? 113  PHE A CD2 1 
ATOM   796  C  CD2 B PHE A 1 113 ? -17.576 4.597   -18.473 0.35 43.44  ? 113  PHE A CD2 1 
ATOM   797  C  CE1 A PHE A 1 113 ? -17.152 5.797   -17.589 0.65 50.07  ? 113  PHE A CE1 1 
ATOM   798  C  CE1 B PHE A 1 113 ? -17.318 6.809   -20.101 0.35 45.11  ? 113  PHE A CE1 1 
ATOM   799  C  CE2 A PHE A 1 113 ? -17.795 3.686   -16.679 0.65 51.10  ? 113  PHE A CE2 1 
ATOM   800  C  CE2 B PHE A 1 113 ? -18.048 5.829   -18.048 0.35 46.22  ? 113  PHE A CE2 1 
ATOM   801  C  CZ  A PHE A 1 113 ? -17.674 5.051   -16.550 0.65 49.42  ? 113  PHE A CZ  1 
ATOM   802  C  CZ  B PHE A 1 113 ? -17.918 6.935   -18.865 0.35 44.20  ? 113  PHE A CZ  1 
ATOM   803  N  N   . ASN A 1 114 ? -13.355 4.325   -19.085 1.00 35.31  ? 114  ASN A N   1 
ATOM   804  C  CA  . ASN A 1 114 ? -12.537 4.622   -17.920 1.00 34.84  ? 114  ASN A CA  1 
ATOM   805  C  C   . ASN A 1 114 ? -13.336 5.179   -16.751 1.00 39.28  ? 114  ASN A C   1 
ATOM   806  O  O   . ASN A 1 114 ? -14.203 6.035   -16.928 1.00 39.99  ? 114  ASN A O   1 
ATOM   807  C  CB  . ASN A 1 114 ? -11.426 5.600   -18.292 1.00 32.48  ? 114  ASN A CB  1 
ATOM   808  C  CG  . ASN A 1 114 ? -10.358 5.700   -17.220 1.00 40.30  ? 114  ASN A CG  1 
ATOM   809  O  OD1 . ASN A 1 114 ? -9.840  4.692   -16.752 1.00 27.73  ? 114  ASN A OD1 1 
ATOM   810  N  ND2 . ASN A 1 114 ? -9.998  6.919   -16.847 1.00 31.80  ? 114  ASN A ND2 1 
ATOM   811  N  N   . THR A 1 115 ? -13.018 4.706   -15.552 1.00 35.27  ? 115  THR A N   1 
ATOM   812  C  CA  . THR A 1 115 ? -13.623 5.219   -14.324 1.00 35.38  ? 115  THR A CA  1 
ATOM   813  C  C   . THR A 1 115 ? -12.462 5.540   -13.380 1.00 39.35  ? 115  THR A C   1 
ATOM   814  O  O   . THR A 1 115 ? -11.319 5.164   -13.656 1.00 37.75  ? 115  THR A O   1 
ATOM   815  C  CB  . THR A 1 115 ? -14.585 4.185   -13.677 1.00 43.10  ? 115  THR A CB  1 
ATOM   816  O  OG1 . THR A 1 115 ? -13.829 3.158   -13.022 1.00 43.80  ? 115  THR A OG1 1 
ATOM   817  C  CG2 . THR A 1 115 ? -15.484 3.550   -14.740 1.00 39.61  ? 115  THR A CG2 1 
ATOM   818  N  N   . VAL A 1 116 ? -12.724 6.295   -12.321 1.00 37.25  ? 116  VAL A N   1 
ATOM   819  C  CA  . VAL A 1 116 ? -11.651 6.643   -11.386 1.00 37.65  ? 116  VAL A CA  1 
ATOM   820  C  C   . VAL A 1 116 ? -11.403 5.493   -10.428 1.00 39.85  ? 116  VAL A C   1 
ATOM   821  O  O   . VAL A 1 116 ? -12.277 5.135   -9.630  1.00 40.26  ? 116  VAL A O   1 
ATOM   822  C  CB  . VAL A 1 116 ? -11.942 7.930   -10.606 1.00 42.64  ? 116  VAL A CB  1 
ATOM   823  C  CG1 . VAL A 1 116 ? -11.413 7.817   -9.186  1.00 42.54  ? 116  VAL A CG1 1 
ATOM   824  C  CG2 . VAL A 1 116 ? -11.314 9.125   -11.315 1.00 42.54  ? 116  VAL A CG2 1 
ATOM   825  N  N   . GLY A 1 117 ? -10.234 4.876   -10.552 1.00 33.22  ? 117  GLY A N   1 
ATOM   826  C  CA  . GLY A 1 117 ? -9.898  3.725   -9.729  1.00 31.78  ? 117  GLY A CA  1 
ATOM   827  C  C   . GLY A 1 117 ? -10.153 2.433   -10.488 1.00 33.96  ? 117  GLY A C   1 
ATOM   828  O  O   . GLY A 1 117 ? -9.610  1.388   -10.147 1.00 34.04  ? 117  GLY A O   1 
ATOM   829  N  N   . SER A 1 118 ? -10.976 2.502   -11.534 1.00 29.32  ? 118  SER A N   1 
ATOM   830  C  CA  . SER A 1 118 ? -11.278 1.316   -12.318 1.00 28.03  ? 118  SER A CA  1 
ATOM   831  C  C   . SER A 1 118 ? -11.663 1.631   -13.759 1.00 30.40  ? 118  SER A C   1 
ATOM   832  O  O   . SER A 1 118 ? -11.326 2.687   -14.304 1.00 28.97  ? 118  SER A O   1 
ATOM   833  C  CB  . SER A 1 118 ? -12.406 0.518   -11.654 1.00 31.28  ? 118  SER A CB  1 
ATOM   834  O  OG  . SER A 1 118 ? -12.354 -0.848  -12.034 1.00 35.64  ? 118  SER A OG  1 
ATOM   835  N  N   . TYR A 1 119 ? -12.403 0.710   -14.356 1.00 26.69  ? 119  TYR A N   1 
ATOM   836  C  CA  . TYR A 1 119 ? -12.903 0.878   -15.711 1.00 25.87  ? 119  TYR A CA  1 
ATOM   837  C  C   . TYR A 1 119 ? -13.969 -0.176  -15.929 1.00 29.97  ? 119  TYR A C   1 
ATOM   838  O  O   . TYR A 1 119 ? -14.148 -1.075  -15.102 1.00 29.21  ? 119  TYR A O   1 
ATOM   839  C  CB  . TYR A 1 119 ? -11.776 0.678   -16.721 1.00 26.23  ? 119  TYR A CB  1 
ATOM   840  C  CG  . TYR A 1 119 ? -11.352 -0.769  -16.874 1.00 28.09  ? 119  TYR A CG  1 
ATOM   841  C  CD1 . TYR A 1 119 ? -12.010 -1.616  -17.758 1.00 29.92  ? 119  TYR A CD1 1 
ATOM   842  C  CD2 . TYR A 1 119 ? -10.313 -1.295  -16.114 1.00 28.67  ? 119  TYR A CD2 1 
ATOM   843  C  CE1 . TYR A 1 119 ? -11.625 -2.931  -17.913 1.00 30.54  ? 119  TYR A CE1 1 
ATOM   844  C  CE2 . TYR A 1 119 ? -9.918  -2.613  -16.262 1.00 29.65  ? 119  TYR A CE2 1 
ATOM   845  C  CZ  . TYR A 1 119 ? -10.588 -3.430  -17.151 1.00 36.24  ? 119  TYR A CZ  1 
ATOM   846  O  OH  . TYR A 1 119 ? -10.208 -4.743  -17.306 1.00 36.18  ? 119  TYR A OH  1 
ATOM   847  N  N   . SER A 1 120 ? -14.675 -0.065  -17.043 1.00 26.78  ? 120  SER A N   1 
ATOM   848  C  CA  . SER A 1 120 ? -15.670 -1.060  -17.404 1.00 27.21  ? 120  SER A CA  1 
ATOM   849  C  C   . SER A 1 120 ? -15.748 -1.202  -18.919 1.00 32.13  ? 120  SER A C   1 
ATOM   850  O  O   . SER A 1 120 ? -15.022 -0.530  -19.661 1.00 29.89  ? 120  SER A O   1 
ATOM   851  C  CB  . SER A 1 120 ? -17.036 -0.735  -16.801 1.00 30.36  ? 120  SER A CB  1 
ATOM   852  O  OG  . SER A 1 120 ? -17.600 0.398   -17.415 1.00 38.36  ? 120  SER A OG  1 
ATOM   853  N  N   . CYS A 1 121 ? -16.574 -2.136  -19.365 1.00 30.71  ? 121  CYS A N   1 
ATOM   854  C  CA  . CYS A 1 121 ? -16.725 -2.414  -20.784 1.00 31.52  ? 121  CYS A CA  1 
ATOM   855  C  C   . CYS A 1 121 ? -18.199 -2.324  -21.115 1.00 35.29  ? 121  CYS A C   1 
ATOM   856  O  O   . CYS A 1 121 ? -19.019 -2.908  -20.420 1.00 33.71  ? 121  CYS A O   1 
ATOM   857  C  CB  . CYS A 1 121 ? -16.200 -3.814  -21.109 1.00 32.09  ? 121  CYS A CB  1 
ATOM   858  S  SG  . CYS A 1 121 ? -14.625 -4.237  -20.299 1.00 36.56  ? 121  CYS A SG  1 
ATOM   859  N  N   . ARG A 1 122 ? -18.537 -1.567  -22.155 1.00 33.52  ? 122  ARG A N   1 
ATOM   860  C  CA  . ARG A 1 122 ? -19.935 -1.403  -22.550 1.00 34.01  ? 122  ARG A CA  1 
ATOM   861  C  C   . ARG A 1 122 ? -20.179 -1.846  -23.983 1.00 39.54  ? 122  ARG A C   1 
ATOM   862  O  O   . ARG A 1 122 ? -19.283 -1.770  -24.821 1.00 38.62  ? 122  ARG A O   1 
ATOM   863  C  CB  . ARG A 1 122 ? -20.374 0.055   -22.386 1.00 35.00  ? 122  ARG A CB  1 
ATOM   864  C  CG  . ARG A 1 122 ? -19.830 0.746   -21.149 1.00 46.80  ? 122  ARG A CG  1 
ATOM   865  C  CD  . ARG A 1 122 ? -20.175 2.226   -21.158 1.00 54.84  ? 122  ARG A CD  1 
ATOM   866  N  NE  . ARG A 1 122 ? -20.442 2.732   -19.814 1.00 65.45  ? 122  ARG A NE  1 
ATOM   867  C  CZ  . ARG A 1 122 ? -20.546 4.022   -19.512 1.00 75.51  ? 122  ARG A CZ  1 
ATOM   868  N  NH1 . ARG A 1 122 ? -20.416 4.938   -20.464 1.00 60.83  ? 122  ARG A NH1 1 
ATOM   869  N  NH2 . ARG A 1 122 ? -20.781 4.397   -18.260 1.00 58.12  ? 122  ARG A NH2 1 
ATOM   870  N  N   . CYS A 1 123 ? -21.406 -2.286  -24.266 1.00 38.63  ? 123  CYS A N   1 
ATOM   871  C  CA  . CYS A 1 123 ? -21.776 -2.669  -25.631 1.00 40.07  ? 123  CYS A CA  1 
ATOM   872  C  C   . CYS A 1 123 ? -21.631 -1.423  -26.552 1.00 51.47  ? 123  CYS A C   1 
ATOM   873  O  O   . CYS A 1 123 ? -21.220 -0.368  -26.080 1.00 51.42  ? 123  CYS A O   1 
ATOM   874  C  CB  . CYS A 1 123 ? -23.181 -3.294  -25.688 1.00 38.91  ? 123  CYS A CB  1 
ATOM   875  S  SG  . CYS A 1 123 ? -23.536 -4.648  -24.486 1.00 41.62  ? 123  CYS A SG  1 
ATOM   876  N  N   . ARG A 1 124 ? -21.912 -1.555  -27.858 1.00 54.39  ? 124  ARG A N   1 
ATOM   877  C  CA  . ARG A 1 124 ? -21.599 -0.485  -28.844 1.00 56.39  ? 124  ARG A CA  1 
ATOM   878  C  C   . ARG A 1 124 ? -22.667 0.359   -29.601 1.00 64.97  ? 124  ARG A C   1 
ATOM   879  O  O   . ARG A 1 124 ? -22.332 0.726   -30.737 1.00 65.22  ? 124  ARG A O   1 
ATOM   880  C  CB  . ARG A 1 124 ? -20.670 -1.044  -29.932 1.00 56.78  ? 124  ARG A CB  1 
ATOM   881  C  CG  . ARG A 1 124 ? -19.342 -1.609  -29.483 1.00 67.50  ? 124  ARG A CG  1 
ATOM   882  C  CD  . ARG A 1 124 ? -18.974 -2.813  -30.353 1.00 78.27  ? 124  ARG A CD  1 
ATOM   883  N  NE  . ARG A 1 124 ? -17.564 -3.173  -30.243 1.00 88.22  ? 124  ARG A NE  1 
ATOM   884  C  CZ  . ARG A 1 124 ? -16.883 -3.843  -31.170 1.00 105.74 ? 124  ARG A CZ  1 
ATOM   885  N  NH1 . ARG A 1 124 ? -17.479 -4.231  -32.291 1.00 93.49  ? 124  ARG A NH1 1 
ATOM   886  N  NH2 . ARG A 1 124 ? -15.601 -4.125  -30.975 1.00 95.71  ? 124  ARG A NH2 1 
ATOM   887  N  N   . PRO A 1 125 ? -23.450 1.164   -28.880 1.00 63.88  ? 125  PRO A N   1 
ATOM   888  C  CA  . PRO A 1 125 ? -24.712 0.996   -28.195 1.00 63.56  ? 125  PRO A CA  1 
ATOM   889  C  C   . PRO A 1 125 ? -25.750 0.606   -29.270 1.00 64.52  ? 125  PRO A C   1 
ATOM   890  O  O   . PRO A 1 125 ? -26.874 1.131   -29.320 1.00 64.48  ? 125  PRO A O   1 
ATOM   891  C  CB  . PRO A 1 125 ? -24.947 2.365   -27.518 1.00 65.47  ? 125  PRO A CB  1 
ATOM   892  C  CG  . PRO A 1 125 ? -24.192 3.324   -28.357 1.00 69.89  ? 125  PRO A CG  1 
ATOM   893  C  CD  . PRO A 1 125 ? -23.090 2.584   -29.070 1.00 64.86  ? 125  PRO A CD  1 
ATOM   894  N  N   . GLY A 1 126 ? -25.394 -0.488  -29.915 1.00 57.71  ? 126  GLY A N   1 
ATOM   895  C  CA  . GLY A 1 126 ? -26.214 -1.160  -30.907 1.00 55.85  ? 126  GLY A CA  1 
ATOM   896  C  C   . GLY A 1 126 ? -26.149 -2.642  -30.619 1.00 55.50  ? 126  GLY A C   1 
ATOM   897  O  O   . GLY A 1 126 ? -27.145 -3.342  -30.802 1.00 55.07  ? 126  GLY A O   1 
ATOM   898  N  N   . TRP A 1 127 ? -25.002 -3.111  -30.074 1.00 48.01  ? 127  TRP A N   1 
ATOM   899  C  CA  . TRP A 1 127 ? -24.886 -4.528  -29.622 1.00 45.71  ? 127  TRP A CA  1 
ATOM   900  C  C   . TRP A 1 127 ? -25.636 -4.692  -28.282 1.00 47.52  ? 127  TRP A C   1 
ATOM   901  O  O   . TRP A 1 127 ? -25.878 -3.703  -27.595 1.00 46.66  ? 127  TRP A O   1 
ATOM   902  C  CB  . TRP A 1 127 ? -23.437 -5.005  -29.409 1.00 43.83  ? 127  TRP A CB  1 
ATOM   903  C  CG  . TRP A 1 127 ? -22.628 -5.092  -30.644 1.00 44.48  ? 127  TRP A CG  1 
ATOM   904  C  CD1 . TRP A 1 127 ? -22.562 -4.154  -31.640 1.00 47.36  ? 127  TRP A CD1 1 
ATOM   905  C  CD2 . TRP A 1 127 ? -21.680 -6.106  -30.984 1.00 44.07  ? 127  TRP A CD2 1 
ATOM   906  N  NE1 . TRP A 1 127 ? -21.647 -4.541  -32.593 1.00 46.70  ? 127  TRP A NE1 1 
ATOM   907  C  CE2 . TRP A 1 127 ? -21.089 -5.734  -32.212 1.00 47.96  ? 127  TRP A CE2 1 
ATOM   908  C  CE3 . TRP A 1 127 ? -21.276 -7.297  -30.377 1.00 45.18  ? 127  TRP A CE3 1 
ATOM   909  C  CZ2 . TRP A 1 127 ? -20.129 -6.523  -32.847 1.00 47.18  ? 127  TRP A CZ2 1 
ATOM   910  C  CZ3 . TRP A 1 127 ? -20.321 -8.074  -31.003 1.00 46.67  ? 127  TRP A CZ3 1 
ATOM   911  C  CH2 . TRP A 1 127 ? -19.757 -7.686  -32.226 1.00 47.37  ? 127  TRP A CH2 1 
ATOM   912  N  N   . LYS A 1 128 ? -26.009 -5.916  -27.907 1.00 42.65  ? 128  LYS A N   1 
ATOM   913  C  CA  . LYS A 1 128 ? -26.673 -6.117  -26.616 1.00 41.45  ? 128  LYS A CA  1 
ATOM   914  C  C   . LYS A 1 128 ? -25.930 -7.166  -25.797 1.00 42.01  ? 128  LYS A C   1 
ATOM   915  O  O   . LYS A 1 128 ? -25.220 -8.007  -26.351 1.00 39.89  ? 128  LYS A O   1 
ATOM   916  C  CB  . LYS A 1 128 ? -28.151 -6.476  -26.788 1.00 44.22  ? 128  LYS A CB  1 
ATOM   917  C  CG  . LYS A 1 128 ? -29.096 -5.478  -26.129 1.00 57.37  ? 128  LYS A CG  1 
ATOM   918  C  CD  . LYS A 1 128 ? -28.556 -4.053  -26.241 1.00 70.41  ? 128  LYS A CD  1 
ATOM   919  C  CE  . LYS A 1 128 ? -27.882 -3.593  -24.950 1.00 80.36  ? 128  LYS A CE  1 
ATOM   920  N  NZ  . LYS A 1 128 ? -26.739 -2.671  -25.211 1.00 86.63  ? 128  LYS A NZ  1 
ATOM   921  N  N   . PRO A 1 129 ? -26.025 -7.061  -24.475 1.00 38.08  ? 129  PRO A N   1 
ATOM   922  C  CA  . PRO A 1 129 ? -25.301 -7.979  -23.597 1.00 37.17  ? 129  PRO A CA  1 
ATOM   923  C  C   . PRO A 1 129 ? -25.825 -9.408  -23.715 1.00 39.85  ? 129  PRO A C   1 
ATOM   924  O  O   . PRO A 1 129 ? -27.034 -9.631  -23.817 1.00 40.15  ? 129  PRO A O   1 
ATOM   925  C  CB  . PRO A 1 129 ? -25.582 -7.425  -22.188 1.00 38.53  ? 129  PRO A CB  1 
ATOM   926  C  CG  . PRO A 1 129 ? -26.142 -6.047  -22.399 1.00 43.01  ? 129  PRO A CG  1 
ATOM   927  C  CD  . PRO A 1 129 ? -26.842 -6.103  -23.714 1.00 38.17  ? 129  PRO A CD  1 
ATOM   928  N  N   . ARG A 1 130 ? -24.908 -10.370 -23.701 1.00 34.60  ? 130  ARG A N   1 
ATOM   929  C  CA  . ARG A 1 130 ? -25.283 -11.776 -23.741 1.00 33.89  ? 130  ARG A CA  1 
ATOM   930  C  C   . ARG A 1 130 ? -25.998 -12.128 -22.432 1.00 35.43  ? 130  ARG A C   1 
ATOM   931  O  O   . ARG A 1 130 ? -25.797 -11.474 -21.404 1.00 34.02  ? 130  ARG A O   1 
ATOM   932  C  CB  . ARG A 1 130 ? -24.044 -12.658 -23.925 1.00 35.46  ? 130  ARG A CB  1 
ATOM   933  C  CG  . ARG A 1 130 ? -23.809 -13.106 -25.361 1.00 50.87  ? 130  ARG A CG  1 
ATOM   934  C  CD  . ARG A 1 130 ? -22.677 -14.125 -25.450 1.00 66.17  ? 130  ARG A CD  1 
ATOM   935  N  NE  . ARG A 1 130 ? -23.077 -15.452 -24.981 1.00 78.13  ? 130  ARG A NE  1 
ATOM   936  C  CZ  . ARG A 1 130 ? -24.134 -16.120 -25.434 1.00 93.11  ? 130  ARG A CZ  1 
ATOM   937  N  NH1 . ARG A 1 130 ? -24.910 -15.587 -26.367 1.00 80.31  ? 130  ARG A NH1 1 
ATOM   938  N  NH2 . ARG A 1 130 ? -24.417 -17.323 -24.952 1.00 81.17  ? 130  ARG A NH2 1 
ATOM   939  N  N   . HIS A 1 131 ? -26.858 -13.138 -22.479 1.00 30.90  ? 131  HIS A N   1 
ATOM   940  C  CA  . HIS A 1 131 ? -27.618 -13.541 -21.292 1.00 30.16  ? 131  HIS A CA  1 
ATOM   941  C  C   . HIS A 1 131 ? -26.729 -13.845 -20.070 1.00 33.95  ? 131  HIS A C   1 
ATOM   942  O  O   . HIS A 1 131 ? -25.674 -14.462 -20.198 1.00 31.72  ? 131  HIS A O   1 
ATOM   943  C  CB  . HIS A 1 131 ? -28.544 -14.744 -21.618 1.00 30.06  ? 131  HIS A CB  1 
ATOM   944  C  CG  . HIS A 1 131 ? -27.822 -15.935 -22.167 1.00 32.99  ? 131  HIS A CG  1 
ATOM   945  N  ND1 . HIS A 1 131 ? -28.430 -16.865 -22.981 1.00 34.78  ? 131  HIS A ND1 1 
ATOM   946  C  CD2 . HIS A 1 131 ? -26.547 -16.358 -22.001 1.00 34.18  ? 131  HIS A CD2 1 
ATOM   947  C  CE1 . HIS A 1 131 ? -27.556 -17.802 -23.304 1.00 34.19  ? 131  HIS A CE1 1 
ATOM   948  N  NE2 . HIS A 1 131 ? -26.407 -17.520 -22.719 1.00 34.12  ? 131  HIS A NE2 1 
ATOM   949  N  N   . GLY A 1 132 ? -27.160 -13.386 -18.892 1.00 33.46  ? 132  GLY A N   1 
ATOM   950  C  CA  . GLY A 1 132 ? -26.452 -13.671 -17.634 1.00 33.69  ? 132  GLY A CA  1 
ATOM   951  C  C   . GLY A 1 132 ? -25.310 -12.708 -17.252 1.00 39.93  ? 132  GLY A C   1 
ATOM   952  O  O   . GLY A 1 132 ? -24.745 -12.808 -16.157 1.00 37.57  ? 132  GLY A O   1 
ATOM   953  N  N   . ILE A 1 133 ? -24.961 -11.799 -18.158 1.00 38.88  ? 133  ILE A N   1 
ATOM   954  C  CA  . ILE A 1 133 ? -23.890 -10.833 -17.904 1.00 38.98  ? 133  ILE A CA  1 
ATOM   955  C  C   . ILE A 1 133 ? -24.405 -9.420  -18.118 1.00 41.71  ? 133  ILE A C   1 
ATOM   956  O  O   . ILE A 1 133 ? -24.901 -9.095  -19.199 1.00 40.84  ? 133  ILE A O   1 
ATOM   957  C  CB  . ILE A 1 133 ? -22.686 -11.072 -18.843 1.00 42.82  ? 133  ILE A CB  1 
ATOM   958  C  CG1 . ILE A 1 133 ? -22.303 -12.560 -18.851 1.00 43.94  ? 133  ILE A CG1 1 
ATOM   959  C  CG2 . ILE A 1 133 ? -21.502 -10.208 -18.426 1.00 43.99  ? 133  ILE A CG2 1 
ATOM   960  C  CD1 . ILE A 1 133 ? -20.928 -12.842 -19.432 1.00 52.49  ? 133  ILE A CD1 1 
ATOM   961  N  N   . PRO A 1 134 ? -24.310 -8.583  -17.086 1.00 37.78  ? 134  PRO A N   1 
ATOM   962  C  CA  . PRO A 1 134 ? -24.784 -7.205  -17.193 1.00 36.73  ? 134  PRO A CA  1 
ATOM   963  C  C   . PRO A 1 134 ? -23.877 -6.383  -18.108 1.00 38.45  ? 134  PRO A C   1 
ATOM   964  O  O   . PRO A 1 134 ? -22.732 -6.762  -18.366 1.00 36.82  ? 134  PRO A O   1 
ATOM   965  C  CB  . PRO A 1 134 ? -24.673 -6.676  -15.748 1.00 38.49  ? 134  PRO A CB  1 
ATOM   966  C  CG  . PRO A 1 134 ? -24.291 -7.873  -14.894 1.00 42.95  ? 134  PRO A CG  1 
ATOM   967  C  CD  . PRO A 1 134 ? -23.619 -8.826  -15.810 1.00 38.20  ? 134  PRO A CD  1 
ATOM   968  N  N   . ASN A 1 135 ? -24.394 -5.251  -18.586 1.00 34.32  ? 135  ASN A N   1 
ATOM   969  C  CA  . ASN A 1 135 ? -23.604 -4.324  -19.383 1.00 33.81  ? 135  ASN A CA  1 
ATOM   970  C  C   . ASN A 1 135 ? -22.794 -3.544  -18.347 1.00 36.98  ? 135  ASN A C   1 
ATOM   971  O  O   . ASN A 1 135 ? -23.077 -3.630  -17.154 1.00 36.22  ? 135  ASN A O   1 
ATOM   972  C  CB  . ASN A 1 135 ? -24.532 -3.362  -20.145 1.00 35.57  ? 135  ASN A CB  1 
ATOM   973  C  CG  . ASN A 1 135 ? -23.839 -2.657  -21.301 1.00 54.56  ? 135  ASN A CG  1 
ATOM   974  O  OD1 . ASN A 1 135 ? -22.627 -2.756  -21.468 1.00 44.31  ? 135  ASN A OD1 1 
ATOM   975  N  ND2 . ASN A 1 135 ? -24.619 -1.950  -22.113 1.00 51.12  ? 135  ASN A ND2 1 
ATOM   976  N  N   . ASN A 1 136 ? -21.790 -2.801  -18.791 1.00 33.03  ? 136  ASN A N   1 
ATOM   977  C  CA  . ASN A 1 136 ? -21.008 -1.963  -17.880 1.00 33.13  ? 136  ASN A CA  1 
ATOM   978  C  C   . ASN A 1 136 ? -20.218 -2.687  -16.773 1.00 37.40  ? 136  ASN A C   1 
ATOM   979  O  O   . ASN A 1 136 ? -20.097 -2.184  -15.653 1.00 37.70  ? 136  ASN A O   1 
ATOM   980  C  CB  . ASN A 1 136 ? -21.887 -0.870  -17.272 1.00 36.23  ? 136  ASN A CB  1 
ATOM   981  C  CG  . ASN A 1 136 ? -21.087 0.346   -16.846 1.00 59.20  ? 136  ASN A CG  1 
ATOM   982  O  OD1 . ASN A 1 136 ? -19.933 0.507   -17.239 1.00 56.51  ? 136  ASN A OD1 1 
ATOM   983  N  ND2 . ASN A 1 136 ? -21.694 1.203   -16.033 1.00 46.55  ? 136  ASN A ND2 1 
ATOM   984  N  N   . GLN A 1 137 ? -19.630 -3.829  -17.111 1.00 32.72  ? 137  GLN A N   1 
ATOM   985  C  CA  . GLN A 1 137 ? -18.767 -4.558  -16.192 1.00 32.03  ? 137  GLN A CA  1 
ATOM   986  C  C   . GLN A 1 137 ? -17.476 -4.896  -16.933 1.00 34.82  ? 137  GLN A C   1 
ATOM   987  O  O   . GLN A 1 137 ? -17.393 -4.751  -18.155 1.00 32.64  ? 137  GLN A O   1 
ATOM   988  C  CB  . GLN A 1 137 ? -19.443 -5.855  -15.714 1.00 33.48  ? 137  GLN A CB  1 
ATOM   989  C  CG  . GLN A 1 137 ? -20.794 -5.655  -15.040 1.00 41.02  ? 137  GLN A CG  1 
ATOM   990  C  CD  . GLN A 1 137 ? -20.682 -4.944  -13.703 1.00 60.63  ? 137  GLN A CD  1 
ATOM   991  O  OE1 . GLN A 1 137 ? -21.485 -4.064  -13.385 1.00 56.44  ? 137  GLN A OE1 1 
ATOM   992  N  NE2 . GLN A 1 137 ? -19.677 -5.315  -12.916 1.00 49.55  ? 137  GLN A NE2 1 
ATOM   993  N  N   . LYS A 1 138 ? -16.473 -5.367  -16.203 1.00 31.97  ? 138  LYS A N   1 
ATOM   994  C  CA  . LYS A 1 138 ? -15.206 -5.742  -16.819 1.00 31.50  ? 138  LYS A CA  1 
ATOM   995  C  C   . LYS A 1 138 ? -15.359 -7.009  -17.654 1.00 36.52  ? 138  LYS A C   1 
ATOM   996  O  O   . LYS A 1 138 ? -14.603 -7.238  -18.599 1.00 36.17  ? 138  LYS A O   1 
ATOM   997  C  CB  . LYS A 1 138 ? -14.129 -5.953  -15.748 1.00 33.22  ? 138  LYS A CB  1 
ATOM   998  C  CG  . LYS A 1 138 ? -13.779 -4.693  -14.962 1.00 32.48  ? 138  LYS A CG  1 
ATOM   999  C  CD  . LYS A 1 138 ? -12.450 -4.847  -14.234 1.00 39.00  ? 138  LYS A CD  1 
ATOM   1000 C  CE  . LYS A 1 138 ? -12.218 -3.699  -13.269 1.00 49.99  ? 138  LYS A CE  1 
ATOM   1001 N  NZ  . LYS A 1 138 ? -10.852 -3.762  -12.668 1.00 62.45  ? 138  LYS A NZ  1 
ATOM   1002 N  N   . ASP A 1 139 ? -16.338 -7.836  -17.301 1.00 33.53  ? 139  ASP A N   1 
ATOM   1003 C  CA  . ASP A 1 139 ? -16.550 -9.091  -18.017 1.00 33.58  ? 139  ASP A CA  1 
ATOM   1004 C  C   . ASP A 1 139 ? -17.727 -9.054  -18.987 1.00 37.36  ? 139  ASP A C   1 
ATOM   1005 O  O   . ASP A 1 139 ? -18.125 -10.087 -19.525 1.00 37.32  ? 139  ASP A O   1 
ATOM   1006 C  CB  . ASP A 1 139 ? -16.701 -10.257 -17.036 1.00 35.27  ? 139  ASP A CB  1 
ATOM   1007 C  CG  . ASP A 1 139 ? -17.908 -10.107 -16.134 1.00 44.23  ? 139  ASP A CG  1 
ATOM   1008 O  OD1 . ASP A 1 139 ? -18.176 -8.972  -15.679 1.00 42.39  ? 139  ASP A OD1 1 
ATOM   1009 O  OD2 . ASP A 1 139 ? -18.592 -11.125 -15.885 1.00 52.40  ? 139  ASP A OD2 1 
ATOM   1010 N  N   . THR A 1 140 ? -18.270 -7.864  -19.218 1.00 33.44  ? 140  THR A N   1 
ATOM   1011 C  CA  . THR A 1 140 ? -19.376 -7.710  -20.154 1.00 33.05  ? 140  THR A CA  1 
ATOM   1012 C  C   . THR A 1 140 ? -18.992 -8.258  -21.525 1.00 37.68  ? 140  THR A C   1 
ATOM   1013 O  O   . THR A 1 140 ? -17.883 -8.036  -22.010 1.00 37.35  ? 140  THR A O   1 
ATOM   1014 C  CB  . THR A 1 140 ? -19.790 -6.232  -20.306 1.00 35.14  ? 140  THR A CB  1 
ATOM   1015 O  OG1 . THR A 1 140 ? -20.224 -5.721  -19.042 1.00 31.42  ? 140  THR A OG1 1 
ATOM   1016 C  CG2 . THR A 1 140 ? -20.927 -6.091  -21.321 1.00 34.00  ? 140  THR A CG2 1 
ATOM   1017 N  N   . VAL A 1 141 ? -19.920 -8.982  -22.136 1.00 35.21  ? 141  VAL A N   1 
ATOM   1018 C  CA  . VAL A 1 141 ? -19.736 -9.527  -23.475 1.00 35.30  ? 141  VAL A CA  1 
ATOM   1019 C  C   . VAL A 1 141 ? -21.068 -9.332  -24.186 1.00 38.84  ? 141  VAL A C   1 
ATOM   1020 O  O   . VAL A 1 141 ? -22.119 -9.653  -23.629 1.00 36.83  ? 141  VAL A O   1 
ATOM   1021 C  CB  . VAL A 1 141 ? -19.415 -11.039 -23.436 1.00 39.86  ? 141  VAL A CB  1 
ATOM   1022 C  CG1 . VAL A 1 141 ? -19.334 -11.608 -24.853 1.00 39.78  ? 141  VAL A CG1 1 
ATOM   1023 C  CG2 . VAL A 1 141 ? -18.124 -11.298 -22.669 1.00 39.59  ? 141  VAL A CG2 1 
ATOM   1024 N  N   . CYS A 1 142 ? -21.036 -8.743  -25.379 1.00 36.49  ? 142  CYS A N   1 
ATOM   1025 C  CA  . CYS A 1 142 ? -22.266 -8.467  -26.102 1.00 37.11  ? 142  CYS A CA  1 
ATOM   1026 C  C   . CYS A 1 142 ? -22.350 -9.162  -27.459 1.00 41.89  ? 142  CYS A C   1 
ATOM   1027 O  O   . CYS A 1 142 ? -21.439 -9.884  -27.865 1.00 41.53  ? 142  CYS A O   1 
ATOM   1028 C  CB  . CYS A 1 142 ? -22.508 -6.957  -26.225 1.00 37.56  ? 142  CYS A CB  1 
ATOM   1029 S  SG  . CYS A 1 142 ? -22.047 -6.008  -24.729 1.00 41.28  ? 142  CYS A SG  1 
ATOM   1030 N  N   . GLU A 1 143 ? -23.473 -8.972  -28.138 1.00 39.33  ? 143  GLU A N   1 
ATOM   1031 C  CA  . GLU A 1 143 ? -23.703 -9.611  -29.429 1.00 42.34  ? 143  GLU A CA  1 
ATOM   1032 C  C   . GLU A 1 143 ? -24.815 -8.888  -30.180 1.00 42.62  ? 143  GLU A C   1 
ATOM   1033 O  O   . GLU A 1 143 ? -25.076 -9.265  -31.342 1.00 46.40  ? 143  GLU A O   1 
ATOM   1034 C  CB  . GLU A 1 143 ? -24.107 -11.070 -29.217 1.00 43.75  ? 143  GLU A CB  1 
ATOM   1035 C  CG  . GLU A 1 143 ? -25.499 -11.223 -28.620 1.00 51.05  ? 143  GLU A CG  1 
ATOM   1036 C  CD  . GLU A 1 143 ? -25.698 -12.559 -27.933 1.00 67.39  ? 143  GLU A CD  1 
ATOM   1037 O  OE1 . GLU A 1 143 ? -26.700 -12.703 -27.206 1.00 44.81  ? 143  GLU A OE1 1 
ATOM   1038 O  OE2 . GLU A 1 143 ? -24.863 -13.469 -28.137 1.00 62.35  ? 143  GLU A OE2 1 
ATOM   1039 O  OXT . GLU A 1 143 ? -25.458 -8.002  -29.578 1.00 47.94  ? 143  GLU A OXT 1 
HETATM 1040 BA BA  . BA  B 2 .   ? -9.422  4.749   -14.251 0.30 20.06  ? 155  BA  A BA  1 
HETATM 1041 BA BA  . BA  C 2 .   ? 6.341   -0.960  11.429  0.30 20.95  ? 156  BA  A BA  1 
HETATM 1042 CA CA  . CA  D 3 .   ? -8.930  3.853   -14.387 0.70 17.70  ? 157  CA  A CA  1 
HETATM 1043 CA CA  . CA  E 3 .   ? 5.825   -0.603  11.967  0.70 14.16  ? 158  CA  A CA  1 
HETATM 1044 AS AS  . CAC F 4 .   ? -6.427  6.349   1.794   0.60 38.77  ? 1148 CAC A AS  1 
HETATM 1045 O  O1  . CAC F 4 .   ? -7.440  7.005   2.833   0.60 42.16  ? 1148 CAC A O1  1 
HETATM 1046 O  O2  . CAC F 4 .   ? -6.813  4.553   1.627   0.60 34.94  ? 1148 CAC A O2  1 
HETATM 1047 C  C1  . CAC F 4 .   ? -6.618  7.245   0.028   0.60 37.59  ? 1148 CAC A C1  1 
HETATM 1048 C  C2  . CAC F 4 .   ? -4.568  6.585   2.468   0.60 38.18  ? 1148 CAC A C2  1 
HETATM 1049 O  O   . HOH G 5 .   ? 29.162  1.390   30.166  1.00 54.99  ? 2001 HOH A O   1 
HETATM 1050 O  O   . HOH G 5 .   ? 26.501  -7.287  21.627  1.00 55.13  ? 2002 HOH A O   1 
HETATM 1051 O  O   . HOH G 5 .   ? 29.884  -6.883  24.102  1.00 62.20  ? 2003 HOH A O   1 
HETATM 1052 O  O   . HOH G 5 .   ? 32.419  -2.004  23.974  1.00 53.57  ? 2004 HOH A O   1 
HETATM 1053 O  O   . HOH G 5 .   ? 23.659  -6.100  22.733  1.00 50.00  ? 2005 HOH A O   1 
HETATM 1054 O  O   . HOH G 5 .   ? 12.497  -10.225 23.039  1.00 40.41  ? 2006 HOH A O   1 
HETATM 1055 O  O   . HOH G 5 .   ? 27.351  -12.202 22.845  1.00 40.76  ? 2007 HOH A O   1 
HETATM 1056 O  O   . HOH G 5 .   ? 18.906  -12.022 26.013  1.00 34.39  ? 2008 HOH A O   1 
HETATM 1057 O  O   . HOH G 5 .   ? 22.975  -5.278  34.407  1.00 34.00  ? 2009 HOH A O   1 
HETATM 1058 O  O   . HOH G 5 .   ? 20.353  -1.732  35.600  1.00 39.78  ? 2010 HOH A O   1 
HETATM 1059 O  O   . HOH G 5 .   ? 19.750  -7.156  20.444  1.00 46.85  ? 2011 HOH A O   1 
HETATM 1060 O  O   . HOH G 5 .   ? 12.171  -7.683  21.748  1.00 21.56  ? 2012 HOH A O   1 
HETATM 1061 O  O   . HOH G 5 .   ? 10.569  -8.929  19.804  1.00 38.07  ? 2013 HOH A O   1 
HETATM 1062 O  O   . HOH G 5 .   ? 14.591  -11.092 22.634  1.00 28.59  ? 2014 HOH A O   1 
HETATM 1063 O  O   . HOH G 5 .   ? 17.861  -7.269  17.125  1.00 42.29  ? 2015 HOH A O   1 
HETATM 1064 O  O   . HOH G 5 .   ? 15.427  -4.379  14.580  1.00 43.25  ? 2016 HOH A O   1 
HETATM 1065 O  O   . HOH G 5 .   ? 13.105  3.504   22.924  1.00 55.30  ? 2017 HOH A O   1 
HETATM 1066 O  O   . HOH G 5 .   ? 20.621  3.539   20.642  1.00 46.16  ? 2018 HOH A O   1 
HETATM 1067 O  O   . HOH G 5 .   ? 23.486  -4.122  20.864  1.00 31.37  ? 2019 HOH A O   1 
HETATM 1068 O  O   . HOH G 5 .   ? 27.678  -5.474  29.867  1.00 42.45  ? 2020 HOH A O   1 
HETATM 1069 O  O   . HOH G 5 .   ? 20.715  -3.738  33.590  1.00 22.75  ? 2021 HOH A O   1 
HETATM 1070 O  O   . HOH G 5 .   ? 21.591  6.909   26.579  1.00 59.53  ? 2022 HOH A O   1 
HETATM 1071 O  O   . HOH G 5 .   ? 19.271  -5.028  16.800  1.00 41.91  ? 2023 HOH A O   1 
HETATM 1072 O  O   . HOH G 5 .   ? 8.463   -10.883 16.026  1.00 51.92  ? 2024 HOH A O   1 
HETATM 1073 O  O   . HOH G 5 .   ? 10.734  4.748   16.914  1.00 54.23  ? 2025 HOH A O   1 
HETATM 1074 O  O   . HOH G 5 .   ? 5.248   -1.007  24.267  1.00 42.18  ? 2026 HOH A O   1 
HETATM 1075 O  O   . HOH G 5 .   ? 13.539  1.242   24.574  1.00 23.20  ? 2027 HOH A O   1 
HETATM 1076 O  O   . HOH G 5 .   ? 10.274  2.870   23.668  1.00 37.70  ? 2028 HOH A O   1 
HETATM 1077 O  O   . HOH G 5 .   ? 1.407   1.024   -7.585  1.00 38.11  ? 2029 HOH A O   1 
HETATM 1078 O  O   . HOH G 5 .   ? 7.213   -3.411  26.476  1.00 37.15  ? 2030 HOH A O   1 
HETATM 1079 O  O   . HOH G 5 .   ? 10.243  4.695   31.409  1.00 32.88  ? 2031 HOH A O   1 
HETATM 1080 O  O   . HOH G 5 .   ? 18.272  -5.419  36.041  1.00 36.11  ? 2032 HOH A O   1 
HETATM 1081 O  O   . HOH G 5 .   ? 12.055  -6.806  33.337  1.00 35.74  ? 2033 HOH A O   1 
HETATM 1082 O  O   . HOH G 5 .   ? 16.352  -11.067 25.345  1.00 31.98  ? 2034 HOH A O   1 
HETATM 1083 O  O   . HOH G 5 .   ? 12.564  -10.274 25.618  1.00 29.14  ? 2035 HOH A O   1 
HETATM 1084 O  O   . HOH G 5 .   ? -3.034  7.621   -20.102 1.00 49.68  ? 2036 HOH A O   1 
HETATM 1085 O  O   . HOH G 5 .   ? 10.122  -1.992  29.022  1.00 30.17  ? 2037 HOH A O   1 
HETATM 1086 O  O   . HOH G 5 .   ? 9.144   -4.690  27.739  1.00 34.14  ? 2038 HOH A O   1 
HETATM 1087 O  O   . HOH G 5 .   ? 10.298  -7.155  17.999  1.00 33.19  ? 2039 HOH A O   1 
HETATM 1088 O  O   . HOH G 5 .   ? 6.348   -3.346  24.122  1.00 49.99  ? 2040 HOH A O   1 
HETATM 1089 O  O   . HOH G 5 .   ? 5.764   -7.746  18.487  1.00 58.85  ? 2041 HOH A O   1 
HETATM 1090 O  O   . HOH G 5 .   ? 2.448   -3.699  14.807  1.00 31.51  ? 2042 HOH A O   1 
HETATM 1091 O  O   . HOH G 5 .   ? 7.420   -6.774  16.933  1.00 42.42  ? 2043 HOH A O   1 
HETATM 1092 O  O   . HOH G 5 .   ? 4.163   -1.030  19.893  1.00 55.98  ? 2044 HOH A O   1 
HETATM 1093 O  O   . HOH G 5 .   ? 3.502   -4.785  17.641  1.00 54.21  ? 2045 HOH A O   1 
HETATM 1094 O  O   . HOH G 5 .   ? 0.319   3.619   15.987  1.00 40.19  ? 2046 HOH A O   1 
HETATM 1095 O  O   . HOH G 5 .   ? 1.465   0.671   17.392  1.00 41.94  ? 2047 HOH A O   1 
HETATM 1096 O  O   . HOH G 5 .   ? 7.677   0.555   12.867  1.00 22.65  ? 2048 HOH A O   1 
HETATM 1097 O  O   . HOH G 5 .   ? -2.754  7.334   5.021   1.00 46.36  ? 2049 HOH A O   1 
HETATM 1098 O  O   . HOH G 5 .   ? -13.801 -9.457  -14.658 1.00 49.40  ? 2050 HOH A O   1 
HETATM 1099 O  O   . HOH G 5 .   ? -2.598  -1.356  -1.509  1.00 24.96  ? 2051 HOH A O   1 
HETATM 1100 O  O   . HOH G 5 .   ? -7.674  0.607   -1.442  1.00 40.28  ? 2052 HOH A O   1 
HETATM 1101 O  O   . HOH G 5 .   ? -4.355  2.349   4.185   1.00 27.54  ? 2053 HOH A O   1 
HETATM 1102 O  O   . HOH G 5 .   ? -0.838  -1.815  7.706   1.00 36.91  ? 2054 HOH A O   1 
HETATM 1103 O  O   . HOH G 5 .   ? 0.173   -4.614  11.127  1.00 46.24  ? 2055 HOH A O   1 
HETATM 1104 O  O   . HOH G 5 .   ? 4.784   -6.398  6.231   1.00 45.29  ? 2056 HOH A O   1 
HETATM 1105 O  O   . HOH G 5 .   ? 10.723  -7.763  14.377  1.00 39.20  ? 2057 HOH A O   1 
HETATM 1106 O  O   . HOH G 5 .   ? 7.432   -6.940  7.860   1.00 38.72  ? 2058 HOH A O   1 
HETATM 1107 O  O   . HOH G 5 .   ? 8.977   -2.928  2.036   1.00 45.42  ? 2059 HOH A O   1 
HETATM 1108 O  O   . HOH G 5 .   ? 9.176   -1.002  4.386   1.00 47.21  ? 2060 HOH A O   1 
HETATM 1109 O  O   . HOH G 5 .   ? -1.638  -1.195  -3.965  1.00 20.55  ? 2061 HOH A O   1 
HETATM 1110 O  O   . HOH G 5 .   ? -8.593  0.865   -5.541  1.00 39.10  ? 2062 HOH A O   1 
HETATM 1111 O  O   . HOH G 5 .   ? -1.167  0.619   -7.590  1.00 29.83  ? 2063 HOH A O   1 
HETATM 1112 O  O   . HOH G 5 .   ? 9.831   -1.963  -0.339  1.00 48.21  ? 2064 HOH A O   1 
HETATM 1113 O  O   . HOH G 5 .   ? 2.799   2.875   -5.472  1.00 30.90  ? 2065 HOH A O   1 
HETATM 1114 O  O   . HOH G 5 .   ? 9.630   7.297   -2.189  1.00 43.02  ? 2066 HOH A O   1 
HETATM 1115 O  O   . HOH G 5 .   ? 10.890  1.416   4.582   1.00 56.05  ? 2067 HOH A O   1 
HETATM 1116 O  O   . HOH G 5 .   ? 9.379   4.674   1.070   1.00 47.15  ? 2068 HOH A O   1 
HETATM 1117 O  O   . HOH G 5 .   ? 9.520   14.022  2.775   1.00 48.32  ? 2069 HOH A O   1 
HETATM 1118 O  O   . HOH G 5 .   ? -0.489  14.223  -2.533  1.00 58.55  ? 2070 HOH A O   1 
HETATM 1119 O  O   . HOH G 5 .   ? 4.657   15.084  -4.671  1.00 54.46  ? 2071 HOH A O   1 
HETATM 1120 O  O   . HOH G 5 .   ? 11.940  9.142   3.678   1.00 56.69  ? 2072 HOH A O   1 
HETATM 1121 O  O   . HOH G 5 .   ? 4.236   8.511   -5.408  1.00 34.87  ? 2073 HOH A O   1 
HETATM 1122 O  O   . HOH G 5 .   ? -1.641  7.306   -14.593 1.00 43.07  ? 2074 HOH A O   1 
HETATM 1123 O  O   . HOH G 5 .   ? -5.689  11.028  -11.103 1.00 36.21  ? 2075 HOH A O   1 
HETATM 1124 O  O   . HOH G 5 .   ? -9.859  7.045   -21.783 1.00 41.55  ? 2076 HOH A O   1 
HETATM 1125 O  O   . HOH G 5 .   ? -2.805  5.892   -17.887 1.00 52.59  ? 2077 HOH A O   1 
HETATM 1126 O  O   . HOH G 5 .   ? -8.157  2.755   -12.624 1.00 27.01  ? 2078 HOH A O   1 
HETATM 1127 O  O   . HOH G 5 .   ? -8.571  -1.447  -12.948 1.00 45.75  ? 2079 HOH A O   1 
HETATM 1128 O  O   . HOH G 5 .   ? -4.980  -0.560  -13.568 1.00 44.41  ? 2080 HOH A O   1 
HETATM 1129 O  O   . HOH G 5 .   ? -7.934  0.325   -25.519 1.00 46.99  ? 2081 HOH A O   1 
HETATM 1130 O  O   . HOH G 5 .   ? -3.985  -6.040  -22.325 1.00 67.28  ? 2082 HOH A O   1 
HETATM 1131 O  O   . HOH G 5 .   ? -7.479  -5.037  -24.596 1.00 55.11  ? 2083 HOH A O   1 
HETATM 1132 O  O   . HOH G 5 .   ? -12.297 -10.890 -27.698 1.00 52.00  ? 2084 HOH A O   1 
HETATM 1133 O  O   . HOH G 5 .   ? -19.987 -3.361  -27.527 1.00 47.42  ? 2085 HOH A O   1 
HETATM 1134 O  O   . HOH G 5 .   ? -12.116 3.632   -24.712 1.00 41.15  ? 2086 HOH A O   1 
HETATM 1135 O  O   . HOH G 5 .   ? -12.896 6.184   -21.318 1.00 48.60  ? 2087 HOH A O   1 
HETATM 1136 O  O   . HOH G 5 .   ? -16.168 -1.989  -13.342 1.00 43.79  ? 2088 HOH A O   1 
HETATM 1137 O  O   . HOH G 5 .   ? -23.494 -1.194  -32.182 1.00 42.05  ? 2089 HOH A O   1 
HETATM 1138 O  O   . HOH G 5 .   ? -27.188 3.494   -31.462 1.00 56.02  ? 2090 HOH A O   1 
HETATM 1139 O  O   . HOH G 5 .   ? -29.387 -1.958  -28.354 1.00 56.61  ? 2091 HOH A O   1 
HETATM 1140 O  O   . HOH G 5 .   ? -28.332 -6.664  -31.641 1.00 56.75  ? 2092 HOH A O   1 
HETATM 1141 O  O   . HOH G 5 .   ? -22.999 -4.992  -36.754 1.00 53.34  ? 2093 HOH A O   1 
HETATM 1142 O  O   . HOH G 5 .   ? -22.386 -13.834 -15.248 1.00 25.30  ? 2094 HOH A O   1 
HETATM 1143 O  O   . HOH G 5 .   ? -28.029 -8.865  -19.437 1.00 50.53  ? 2095 HOH A O   1 
HETATM 1144 O  O   . HOH G 5 .   ? -19.244 -0.757  -13.850 1.00 47.59  ? 2096 HOH A O   1 
HETATM 1145 O  O   . HOH G 5 .   ? -16.899 -5.067  -13.382 1.00 39.15  ? 2097 HOH A O   1 
HETATM 1146 O  O   . HOH G 5 .   ? -12.039 -6.755  -18.731 1.00 43.79  ? 2098 HOH A O   1 
HETATM 1147 O  O   . HOH G 5 .   ? -16.155 -8.416  -13.228 1.00 55.81  ? 2099 HOH A O   1 
HETATM 1148 O  O   . HOH G 5 .   ? -15.505 -7.748  -21.346 1.00 31.95  ? 2100 HOH A O   1 
HETATM 1149 O  O   . HOH G 5 .   ? -27.992 -11.040 -26.282 1.00 41.14  ? 2101 HOH A O   1 
HETATM 1150 O  O   . HOH G 5 .   ? -27.141 -14.315 -25.013 1.00 32.13  ? 2102 HOH A O   1 
HETATM 1151 O  O   . HOH G 5 .   ? -6.549  2.365   2.779   1.00 53.96  ? 2103 HOH A O   1 
HETATM 1152 O  O   . HOH G 5 .   ? -5.977  9.285   2.963   1.00 55.77  ? 2104 HOH A O   1 
# 
